data_5XB8
#
_entry.id   5XB8
#
_cell.length_a   100.970
_cell.length_b   100.970
_cell.length_c   423.580
_cell.angle_alpha   90.00
_cell.angle_beta   90.00
_cell.angle_gamma   90.00
#
_symmetry.space_group_name_H-M   'P 41 21 2'
#
loop_
_entity.id
_entity.type
_entity.pdbx_description
1 polymer 'Thermophilic dibenzothiophene desulfurization enzyme C'
2 non-polymer 'SULFATE ION'
3 water water
#
_entity_poly.entity_id   1
_entity_poly.type   'polypeptide(L)'
_entity_poly.pdbx_seq_one_letter_code
;MRTIHANSSAVREDHRALDVATELAKTFRVTVRERERAGGTPKAERDAIRRSGLLTLLISKERGGLGESWPTVYEAIAEI
ASADASLGHLFGYHFSNFAYVDLFASPEQKARWYPQAVRERWFLGNASSENNAHVLDWRVTATPLPDGSYEINGTKAFCS
GSADADRLLVFAVTSRDPNGDGRIVAALIPSDRAGVQVNGDWDSLGMRQTDSGSVTFSGVVVYPDELLGTPGQVTDAFAS
GSKPSLWTPITQLIFTHLYLGIARGALEEAAHYSRSHSRPFTLAGVEKATEDPYVLAIYGEFAAQLQVAEAGAREVALRV
QELWERNHVTPEQRGQLMVQVASAKIVATRLVIELTSRLYEAMGARAAASRQFGFDRFWRDARTHTLHDPVAYKIREVGN
WFLNHRFPTPSFYS
;
_entity_poly.pdbx_strand_id   A,B,C,D
#
# COMPACT_ATOMS: atom_id res chain seq x y z
N ASP A 14 -31.73 -18.78 14.07
CA ASP A 14 -30.63 -18.83 13.10
C ASP A 14 -29.60 -19.88 13.49
N HIS A 15 -29.54 -20.19 14.78
CA HIS A 15 -28.46 -21.04 15.30
C HIS A 15 -28.42 -22.40 14.61
N ARG A 16 -29.59 -23.01 14.40
CA ARG A 16 -29.61 -24.36 13.83
C ARG A 16 -29.09 -24.37 12.39
N ALA A 17 -29.52 -23.40 11.58
CA ALA A 17 -29.10 -23.38 10.18
C ALA A 17 -27.60 -23.12 10.06
N LEU A 18 -27.06 -22.25 10.91
CA LEU A 18 -25.63 -21.96 10.82
C LEU A 18 -24.81 -23.17 11.26
N ASP A 19 -25.30 -23.92 12.24
CA ASP A 19 -24.66 -25.19 12.60
C ASP A 19 -24.64 -26.14 11.42
N VAL A 20 -25.76 -26.26 10.71
CA VAL A 20 -25.81 -27.12 9.53
C VAL A 20 -24.77 -26.67 8.51
N ALA A 21 -24.65 -25.35 8.31
CA ALA A 21 -23.70 -24.85 7.33
C ALA A 21 -22.26 -25.09 7.78
N THR A 22 -21.99 -24.91 9.07
CA THR A 22 -20.66 -25.18 9.61
C THR A 22 -20.27 -26.64 9.41
N GLU A 23 -21.20 -27.57 9.67
CA GLU A 23 -20.90 -28.98 9.46
C GLU A 23 -20.70 -29.30 7.98
N LEU A 24 -21.52 -28.73 7.10
CA LEU A 24 -21.27 -28.88 5.67
C LEU A 24 -19.86 -28.44 5.30
N ALA A 25 -19.50 -27.22 5.74
CA ALA A 25 -18.18 -26.68 5.41
C ALA A 25 -17.08 -27.61 5.89
N LYS A 26 -17.19 -28.11 7.11
CA LYS A 26 -16.20 -29.03 7.64
C LYS A 26 -16.02 -30.24 6.70
N THR A 27 -17.12 -30.84 6.24
CA THR A 27 -16.98 -31.97 5.33
C THR A 27 -16.34 -31.55 4.02
N PHE A 28 -16.66 -30.36 3.52
CA PHE A 28 -16.09 -29.94 2.25
C PHE A 28 -14.58 -29.74 2.36
N ARG A 29 -14.08 -29.29 3.51
CA ARG A 29 -12.65 -29.06 3.64
C ARG A 29 -11.85 -30.34 3.42
N VAL A 30 -12.45 -31.50 3.72
CA VAL A 30 -11.71 -32.77 3.67
C VAL A 30 -11.28 -33.08 2.25
N THR A 31 -12.12 -32.79 1.26
CA THR A 31 -11.94 -33.24 -0.09
C THR A 31 -11.67 -32.12 -1.09
N VAL A 32 -11.69 -30.85 -0.66
CA VAL A 32 -11.64 -29.75 -1.63
C VAL A 32 -10.34 -29.80 -2.45
N ARG A 33 -9.21 -30.15 -1.83
CA ARG A 33 -7.95 -30.15 -2.60
C ARG A 33 -8.06 -31.02 -3.85
N GLU A 34 -8.51 -32.27 -3.70
CA GLU A 34 -8.61 -33.16 -4.84
C GLU A 34 -9.70 -32.73 -5.81
N ARG A 35 -10.87 -32.36 -5.28
CA ARG A 35 -11.98 -32.03 -6.16
C ARG A 35 -11.66 -30.83 -7.02
N GLU A 36 -11.14 -29.75 -6.43
CA GLU A 36 -10.99 -28.55 -7.23
C GLU A 36 -9.90 -28.73 -8.29
N ARG A 37 -8.89 -29.54 -8.01
CA ARG A 37 -7.91 -29.87 -9.05
C ARG A 37 -8.60 -30.56 -10.23
N ALA A 38 -9.51 -31.49 -9.94
CA ALA A 38 -10.25 -32.16 -11.03
C ALA A 38 -11.17 -31.20 -11.77
N GLY A 39 -11.66 -30.15 -11.11
CA GLY A 39 -12.63 -29.32 -11.79
C GLY A 39 -13.94 -30.08 -11.96
N GLY A 40 -14.71 -29.71 -12.97
CA GLY A 40 -15.95 -30.39 -13.20
C GLY A 40 -17.00 -30.05 -12.15
N THR A 41 -17.99 -30.94 -12.03
CA THR A 41 -19.17 -30.69 -11.21
C THR A 41 -19.06 -31.39 -9.87
N PRO A 42 -19.17 -30.69 -8.75
CA PRO A 42 -19.11 -31.35 -7.44
C PRO A 42 -20.46 -31.93 -7.06
N LYS A 43 -20.87 -32.95 -7.82
CA LYS A 43 -22.22 -33.50 -7.68
C LYS A 43 -22.51 -33.96 -6.25
N ALA A 44 -21.59 -34.73 -5.66
CA ALA A 44 -21.86 -35.26 -4.33
C ALA A 44 -22.09 -34.15 -3.31
N GLU A 45 -21.31 -33.07 -3.42
CA GLU A 45 -21.42 -31.97 -2.48
C GLU A 45 -22.69 -31.16 -2.74
N ARG A 46 -23.08 -31.04 -4.00
CA ARG A 46 -24.33 -30.36 -4.30
C ARG A 46 -25.51 -31.14 -3.72
N ASP A 47 -25.44 -32.47 -3.77
CA ASP A 47 -26.50 -33.28 -3.16
C ASP A 47 -26.45 -33.15 -1.65
N ALA A 48 -25.26 -33.06 -1.05
CA ALA A 48 -25.20 -32.84 0.38
C ALA A 48 -25.88 -31.52 0.75
N ILE A 49 -25.72 -30.50 -0.08
CA ILE A 49 -26.39 -29.22 0.17
C ILE A 49 -27.90 -29.39 0.05
N ARG A 50 -28.35 -30.14 -0.96
CA ARG A 50 -29.78 -30.46 -1.07
C ARG A 50 -30.28 -31.13 0.19
N ARG A 51 -29.55 -32.13 0.71
CA ARG A 51 -30.02 -32.85 1.89
C ARG A 51 -30.10 -31.95 3.11
N SER A 52 -29.28 -30.89 3.15
CA SER A 52 -29.19 -30.07 4.35
C SER A 52 -30.43 -29.21 4.57
N GLY A 53 -31.20 -28.98 3.52
CA GLY A 53 -32.35 -28.08 3.60
C GLY A 53 -32.01 -26.61 3.45
N LEU A 54 -30.72 -26.23 3.45
CA LEU A 54 -30.37 -24.81 3.46
C LEU A 54 -30.73 -24.08 2.16
N LEU A 55 -30.91 -24.80 1.05
CA LEU A 55 -31.34 -24.13 -0.17
C LEU A 55 -32.71 -23.47 -0.01
N THR A 56 -33.49 -23.89 1.00
CA THR A 56 -34.82 -23.37 1.29
C THR A 56 -34.82 -22.32 2.40
N LEU A 57 -33.67 -21.72 2.70
CA LEU A 57 -33.56 -20.83 3.85
C LEU A 57 -34.56 -19.68 3.80
N LEU A 58 -34.82 -19.15 2.62
CA LEU A 58 -35.66 -17.97 2.48
C LEU A 58 -37.09 -18.30 2.09
N ILE A 59 -37.40 -19.57 1.89
CA ILE A 59 -38.79 -19.97 1.64
C ILE A 59 -39.52 -20.01 2.98
N SER A 60 -40.73 -19.45 2.99
CA SER A 60 -41.49 -19.38 4.24
C SER A 60 -41.77 -20.78 4.76
N LYS A 61 -41.95 -20.86 6.08
CA LYS A 61 -42.33 -22.13 6.67
C LYS A 61 -43.64 -22.64 6.09
N GLU A 62 -44.58 -21.73 5.80
CA GLU A 62 -45.87 -22.15 5.26
C GLU A 62 -45.72 -22.82 3.90
N ARG A 63 -44.69 -22.45 3.13
CA ARG A 63 -44.45 -23.08 1.84
C ARG A 63 -43.45 -24.25 1.92
N GLY A 64 -43.08 -24.67 3.12
CA GLY A 64 -42.19 -25.78 3.32
C GLY A 64 -40.74 -25.43 3.61
N GLY A 65 -40.40 -24.15 3.65
CA GLY A 65 -39.03 -23.72 3.85
C GLY A 65 -38.65 -23.50 5.30
N LEU A 66 -37.48 -22.89 5.50
CA LEU A 66 -36.97 -22.66 6.84
C LEU A 66 -37.37 -21.31 7.41
N GLY A 67 -37.88 -20.39 6.59
CA GLY A 67 -38.36 -19.13 7.13
C GLY A 67 -37.29 -18.28 7.75
N GLU A 68 -36.06 -18.37 7.24
CA GLU A 68 -34.91 -17.68 7.78
C GLU A 68 -34.73 -16.34 7.08
N SER A 69 -33.65 -15.65 7.41
CA SER A 69 -33.43 -14.27 7.03
C SER A 69 -32.12 -14.11 6.26
N TRP A 70 -31.96 -12.97 5.58
CA TRP A 70 -30.74 -12.72 4.82
C TRP A 70 -29.49 -12.74 5.67
N PRO A 71 -29.46 -12.18 6.89
CA PRO A 71 -28.23 -12.28 7.69
C PRO A 71 -27.76 -13.71 7.88
N THR A 72 -28.71 -14.65 8.01
CA THR A 72 -28.36 -16.05 8.13
C THR A 72 -27.78 -16.59 6.83
N VAL A 73 -28.42 -16.27 5.71
CA VAL A 73 -27.92 -16.70 4.40
C VAL A 73 -26.50 -16.18 4.19
N TYR A 74 -26.25 -14.91 4.50
CA TYR A 74 -24.92 -14.34 4.25
C TYR A 74 -23.87 -15.01 5.12
N GLU A 75 -24.18 -15.24 6.39
CA GLU A 75 -23.21 -15.91 7.26
C GLU A 75 -22.93 -17.32 6.76
N ALA A 76 -23.97 -18.02 6.29
CA ALA A 76 -23.77 -19.37 5.78
C ALA A 76 -22.95 -19.37 4.50
N ILE A 77 -23.16 -18.37 3.63
CA ILE A 77 -22.36 -18.24 2.41
C ILE A 77 -20.88 -18.12 2.78
N ALA A 78 -20.57 -17.21 3.70
CA ALA A 78 -19.18 -16.98 4.07
C ALA A 78 -18.55 -18.22 4.70
N GLU A 79 -19.30 -18.90 5.58
CA GLU A 79 -18.79 -20.11 6.20
C GLU A 79 -18.47 -21.19 5.17
N ILE A 80 -19.38 -21.45 4.23
CA ILE A 80 -19.11 -22.47 3.22
C ILE A 80 -17.96 -22.03 2.31
N ALA A 81 -17.97 -20.76 1.87
CA ALA A 81 -16.88 -20.27 1.02
C ALA A 81 -15.53 -20.43 1.69
N SER A 82 -15.46 -20.31 3.01
CA SER A 82 -14.18 -20.41 3.71
C SER A 82 -13.59 -21.81 3.57
N ALA A 83 -14.44 -22.82 3.38
CA ALA A 83 -14.03 -24.21 3.21
C ALA A 83 -13.80 -24.57 1.75
N ASP A 84 -14.69 -24.12 0.86
CA ASP A 84 -14.65 -24.45 -0.55
C ASP A 84 -15.28 -23.29 -1.29
N ALA A 85 -14.46 -22.50 -1.99
CA ALA A 85 -14.97 -21.30 -2.62
C ALA A 85 -15.95 -21.61 -3.74
N SER A 86 -15.74 -22.72 -4.45
CA SER A 86 -16.67 -23.07 -5.52
C SER A 86 -18.05 -23.39 -4.95
N LEU A 87 -18.11 -24.18 -3.89
CA LEU A 87 -19.41 -24.49 -3.29
C LEU A 87 -20.00 -23.26 -2.61
N GLY A 88 -19.16 -22.40 -2.05
CA GLY A 88 -19.65 -21.15 -1.50
C GLY A 88 -20.28 -20.28 -2.58
N HIS A 89 -19.64 -20.21 -3.75
CA HIS A 89 -20.21 -19.46 -4.86
C HIS A 89 -21.51 -20.08 -5.36
N LEU A 90 -21.52 -21.41 -5.55
CA LEU A 90 -22.73 -22.03 -6.07
C LEU A 90 -23.90 -21.81 -5.13
N PHE A 91 -23.63 -21.98 -3.84
CA PHE A 91 -24.63 -21.77 -2.80
C PHE A 91 -25.07 -20.32 -2.78
N GLY A 92 -24.13 -19.39 -2.77
CA GLY A 92 -24.48 -17.98 -2.76
C GLY A 92 -25.25 -17.56 -4.00
N TYR A 93 -24.81 -18.00 -5.17
CA TYR A 93 -25.54 -17.55 -6.36
C TYR A 93 -26.91 -18.20 -6.47
N HIS A 94 -27.10 -19.39 -5.89
CA HIS A 94 -28.46 -19.93 -5.76
C HIS A 94 -29.37 -18.90 -5.10
N PHE A 95 -28.88 -18.20 -4.08
CA PHE A 95 -29.72 -17.21 -3.42
C PHE A 95 -29.85 -15.93 -4.24
N SER A 96 -28.84 -15.55 -5.02
CA SER A 96 -29.06 -14.46 -5.95
C SER A 96 -30.16 -14.83 -6.94
N ASN A 97 -30.11 -16.06 -7.47
CA ASN A 97 -31.15 -16.52 -8.38
C ASN A 97 -32.51 -16.55 -7.67
N PHE A 98 -32.53 -17.04 -6.44
CA PHE A 98 -33.78 -17.09 -5.70
C PHE A 98 -34.31 -15.69 -5.44
N ALA A 99 -33.42 -14.76 -5.09
CA ALA A 99 -33.88 -13.39 -4.87
C ALA A 99 -34.55 -12.83 -6.10
N TYR A 100 -33.93 -13.03 -7.29
CA TYR A 100 -34.53 -12.56 -8.52
C TYR A 100 -35.91 -13.17 -8.70
N VAL A 101 -36.01 -14.50 -8.54
CA VAL A 101 -37.30 -15.17 -8.67
C VAL A 101 -38.31 -14.55 -7.71
N ASP A 102 -37.93 -14.39 -6.45
CA ASP A 102 -38.87 -13.95 -5.44
C ASP A 102 -39.31 -12.52 -5.69
N LEU A 103 -38.44 -11.71 -6.28
CA LEU A 103 -38.76 -10.31 -6.54
C LEU A 103 -39.70 -10.13 -7.73
N PHE A 104 -39.79 -11.11 -8.62
CA PHE A 104 -40.62 -10.99 -9.80
C PHE A 104 -41.73 -12.04 -9.90
N ALA A 105 -41.68 -13.11 -9.12
CA ALA A 105 -42.66 -14.17 -9.28
C ALA A 105 -44.04 -13.72 -8.82
N SER A 106 -45.06 -14.23 -9.50
CA SER A 106 -46.45 -14.02 -9.11
C SER A 106 -46.81 -14.85 -7.89
N PRO A 107 -47.89 -14.48 -7.18
CA PRO A 107 -48.35 -15.36 -6.09
C PRO A 107 -48.60 -16.79 -6.56
N GLU A 108 -49.10 -16.94 -7.78
CA GLU A 108 -49.37 -18.25 -8.33
C GLU A 108 -48.08 -19.03 -8.54
N GLN A 109 -47.06 -18.35 -9.06
CA GLN A 109 -45.76 -18.97 -9.24
C GLN A 109 -45.14 -19.36 -7.92
N LYS A 110 -45.23 -18.51 -6.89
CA LYS A 110 -44.65 -18.87 -5.61
C LYS A 110 -45.38 -20.07 -5.00
N ALA A 111 -46.70 -20.11 -5.15
CA ALA A 111 -47.48 -21.21 -4.56
C ALA A 111 -47.17 -22.54 -5.23
N ARG A 112 -46.86 -22.52 -6.52
CA ARG A 112 -46.47 -23.70 -7.28
C ARG A 112 -44.99 -24.04 -7.05
N TRP A 113 -44.11 -23.05 -7.25
CA TRP A 113 -42.67 -23.31 -7.31
C TRP A 113 -42.05 -23.59 -5.96
N TYR A 114 -42.48 -22.88 -4.91
CA TYR A 114 -41.69 -22.94 -3.69
C TYR A 114 -41.88 -24.28 -2.99
N PRO A 115 -43.11 -24.82 -2.88
CA PRO A 115 -43.24 -26.20 -2.40
C PRO A 115 -42.48 -27.20 -3.27
N GLN A 116 -42.49 -26.98 -4.58
CA GLN A 116 -41.76 -27.88 -5.48
C GLN A 116 -40.26 -27.75 -5.24
N ALA A 117 -39.76 -26.53 -5.01
CA ALA A 117 -38.36 -26.35 -4.71
C ALA A 117 -37.97 -27.09 -3.43
N VAL A 118 -38.89 -27.19 -2.47
CA VAL A 118 -38.61 -27.89 -1.23
C VAL A 118 -38.56 -29.39 -1.48
N ARG A 119 -39.55 -29.90 -2.22
CA ARG A 119 -39.73 -31.34 -2.40
C ARG A 119 -38.69 -31.90 -3.36
N GLU A 120 -38.43 -31.18 -4.45
CA GLU A 120 -37.45 -31.61 -5.44
C GLU A 120 -36.04 -31.10 -5.10
N ARG A 121 -35.91 -30.32 -4.03
CA ARG A 121 -34.62 -29.80 -3.55
C ARG A 121 -33.89 -29.05 -4.65
N TRP A 122 -34.54 -28.02 -5.17
CA TRP A 122 -34.00 -27.26 -6.28
C TRP A 122 -32.72 -26.54 -5.88
N PHE A 123 -31.72 -26.64 -6.74
CA PHE A 123 -30.46 -25.92 -6.66
C PHE A 123 -30.43 -25.08 -7.93
N LEU A 124 -30.60 -23.77 -7.79
CA LEU A 124 -30.83 -22.92 -8.95
C LEU A 124 -29.52 -22.49 -9.60
N GLY A 125 -29.50 -22.55 -10.94
CA GLY A 125 -28.40 -22.07 -11.74
C GLY A 125 -28.82 -20.92 -12.62
N ASN A 126 -27.84 -20.36 -13.32
CA ASN A 126 -27.97 -19.03 -13.92
C ASN A 126 -27.46 -19.05 -15.36
N ALA A 127 -28.23 -18.49 -16.28
CA ALA A 127 -27.81 -18.25 -17.66
C ALA A 127 -28.24 -16.84 -18.05
N SER A 128 -27.54 -15.86 -17.45
CA SER A 128 -27.55 -14.42 -17.74
C SER A 128 -27.64 -13.61 -16.45
N LEU A 136 -29.37 -5.44 -25.83
CA LEU A 136 -29.15 -4.74 -27.09
C LEU A 136 -28.28 -5.58 -28.03
N ASP A 137 -27.03 -5.79 -27.64
CA ASP A 137 -26.12 -6.68 -28.35
C ASP A 137 -26.09 -8.07 -27.75
N TRP A 138 -27.08 -8.42 -26.93
CA TRP A 138 -27.08 -9.74 -26.29
C TRP A 138 -27.18 -10.83 -27.34
N ARG A 139 -26.50 -11.95 -27.08
CA ARG A 139 -26.49 -13.06 -28.01
C ARG A 139 -27.77 -13.90 -27.94
N VAL A 140 -28.50 -13.85 -26.84
CA VAL A 140 -29.63 -14.74 -26.61
C VAL A 140 -30.92 -13.96 -26.82
N THR A 141 -31.72 -14.38 -27.80
CA THR A 141 -32.93 -13.68 -28.16
C THR A 141 -34.18 -14.50 -27.82
N ALA A 142 -35.29 -13.80 -27.60
CA ALA A 142 -36.58 -14.41 -27.32
C ALA A 142 -37.55 -13.94 -28.39
N THR A 143 -38.04 -14.88 -29.20
CA THR A 143 -38.97 -14.51 -30.26
C THR A 143 -40.36 -14.99 -29.87
N PRO A 144 -41.40 -14.16 -30.02
CA PRO A 144 -42.72 -14.56 -29.55
C PRO A 144 -43.24 -15.78 -30.30
N LEU A 145 -43.94 -16.63 -29.58
CA LEU A 145 -44.66 -17.75 -30.17
C LEU A 145 -46.14 -17.58 -29.88
N PRO A 146 -47.01 -18.32 -30.55
CA PRO A 146 -48.44 -18.27 -30.22
C PRO A 146 -48.70 -18.60 -28.76
N ASP A 147 -49.81 -18.07 -28.25
CA ASP A 147 -50.34 -18.38 -26.93
C ASP A 147 -49.51 -17.79 -25.79
N GLY A 148 -48.61 -16.85 -26.08
CA GLY A 148 -47.85 -16.17 -25.05
C GLY A 148 -46.49 -16.76 -24.78
N SER A 149 -46.11 -17.82 -25.49
CA SER A 149 -44.81 -18.45 -25.33
C SER A 149 -43.73 -17.68 -26.08
N TYR A 150 -42.48 -17.96 -25.72
CA TYR A 150 -41.32 -17.38 -26.37
C TYR A 150 -40.35 -18.50 -26.71
N GLU A 151 -39.60 -18.30 -27.79
CA GLU A 151 -38.58 -19.22 -28.21
C GLU A 151 -37.21 -18.57 -28.00
N ILE A 152 -36.34 -19.28 -27.28
CA ILE A 152 -35.03 -18.76 -26.92
C ILE A 152 -33.97 -19.35 -27.85
N ASN A 153 -33.11 -18.48 -28.39
CA ASN A 153 -32.02 -18.90 -29.25
C ASN A 153 -30.75 -18.12 -28.93
N GLY A 154 -29.63 -18.82 -28.90
CA GLY A 154 -28.33 -18.20 -28.73
C GLY A 154 -27.53 -18.88 -27.65
N THR A 155 -26.27 -18.46 -27.56
CA THR A 155 -25.33 -19.00 -26.58
C THR A 155 -25.03 -17.93 -25.55
N LYS A 156 -25.25 -18.27 -24.27
CA LYS A 156 -24.89 -17.41 -23.16
C LYS A 156 -23.49 -17.79 -22.70
N ALA A 157 -22.57 -16.82 -22.72
CA ALA A 157 -21.16 -17.14 -22.66
C ALA A 157 -20.71 -17.59 -21.28
N PHE A 158 -21.27 -17.00 -20.23
CA PHE A 158 -20.87 -17.31 -18.86
C PHE A 158 -22.14 -17.55 -18.05
N CYS A 159 -22.27 -18.76 -17.50
CA CYS A 159 -23.51 -19.26 -16.89
C CYS A 159 -23.18 -19.95 -15.58
N SER A 160 -23.13 -19.16 -14.53
CA SER A 160 -22.76 -19.63 -13.21
C SER A 160 -23.62 -20.81 -12.75
N GLY A 161 -22.97 -21.87 -12.31
CA GLY A 161 -23.70 -22.99 -11.72
C GLY A 161 -24.69 -23.65 -12.66
N SER A 162 -24.34 -23.75 -13.94
CA SER A 162 -25.29 -24.20 -14.94
C SER A 162 -25.35 -25.73 -15.06
N ALA A 163 -24.52 -26.47 -14.32
CA ALA A 163 -24.57 -27.92 -14.34
C ALA A 163 -25.28 -28.45 -13.10
N ASP A 164 -26.01 -29.55 -13.27
CA ASP A 164 -26.77 -30.15 -12.16
C ASP A 164 -27.72 -29.13 -11.55
N ALA A 165 -28.18 -28.19 -12.36
CA ALA A 165 -29.13 -27.18 -11.92
C ALA A 165 -30.54 -27.68 -12.20
N ASP A 166 -31.40 -27.64 -11.18
CA ASP A 166 -32.75 -28.14 -11.37
C ASP A 166 -33.60 -27.17 -12.16
N ARG A 167 -33.35 -25.87 -11.99
CA ARG A 167 -33.94 -24.84 -12.83
C ARG A 167 -32.86 -23.84 -13.17
N LEU A 168 -32.96 -23.27 -14.36
CA LEU A 168 -32.06 -22.21 -14.82
C LEU A 168 -32.83 -20.90 -14.89
N LEU A 169 -32.25 -19.85 -14.32
CA LEU A 169 -32.75 -18.50 -14.48
C LEU A 169 -32.12 -17.95 -15.76
N VAL A 170 -32.95 -17.70 -16.75
CA VAL A 170 -32.52 -17.39 -18.11
C VAL A 170 -33.00 -15.99 -18.49
N PHE A 171 -32.14 -15.22 -19.16
CA PHE A 171 -32.47 -13.90 -19.66
C PHE A 171 -32.25 -13.87 -21.18
N ALA A 172 -33.15 -13.18 -21.87
CA ALA A 172 -33.05 -12.99 -23.30
C ALA A 172 -33.63 -11.63 -23.65
N VAL A 173 -33.33 -11.18 -24.86
CA VAL A 173 -33.85 -9.92 -25.40
C VAL A 173 -34.85 -10.24 -26.49
N THR A 174 -35.99 -9.55 -26.48
CA THR A 174 -37.05 -9.88 -27.43
C THR A 174 -36.63 -9.52 -28.85
N SER A 175 -37.06 -10.35 -29.80
CA SER A 175 -36.77 -10.14 -31.21
C SER A 175 -38.00 -10.52 -32.02
N ARG A 176 -38.21 -9.80 -33.13
CA ARG A 176 -39.37 -10.03 -33.99
C ARG A 176 -40.66 -9.98 -33.17
N ASP A 177 -40.74 -9.00 -32.27
CA ASP A 177 -41.79 -8.95 -31.27
C ASP A 177 -42.71 -7.77 -31.56
N PRO A 178 -43.97 -8.00 -31.95
CA PRO A 178 -44.86 -6.86 -32.17
C PRO A 178 -44.99 -5.96 -30.96
N ASN A 179 -44.94 -6.51 -29.76
CA ASN A 179 -45.03 -5.73 -28.53
C ASN A 179 -43.73 -5.01 -28.17
N GLY A 180 -42.70 -5.07 -29.02
CA GLY A 180 -41.48 -4.32 -28.76
C GLY A 180 -40.23 -5.17 -28.68
N ASP A 181 -39.28 -4.87 -29.54
CA ASP A 181 -37.99 -5.54 -29.54
C ASP A 181 -37.08 -4.92 -28.50
N GLY A 182 -36.03 -5.65 -28.15
CA GLY A 182 -35.06 -5.12 -27.22
C GLY A 182 -35.47 -5.14 -25.77
N ARG A 183 -36.54 -5.82 -25.41
CA ARG A 183 -36.98 -5.91 -24.02
C ARG A 183 -36.42 -7.17 -23.39
N ILE A 184 -36.05 -7.08 -22.11
CA ILE A 184 -35.44 -8.22 -21.42
C ILE A 184 -36.53 -9.12 -20.87
N VAL A 185 -36.54 -10.36 -21.33
CA VAL A 185 -37.37 -11.42 -20.75
C VAL A 185 -36.53 -12.21 -19.78
N ALA A 186 -37.11 -12.57 -18.64
CA ALA A 186 -36.51 -13.49 -17.69
C ALA A 186 -37.46 -14.65 -17.48
N ALA A 187 -36.92 -15.85 -17.34
CA ALA A 187 -37.75 -17.02 -17.13
C ALA A 187 -37.01 -18.02 -16.25
N LEU A 188 -37.79 -18.92 -15.65
CA LEU A 188 -37.26 -19.98 -14.80
C LEU A 188 -37.64 -21.29 -15.47
N ILE A 189 -36.67 -21.99 -16.06
CA ILE A 189 -37.02 -23.16 -16.86
C ILE A 189 -36.25 -24.40 -16.42
N PRO A 190 -36.80 -25.59 -16.67
CA PRO A 190 -36.04 -26.82 -16.39
C PRO A 190 -34.78 -26.87 -17.22
N SER A 191 -33.69 -27.32 -16.60
CA SER A 191 -32.44 -27.39 -17.33
C SER A 191 -32.48 -28.47 -18.39
N ASP A 192 -33.40 -29.43 -18.27
CA ASP A 192 -33.54 -30.50 -19.25
C ASP A 192 -34.61 -30.22 -20.31
N ARG A 193 -35.10 -28.97 -20.37
CA ARG A 193 -36.00 -28.56 -21.45
C ARG A 193 -35.30 -28.75 -22.79
N ALA A 194 -36.03 -29.29 -23.76
CA ALA A 194 -35.43 -29.58 -25.06
C ALA A 194 -34.80 -28.34 -25.67
N GLY A 195 -33.61 -28.52 -26.26
CA GLY A 195 -32.89 -27.41 -26.86
C GLY A 195 -31.90 -26.71 -25.95
N VAL A 196 -31.91 -27.02 -24.66
CA VAL A 196 -30.93 -26.48 -23.72
C VAL A 196 -29.71 -27.39 -23.72
N GLN A 197 -28.55 -26.84 -24.03
CA GLN A 197 -27.29 -27.58 -24.03
C GLN A 197 -26.29 -26.88 -23.14
N VAL A 198 -26.02 -27.46 -21.98
CA VAL A 198 -24.94 -27.01 -21.11
C VAL A 198 -23.63 -27.54 -21.70
N ASN A 199 -22.73 -26.64 -22.07
CA ASN A 199 -21.59 -27.05 -22.89
C ASN A 199 -20.44 -27.61 -22.08
N GLY A 200 -20.38 -27.38 -20.77
CA GLY A 200 -19.33 -27.98 -19.95
C GLY A 200 -17.91 -27.54 -20.30
N ASP A 201 -17.73 -26.28 -20.68
CA ASP A 201 -16.45 -25.77 -21.16
C ASP A 201 -15.73 -24.85 -20.16
N TRP A 202 -15.98 -25.05 -18.87
CA TRP A 202 -15.36 -24.25 -17.82
C TRP A 202 -14.08 -24.93 -17.34
N ASP A 203 -12.96 -24.22 -17.47
CA ASP A 203 -11.65 -24.75 -17.08
C ASP A 203 -10.81 -23.55 -16.69
N SER A 204 -10.88 -23.18 -15.42
CA SER A 204 -10.50 -21.86 -14.96
C SER A 204 -9.34 -21.94 -13.99
N LEU A 205 -8.74 -20.76 -13.72
CA LEU A 205 -7.64 -20.69 -12.76
C LEU A 205 -8.09 -21.11 -11.37
N GLY A 206 -9.17 -20.49 -10.88
CA GLY A 206 -9.79 -20.79 -9.61
C GLY A 206 -11.31 -20.85 -9.80
N MET A 207 -12.06 -20.98 -8.72
CA MET A 207 -13.51 -21.22 -8.82
C MET A 207 -13.77 -22.38 -9.76
N ARG A 208 -12.93 -23.41 -9.65
CA ARG A 208 -12.87 -24.42 -10.70
C ARG A 208 -14.09 -25.34 -10.73
N GLN A 209 -14.86 -25.45 -9.65
CA GLN A 209 -16.01 -26.33 -9.63
C GLN A 209 -17.35 -25.58 -9.66
N THR A 210 -17.37 -24.37 -10.22
CA THR A 210 -18.60 -23.59 -10.30
C THR A 210 -19.37 -23.79 -11.61
N ASP A 211 -18.83 -24.57 -12.56
CA ASP A 211 -19.50 -24.83 -13.83
C ASP A 211 -20.06 -23.54 -14.46
N SER A 212 -19.18 -22.55 -14.62
CA SER A 212 -19.56 -21.23 -15.12
C SER A 212 -19.27 -21.08 -16.61
N GLY A 213 -19.41 -22.15 -17.37
CA GLY A 213 -19.19 -22.14 -18.80
C GLY A 213 -20.41 -21.69 -19.56
N SER A 214 -20.46 -22.04 -20.84
CA SER A 214 -21.49 -21.52 -21.73
C SER A 214 -22.66 -22.49 -21.84
N VAL A 215 -23.81 -21.94 -22.22
CA VAL A 215 -25.05 -22.69 -22.44
C VAL A 215 -25.63 -22.24 -23.77
N THR A 216 -26.00 -23.20 -24.62
CA THR A 216 -26.49 -22.92 -25.96
C THR A 216 -27.98 -23.27 -26.02
N PHE A 217 -28.79 -22.29 -26.43
CA PHE A 217 -30.23 -22.45 -26.52
C PHE A 217 -30.61 -22.63 -27.98
N SER A 218 -31.19 -23.79 -28.32
CA SER A 218 -31.61 -24.08 -29.68
C SER A 218 -33.13 -24.26 -29.67
N GLY A 219 -33.83 -23.24 -30.15
CA GLY A 219 -35.29 -23.31 -30.25
C GLY A 219 -35.97 -23.66 -28.95
N VAL A 220 -35.51 -23.10 -27.83
CA VAL A 220 -36.00 -23.47 -26.51
C VAL A 220 -37.32 -22.76 -26.24
N VAL A 221 -38.33 -23.52 -25.87
CA VAL A 221 -39.66 -22.98 -25.60
C VAL A 221 -39.74 -22.56 -24.15
N VAL A 222 -40.25 -21.35 -23.92
CA VAL A 222 -40.55 -20.82 -22.60
C VAL A 222 -42.04 -20.50 -22.57
N TYR A 223 -42.73 -21.02 -21.58
CA TYR A 223 -44.18 -20.87 -21.49
C TYR A 223 -44.52 -19.66 -20.64
N PRO A 224 -45.73 -19.10 -20.81
CA PRO A 224 -46.11 -17.93 -19.98
C PRO A 224 -45.97 -18.16 -18.48
N ASP A 225 -46.31 -19.36 -17.99
CA ASP A 225 -46.22 -19.59 -16.56
C ASP A 225 -44.77 -19.74 -16.07
N GLU A 226 -43.80 -19.64 -16.96
CA GLU A 226 -42.38 -19.65 -16.60
C GLU A 226 -41.76 -18.26 -16.64
N LEU A 227 -42.48 -17.28 -17.16
CA LEU A 227 -41.95 -15.93 -17.29
C LEU A 227 -41.95 -15.21 -15.95
N LEU A 228 -40.89 -14.46 -15.70
CA LEU A 228 -40.74 -13.70 -14.46
C LEU A 228 -41.10 -12.27 -14.81
N GLY A 229 -42.39 -11.96 -14.70
CA GLY A 229 -42.90 -10.69 -15.14
C GLY A 229 -43.07 -10.63 -16.64
N THR A 230 -43.50 -9.46 -17.09
CA THR A 230 -43.63 -9.24 -18.51
C THR A 230 -42.28 -8.82 -19.09
N PRO A 231 -42.09 -9.00 -20.40
CA PRO A 231 -40.84 -8.57 -21.02
C PRO A 231 -40.60 -7.09 -20.76
N GLY A 232 -39.38 -6.77 -20.33
CA GLY A 232 -39.02 -5.40 -20.01
C GLY A 232 -39.31 -4.97 -18.59
N GLN A 233 -40.10 -5.73 -17.84
CA GLN A 233 -40.44 -5.33 -16.49
C GLN A 233 -39.21 -5.15 -15.61
N VAL A 234 -38.15 -5.94 -15.84
CA VAL A 234 -36.94 -5.76 -15.02
C VAL A 234 -36.36 -4.37 -15.26
N THR A 235 -36.32 -3.93 -16.51
CA THR A 235 -35.76 -2.62 -16.82
C THR A 235 -36.59 -1.52 -16.19
N ASP A 236 -37.91 -1.66 -16.24
CA ASP A 236 -38.80 -0.70 -15.57
C ASP A 236 -38.59 -0.70 -14.07
N ALA A 237 -38.49 -1.88 -13.47
CA ALA A 237 -38.33 -1.97 -12.02
C ALA A 237 -37.00 -1.35 -11.59
N PHE A 238 -35.93 -1.59 -12.35
CA PHE A 238 -34.64 -1.04 -11.97
C PHE A 238 -34.60 0.47 -12.17
N ALA A 239 -35.12 0.96 -13.31
CA ALA A 239 -35.12 2.41 -13.56
C ALA A 239 -36.02 3.16 -12.58
N SER A 240 -37.09 2.52 -12.11
CA SER A 240 -38.01 3.14 -11.16
C SER A 240 -37.54 3.02 -9.72
N GLY A 241 -36.59 2.15 -9.43
CA GLY A 241 -36.26 1.85 -8.05
C GLY A 241 -37.33 1.09 -7.30
N SER A 242 -38.14 0.31 -7.99
CA SER A 242 -39.10 -0.49 -7.25
C SER A 242 -38.32 -1.61 -6.54
N LYS A 243 -39.04 -2.42 -5.76
CA LYS A 243 -38.40 -3.41 -4.89
C LYS A 243 -37.40 -4.31 -5.62
N PRO A 244 -37.63 -4.77 -6.84
CA PRO A 244 -36.63 -5.62 -7.50
C PRO A 244 -35.26 -4.95 -7.65
N SER A 245 -35.17 -3.62 -7.55
CA SER A 245 -33.84 -2.99 -7.65
C SER A 245 -32.95 -3.37 -6.48
N LEU A 246 -33.47 -4.04 -5.46
CA LEU A 246 -32.62 -4.58 -4.41
C LEU A 246 -31.75 -5.74 -4.89
N TRP A 247 -32.09 -6.35 -6.02
CA TRP A 247 -31.38 -7.55 -6.47
C TRP A 247 -29.88 -7.32 -6.57
N THR A 248 -29.48 -6.18 -7.14
CA THR A 248 -28.03 -5.98 -7.35
C THR A 248 -27.29 -5.80 -6.04
N PRO A 249 -27.72 -4.94 -5.12
CA PRO A 249 -26.99 -4.87 -3.86
C PRO A 249 -26.99 -6.19 -3.12
N ILE A 250 -28.12 -6.93 -3.13
CA ILE A 250 -28.14 -8.27 -2.52
C ILE A 250 -27.04 -9.13 -3.14
N THR A 251 -26.99 -9.16 -4.46
CA THR A 251 -26.05 -10.04 -5.16
C THR A 251 -24.60 -9.58 -4.98
N GLN A 252 -24.35 -8.28 -5.04
CA GLN A 252 -22.98 -7.81 -4.83
C GLN A 252 -22.54 -8.06 -3.39
N LEU A 253 -23.46 -8.10 -2.44
CA LEU A 253 -23.08 -8.41 -1.07
C LEU A 253 -22.86 -9.92 -0.91
N ILE A 254 -23.51 -10.73 -1.74
CA ILE A 254 -23.18 -12.16 -1.77
C ILE A 254 -21.72 -12.34 -2.19
N PHE A 255 -21.30 -11.63 -3.24
CA PHE A 255 -19.91 -11.72 -3.68
C PHE A 255 -18.97 -11.24 -2.58
N THR A 256 -19.34 -10.16 -1.89
CA THR A 256 -18.54 -9.67 -0.79
C THR A 256 -18.31 -10.77 0.25
N HIS A 257 -19.36 -11.53 0.56
CA HIS A 257 -19.24 -12.56 1.57
C HIS A 257 -18.41 -13.74 1.07
N LEU A 258 -18.40 -14.02 -0.25
CA LEU A 258 -17.48 -15.00 -0.77
C LEU A 258 -16.04 -14.55 -0.53
N TYR A 259 -15.75 -13.27 -0.77
CA TYR A 259 -14.39 -12.77 -0.57
C TYR A 259 -13.99 -12.78 0.89
N LEU A 260 -14.88 -12.35 1.79
CA LEU A 260 -14.55 -12.40 3.21
C LEU A 260 -14.42 -13.83 3.72
N GLY A 261 -15.23 -14.75 3.18
CA GLY A 261 -15.10 -16.15 3.54
C GLY A 261 -13.77 -16.74 3.11
N ILE A 262 -13.39 -16.52 1.85
CA ILE A 262 -12.07 -16.96 1.38
C ILE A 262 -10.98 -16.35 2.24
N ALA A 263 -11.07 -15.04 2.52
CA ALA A 263 -10.08 -14.37 3.35
C ALA A 263 -9.93 -15.04 4.71
N ARG A 264 -11.05 -15.30 5.39
CA ARG A 264 -11.00 -15.95 6.70
C ARG A 264 -10.43 -17.36 6.58
N GLY A 265 -10.90 -18.13 5.60
CA GLY A 265 -10.38 -19.48 5.42
C GLY A 265 -8.87 -19.49 5.24
N ALA A 266 -8.35 -18.60 4.38
CA ALA A 266 -6.92 -18.49 4.16
C ALA A 266 -6.18 -18.12 5.44
N LEU A 267 -6.70 -17.14 6.19
CA LEU A 267 -5.97 -16.70 7.38
C LEU A 267 -5.94 -17.81 8.43
N GLU A 268 -7.04 -18.54 8.57
CA GLU A 268 -7.09 -19.62 9.54
C GLU A 268 -6.19 -20.79 9.13
N GLU A 269 -6.20 -21.13 7.84
CA GLU A 269 -5.33 -22.22 7.36
C GLU A 269 -3.85 -21.85 7.50
N ALA A 270 -3.49 -20.60 7.17
CA ALA A 270 -2.11 -20.18 7.37
C ALA A 270 -1.71 -20.25 8.84
N ALA A 271 -2.60 -19.79 9.74
CA ALA A 271 -2.26 -19.78 11.16
C ALA A 271 -2.00 -21.20 11.66
N HIS A 272 -2.83 -22.15 11.24
CA HIS A 272 -2.59 -23.53 11.66
C HIS A 272 -1.22 -24.00 11.18
N TYR A 273 -0.88 -23.67 9.94
CA TYR A 273 0.44 -24.03 9.42
C TYR A 273 1.55 -23.39 10.22
N SER A 274 1.44 -22.09 10.50
CA SER A 274 2.46 -21.39 11.29
C SER A 274 2.61 -22.03 12.66
N ARG A 275 1.50 -22.44 13.28
CA ARG A 275 1.54 -23.03 14.61
C ARG A 275 2.20 -24.40 14.58
N SER A 276 1.93 -25.19 13.55
CA SER A 276 2.37 -26.59 13.58
C SER A 276 3.62 -26.87 12.76
N HIS A 277 3.97 -26.03 11.78
CA HIS A 277 4.96 -26.46 10.80
C HIS A 277 6.07 -25.45 10.54
N SER A 278 5.77 -24.15 10.60
CA SER A 278 6.80 -23.16 10.36
C SER A 278 7.95 -23.32 11.35
N ARG A 279 9.20 -23.05 10.87
CA ARG A 279 10.36 -22.98 11.74
C ARG A 279 10.68 -21.52 12.01
N PRO A 280 11.20 -21.19 13.18
CA PRO A 280 11.67 -19.82 13.40
C PRO A 280 12.84 -19.55 12.47
N PHE A 281 13.02 -18.27 12.14
CA PHE A 281 14.17 -17.91 11.33
C PHE A 281 15.40 -17.89 12.23
N GLU A 287 13.20 -18.25 18.31
CA GLU A 287 12.87 -19.43 19.14
C GLU A 287 11.65 -20.20 18.61
N LYS A 288 10.53 -19.51 18.44
CA LYS A 288 9.35 -20.10 17.82
C LYS A 288 8.80 -19.10 16.81
N ALA A 289 8.38 -19.61 15.65
CA ALA A 289 7.87 -18.75 14.59
C ALA A 289 6.67 -17.94 15.04
N THR A 290 5.84 -18.51 15.93
CA THR A 290 4.66 -17.82 16.42
C THR A 290 4.98 -16.67 17.35
N GLU A 291 6.25 -16.50 17.70
CA GLU A 291 6.72 -15.36 18.50
C GLU A 291 7.50 -14.37 17.66
N ASP A 292 7.66 -14.64 16.39
CA ASP A 292 8.41 -13.74 15.53
C ASP A 292 7.66 -12.43 15.37
N PRO A 293 8.32 -11.28 15.49
CA PRO A 293 7.59 -10.01 15.45
C PRO A 293 6.96 -9.73 14.11
N TYR A 294 7.58 -10.19 13.03
CA TYR A 294 7.06 -9.88 11.71
C TYR A 294 5.98 -10.86 11.29
N VAL A 295 6.08 -12.14 11.69
CA VAL A 295 4.97 -13.07 11.55
C VAL A 295 3.75 -12.54 12.27
N LEU A 296 3.94 -12.10 13.52
CA LEU A 296 2.81 -11.58 14.30
C LEU A 296 2.21 -10.35 13.64
N ALA A 297 3.05 -9.50 13.04
CA ALA A 297 2.55 -8.29 12.39
C ALA A 297 1.73 -8.61 11.15
N ILE A 298 2.12 -9.65 10.40
CA ILE A 298 1.35 -10.05 9.21
C ILE A 298 -0.03 -10.54 9.62
N TYR A 299 -0.09 -11.43 10.62
CA TYR A 299 -1.39 -11.91 11.08
C TYR A 299 -2.20 -10.77 11.67
N GLY A 300 -1.56 -9.87 12.41
CA GLY A 300 -2.31 -8.79 13.05
C GLY A 300 -2.89 -7.82 12.05
N GLU A 301 -2.11 -7.45 11.02
CA GLU A 301 -2.60 -6.52 10.02
C GLU A 301 -3.81 -7.09 9.29
N PHE A 302 -3.70 -8.34 8.83
CA PHE A 302 -4.78 -8.93 8.07
C PHE A 302 -5.97 -9.33 8.94
N ALA A 303 -5.72 -9.84 10.14
CA ALA A 303 -6.85 -10.16 11.01
C ALA A 303 -7.61 -8.90 11.42
N ALA A 304 -6.90 -7.79 11.66
CA ALA A 304 -7.56 -6.54 12.00
C ALA A 304 -8.48 -6.06 10.89
N GLN A 305 -7.96 -6.03 9.65
CA GLN A 305 -8.79 -5.62 8.52
C GLN A 305 -9.98 -6.54 8.37
N LEU A 306 -9.77 -7.84 8.57
CA LEU A 306 -10.86 -8.80 8.43
C LEU A 306 -11.94 -8.58 9.47
N GLN A 307 -11.54 -8.32 10.73
CA GLN A 307 -12.52 -8.08 11.78
C GLN A 307 -13.40 -6.89 11.43
N VAL A 308 -12.79 -5.80 10.99
CA VAL A 308 -13.55 -4.59 10.66
C VAL A 308 -14.45 -4.85 9.48
N ALA A 309 -13.93 -5.50 8.44
CA ALA A 309 -14.74 -5.78 7.26
C ALA A 309 -15.90 -6.71 7.60
N GLU A 310 -15.65 -7.74 8.38
CA GLU A 310 -16.72 -8.66 8.78
C GLU A 310 -17.79 -7.94 9.60
N ALA A 311 -17.38 -7.10 10.53
CA ALA A 311 -18.34 -6.35 11.33
C ALA A 311 -19.14 -5.40 10.46
N GLY A 312 -18.49 -4.72 9.52
CA GLY A 312 -19.23 -3.87 8.60
C GLY A 312 -20.18 -4.65 7.72
N ALA A 313 -19.77 -5.85 7.31
CA ALA A 313 -20.61 -6.65 6.41
C ALA A 313 -21.87 -7.11 7.13
N ARG A 314 -21.75 -7.44 8.41
CA ARG A 314 -22.92 -7.81 9.20
C ARG A 314 -23.93 -6.67 9.26
N GLU A 315 -23.45 -5.43 9.42
CA GLU A 315 -24.39 -4.33 9.48
C GLU A 315 -25.12 -4.14 8.15
N VAL A 316 -24.40 -4.23 7.03
CA VAL A 316 -25.05 -4.07 5.75
C VAL A 316 -26.01 -5.21 5.49
N ALA A 317 -25.69 -6.42 5.95
CA ALA A 317 -26.63 -7.54 5.80
C ALA A 317 -27.92 -7.27 6.55
N LEU A 318 -27.83 -6.69 7.74
CA LEU A 318 -29.03 -6.34 8.48
C LEU A 318 -29.85 -5.31 7.73
N ARG A 319 -29.19 -4.34 7.07
CA ARG A 319 -29.92 -3.37 6.26
C ARG A 319 -30.58 -4.03 5.05
N VAL A 320 -29.92 -5.02 4.44
CA VAL A 320 -30.55 -5.75 3.35
C VAL A 320 -31.88 -6.35 3.81
N GLN A 321 -31.88 -6.96 4.99
CA GLN A 321 -33.09 -7.61 5.51
C GLN A 321 -34.16 -6.58 5.82
N GLU A 322 -33.78 -5.48 6.45
CA GLU A 322 -34.72 -4.41 6.77
C GLU A 322 -35.44 -3.92 5.52
N LEU A 323 -34.69 -3.62 4.45
CA LEU A 323 -35.33 -3.16 3.23
C LEU A 323 -36.06 -4.27 2.50
N TRP A 324 -35.57 -5.50 2.58
CA TRP A 324 -36.28 -6.63 2.02
C TRP A 324 -37.71 -6.71 2.55
N GLU A 325 -37.91 -6.31 3.80
CA GLU A 325 -39.21 -6.40 4.45
C GLU A 325 -40.10 -5.19 4.19
N ARG A 326 -39.59 -4.11 3.60
CA ARG A 326 -40.44 -2.96 3.27
C ARG A 326 -41.29 -3.25 2.04
N ASN A 327 -42.46 -2.61 1.97
CA ASN A 327 -43.24 -2.68 0.74
C ASN A 327 -42.57 -1.89 -0.37
N HIS A 328 -42.02 -0.73 -0.03
CA HIS A 328 -41.42 0.19 -0.97
C HIS A 328 -40.06 0.64 -0.45
N VAL A 329 -39.07 0.64 -1.33
CA VAL A 329 -37.74 1.15 -1.05
C VAL A 329 -37.53 2.40 -1.90
N THR A 330 -37.18 3.51 -1.25
CA THR A 330 -36.96 4.75 -1.98
C THR A 330 -35.65 4.67 -2.77
N PRO A 331 -35.50 5.51 -3.79
CA PRO A 331 -34.21 5.54 -4.51
C PRO A 331 -33.04 5.92 -3.62
N GLU A 332 -33.29 6.77 -2.62
CA GLU A 332 -32.26 7.12 -1.65
C GLU A 332 -31.86 5.90 -0.82
N GLN A 333 -32.84 5.14 -0.34
CA GLN A 333 -32.55 3.96 0.47
C GLN A 333 -31.80 2.91 -0.34
N ARG A 334 -32.23 2.69 -1.59
CA ARG A 334 -31.57 1.70 -2.43
C ARG A 334 -30.17 2.18 -2.80
N GLY A 335 -30.06 3.47 -3.12
CA GLY A 335 -28.76 4.03 -3.47
C GLY A 335 -27.77 3.99 -2.32
N GLN A 336 -28.22 4.33 -1.11
CA GLN A 336 -27.34 4.25 0.06
C GLN A 336 -26.91 2.81 0.32
N LEU A 337 -27.84 1.86 0.18
CA LEU A 337 -27.48 0.46 0.35
C LEU A 337 -26.44 0.04 -0.69
N MET A 338 -26.66 0.39 -1.96
CA MET A 338 -25.73 0.00 -3.00
C MET A 338 -24.35 0.59 -2.76
N VAL A 339 -24.29 1.83 -2.26
CA VAL A 339 -23.01 2.43 -1.91
C VAL A 339 -22.35 1.66 -0.77
N GLN A 340 -23.11 1.28 0.25
CA GLN A 340 -22.52 0.51 1.35
C GLN A 340 -22.03 -0.85 0.87
N VAL A 341 -22.81 -1.50 0.01
CA VAL A 341 -22.42 -2.80 -0.53
C VAL A 341 -21.19 -2.67 -1.41
N ALA A 342 -21.18 -1.68 -2.30
CA ALA A 342 -20.01 -1.49 -3.16
C ALA A 342 -18.77 -1.23 -2.32
N SER A 343 -18.89 -0.42 -1.27
CA SER A 343 -17.77 -0.14 -0.37
C SER A 343 -17.27 -1.43 0.28
N ALA A 344 -18.19 -2.24 0.80
CA ALA A 344 -17.80 -3.51 1.39
C ALA A 344 -17.09 -4.40 0.37
N LYS A 345 -17.61 -4.46 -0.87
CA LYS A 345 -16.99 -5.28 -1.90
C LYS A 345 -15.58 -4.81 -2.24
N ILE A 346 -15.38 -3.49 -2.29
CA ILE A 346 -14.06 -2.94 -2.60
C ILE A 346 -13.07 -3.34 -1.53
N VAL A 347 -13.42 -3.12 -0.27
CA VAL A 347 -12.52 -3.42 0.83
C VAL A 347 -12.23 -4.91 0.87
N ALA A 348 -13.27 -5.73 0.70
CA ALA A 348 -13.10 -7.18 0.73
C ALA A 348 -12.25 -7.68 -0.43
N THR A 349 -12.41 -7.08 -1.61
CA THR A 349 -11.58 -7.44 -2.76
C THR A 349 -10.10 -7.18 -2.47
N ARG A 350 -9.79 -5.96 -2.01
CA ARG A 350 -8.40 -5.62 -1.74
C ARG A 350 -7.82 -6.53 -0.68
N LEU A 351 -8.60 -6.77 0.36
CA LEU A 351 -8.13 -7.58 1.48
C LEU A 351 -7.82 -9.00 1.02
N VAL A 352 -8.76 -9.64 0.34
CA VAL A 352 -8.57 -11.06 0.03
C VAL A 352 -7.42 -11.25 -0.96
N ILE A 353 -7.28 -10.33 -1.92
CA ILE A 353 -6.22 -10.48 -2.91
C ILE A 353 -4.85 -10.31 -2.28
N GLU A 354 -4.71 -9.34 -1.36
CA GLU A 354 -3.43 -9.14 -0.69
C GLU A 354 -3.13 -10.29 0.27
N LEU A 355 -4.12 -10.66 1.09
CA LEU A 355 -3.93 -11.64 2.16
C LEU A 355 -3.55 -13.02 1.62
N THR A 356 -4.25 -13.46 0.57
CA THR A 356 -4.02 -14.82 0.08
C THR A 356 -2.65 -14.98 -0.56
N SER A 357 -2.05 -13.89 -1.02
CA SER A 357 -0.69 -13.91 -1.53
C SER A 357 0.34 -13.68 -0.43
N ARG A 358 0.13 -12.67 0.42
CA ARG A 358 1.15 -12.27 1.37
C ARG A 358 1.30 -13.21 2.55
N LEU A 359 0.29 -14.05 2.84
CA LEU A 359 0.41 -14.92 4.00
C LEU A 359 1.51 -15.96 3.85
N TYR A 360 1.94 -16.26 2.63
CA TYR A 360 3.10 -17.13 2.47
C TYR A 360 4.29 -16.60 3.26
N GLU A 361 4.42 -15.28 3.38
CA GLU A 361 5.54 -14.69 4.10
C GLU A 361 5.49 -14.98 5.59
N ALA A 362 4.31 -15.31 6.13
CA ALA A 362 4.20 -15.75 7.50
C ALA A 362 4.47 -17.24 7.66
N MET A 363 4.31 -18.03 6.60
CA MET A 363 4.43 -19.48 6.68
C MET A 363 5.84 -19.97 6.34
N GLY A 364 6.48 -19.38 5.34
CA GLY A 364 7.83 -19.74 4.94
C GLY A 364 7.88 -20.55 3.66
N ALA A 365 9.13 -20.87 3.26
CA ALA A 365 9.38 -21.45 1.94
C ALA A 365 8.73 -22.81 1.77
N ARG A 366 8.68 -23.62 2.81
CA ARG A 366 8.15 -24.96 2.65
C ARG A 366 6.66 -24.97 2.31
N ALA A 367 5.94 -23.89 2.58
CA ALA A 367 4.53 -23.83 2.21
C ALA A 367 4.34 -23.77 0.70
N ALA A 368 5.34 -23.30 -0.04
CA ALA A 368 5.29 -23.30 -1.49
C ALA A 368 6.10 -24.42 -2.13
N ALA A 369 7.07 -24.97 -1.40
CA ALA A 369 7.90 -26.03 -1.95
C ALA A 369 7.12 -27.31 -2.19
N SER A 370 6.04 -27.54 -1.44
CA SER A 370 5.18 -28.71 -1.67
C SER A 370 3.87 -28.24 -2.27
N ARG A 371 3.73 -28.43 -3.59
CA ARG A 371 2.51 -28.02 -4.28
C ARG A 371 1.28 -28.58 -3.59
N GLN A 372 1.40 -29.79 -3.05
CA GLN A 372 0.25 -30.49 -2.51
C GLN A 372 -0.35 -29.80 -1.29
N PHE A 373 0.43 -29.00 -0.56
CA PHE A 373 -0.15 -28.23 0.52
C PHE A 373 -1.36 -27.45 0.02
N GLY A 374 -1.28 -26.92 -1.19
CA GLY A 374 -2.45 -26.41 -1.88
C GLY A 374 -2.95 -25.07 -1.41
N PHE A 375 -2.14 -24.31 -0.69
CA PHE A 375 -2.61 -23.04 -0.14
C PHE A 375 -2.93 -22.03 -1.23
N ASP A 376 -2.33 -22.18 -2.40
CA ASP A 376 -2.56 -21.25 -3.50
C ASP A 376 -4.00 -21.29 -4.00
N ARG A 377 -4.78 -22.32 -3.63
CA ARG A 377 -6.20 -22.36 -3.98
C ARG A 377 -6.93 -21.08 -3.54
N PHE A 378 -6.59 -20.54 -2.37
CA PHE A 378 -7.29 -19.35 -1.87
C PHE A 378 -7.06 -18.15 -2.79
N TRP A 379 -5.79 -17.90 -3.16
CA TRP A 379 -5.51 -16.83 -4.10
C TRP A 379 -6.14 -17.08 -5.46
N ARG A 380 -6.05 -18.33 -5.96
CA ARG A 380 -6.60 -18.59 -7.29
C ARG A 380 -8.12 -18.35 -7.30
N ASP A 381 -8.81 -18.79 -6.25
CA ASP A 381 -10.25 -18.64 -6.19
C ASP A 381 -10.62 -17.16 -6.13
N ALA A 382 -10.00 -16.43 -5.20
CA ALA A 382 -10.28 -15.01 -5.05
C ALA A 382 -9.85 -14.23 -6.29
N ARG A 383 -8.66 -14.54 -6.82
CA ARG A 383 -8.18 -13.81 -7.99
C ARG A 383 -9.10 -14.00 -9.18
N THR A 384 -9.74 -15.18 -9.28
CA THR A 384 -10.66 -15.41 -10.38
C THR A 384 -11.96 -14.64 -10.16
N HIS A 385 -12.56 -14.78 -8.98
CA HIS A 385 -13.91 -14.28 -8.81
C HIS A 385 -13.98 -12.76 -8.67
N THR A 386 -12.94 -12.14 -8.08
CA THR A 386 -12.91 -10.69 -7.94
C THR A 386 -12.89 -9.96 -9.26
N LEU A 387 -12.65 -10.64 -10.36
CA LEU A 387 -12.71 -10.03 -11.68
C LEU A 387 -14.11 -10.04 -12.28
N HIS A 388 -15.10 -10.60 -11.57
CA HIS A 388 -16.46 -10.73 -12.11
C HIS A 388 -16.95 -9.42 -12.71
N ASP A 389 -16.80 -8.33 -11.97
CA ASP A 389 -16.97 -7.00 -12.52
C ASP A 389 -15.87 -6.13 -11.92
N PRO A 390 -15.37 -5.16 -12.67
CA PRO A 390 -14.09 -4.53 -12.31
C PRO A 390 -14.23 -3.64 -11.08
N VAL A 391 -13.37 -3.89 -10.09
CA VAL A 391 -13.39 -3.12 -8.86
C VAL A 391 -13.13 -1.65 -9.14
N ALA A 392 -12.36 -1.34 -10.20
CA ALA A 392 -12.09 0.06 -10.52
C ALA A 392 -13.37 0.85 -10.71
N TYR A 393 -14.40 0.21 -11.27
CA TYR A 393 -15.64 0.91 -11.53
C TYR A 393 -16.59 0.90 -10.33
N LYS A 394 -16.46 -0.06 -9.42
CA LYS A 394 -17.10 0.07 -8.12
C LYS A 394 -16.50 1.25 -7.33
N ILE A 395 -15.17 1.41 -7.43
CA ILE A 395 -14.51 2.56 -6.80
C ILE A 395 -15.00 3.86 -7.43
N ARG A 396 -15.11 3.90 -8.75
CA ARG A 396 -15.61 5.12 -9.40
C ARG A 396 -17.04 5.42 -8.97
N GLU A 397 -17.88 4.39 -8.85
CA GLU A 397 -19.25 4.59 -8.38
C GLU A 397 -19.29 5.17 -6.97
N VAL A 398 -18.46 4.65 -6.06
CA VAL A 398 -18.46 5.21 -4.71
C VAL A 398 -17.92 6.64 -4.74
N GLY A 399 -16.95 6.90 -5.61
CA GLY A 399 -16.38 8.24 -5.69
C GLY A 399 -17.37 9.23 -6.28
N ASN A 400 -18.09 8.80 -7.31
CA ASN A 400 -19.09 9.65 -7.93
C ASN A 400 -20.22 9.98 -6.94
N TRP A 401 -20.57 9.01 -6.09
CA TRP A 401 -21.51 9.27 -5.00
C TRP A 401 -20.96 10.29 -4.01
N PHE A 402 -19.75 10.07 -3.49
CA PHE A 402 -19.26 10.92 -2.43
C PHE A 402 -18.98 12.33 -2.93
N LEU A 403 -18.36 12.42 -4.10
CA LEU A 403 -17.93 13.73 -4.61
C LEU A 403 -19.07 14.47 -5.28
N ASN A 404 -19.87 13.77 -6.08
CA ASN A 404 -20.88 14.41 -6.92
C ASN A 404 -22.31 14.14 -6.47
N HIS A 405 -22.50 13.41 -5.37
CA HIS A 405 -23.83 13.11 -4.84
C HIS A 405 -24.70 12.35 -5.83
N ARG A 406 -24.11 11.54 -6.70
CA ARG A 406 -24.85 10.72 -7.64
C ARG A 406 -24.85 9.27 -7.15
N PHE A 407 -26.04 8.75 -6.84
CA PHE A 407 -26.15 7.33 -6.58
C PHE A 407 -25.90 6.52 -7.87
N PRO A 408 -25.40 5.29 -7.74
CA PRO A 408 -25.18 4.48 -8.93
C PRO A 408 -26.46 4.24 -9.70
N THR A 409 -26.34 4.15 -11.02
CA THR A 409 -27.48 3.83 -11.87
C THR A 409 -27.82 2.35 -11.75
N PRO A 410 -29.03 1.99 -11.34
CA PRO A 410 -29.34 0.56 -11.18
C PRO A 410 -29.17 -0.19 -12.49
N SER A 411 -28.57 -1.36 -12.39
CA SER A 411 -28.32 -2.23 -13.54
C SER A 411 -28.09 -3.63 -12.98
N PHE A 412 -27.59 -4.53 -13.81
CA PHE A 412 -27.25 -5.86 -13.30
C PHE A 412 -25.92 -5.86 -12.57
N TYR A 413 -25.19 -4.75 -12.61
CA TYR A 413 -23.90 -4.64 -11.95
C TYR A 413 -23.81 -3.49 -10.95
N SER A 414 -24.76 -2.56 -10.94
CA SER A 414 -24.74 -1.49 -9.96
C SER A 414 -26.14 -1.05 -9.55
N HIS B 15 27.86 -7.16 -25.80
CA HIS B 15 26.68 -7.24 -26.67
C HIS B 15 26.43 -8.68 -27.12
N ARG B 16 27.50 -9.39 -27.45
CA ARG B 16 27.35 -10.72 -28.04
C ARG B 16 26.71 -11.69 -27.05
N ALA B 17 27.22 -11.72 -25.81
CA ALA B 17 26.67 -12.64 -24.81
C ALA B 17 25.21 -12.34 -24.53
N LEU B 18 24.86 -11.06 -24.41
CA LEU B 18 23.48 -10.71 -24.11
C LEU B 18 22.55 -11.09 -25.28
N ASP B 19 23.04 -10.96 -26.52
CA ASP B 19 22.26 -11.45 -27.66
C ASP B 19 22.04 -12.96 -27.56
N VAL B 20 23.09 -13.69 -27.19
CA VAL B 20 22.95 -15.14 -27.02
C VAL B 20 21.89 -15.45 -25.98
N ALA B 21 21.92 -14.74 -24.84
CA ALA B 21 20.93 -14.98 -23.79
C ALA B 21 19.53 -14.61 -24.27
N THR B 22 19.41 -13.52 -25.02
CA THR B 22 18.10 -13.11 -25.51
C THR B 22 17.51 -14.15 -26.44
N GLU B 23 18.35 -14.73 -27.31
CA GLU B 23 17.88 -15.76 -28.21
C GLU B 23 17.50 -17.03 -27.46
N LEU B 24 18.30 -17.41 -26.46
CA LEU B 24 17.92 -18.54 -25.60
C LEU B 24 16.54 -18.32 -24.99
N ALA B 25 16.33 -17.13 -24.39
CA ALA B 25 15.07 -16.83 -23.74
C ALA B 25 13.91 -16.91 -24.72
N LYS B 26 14.12 -16.44 -25.95
CA LYS B 26 13.07 -16.51 -26.95
C LYS B 26 12.62 -17.95 -27.17
N THR B 27 13.57 -18.88 -27.29
CA THR B 27 13.20 -20.27 -27.48
C THR B 27 12.51 -20.83 -26.24
N PHE B 28 12.94 -20.42 -25.03
CA PHE B 28 12.33 -20.97 -23.83
C PHE B 28 10.87 -20.57 -23.69
N ARG B 29 10.54 -19.34 -24.12
CA ARG B 29 9.17 -18.87 -24.03
C ARG B 29 8.20 -19.73 -24.83
N VAL B 30 8.68 -20.33 -25.92
CA VAL B 30 7.78 -21.12 -26.77
C VAL B 30 7.22 -22.30 -26.01
N THR B 31 8.04 -22.89 -25.12
CA THR B 31 7.71 -24.18 -24.52
C THR B 31 7.48 -24.14 -23.01
N VAL B 32 7.70 -23.02 -22.33
CA VAL B 32 7.71 -23.02 -20.87
C VAL B 32 6.34 -23.42 -20.30
N ARG B 33 5.26 -22.98 -20.94
CA ARG B 33 3.92 -23.28 -20.40
C ARG B 33 3.72 -24.79 -20.26
N GLU B 34 4.08 -25.55 -21.30
CA GLU B 34 3.92 -27.00 -21.24
C GLU B 34 4.98 -27.64 -20.35
N ARG B 35 6.24 -27.22 -20.48
CA ARG B 35 7.29 -27.84 -19.69
C ARG B 35 7.07 -27.68 -18.19
N GLU B 36 6.70 -26.47 -17.74
CA GLU B 36 6.70 -26.28 -16.29
C GLU B 36 5.57 -27.04 -15.64
N ARG B 37 4.48 -27.29 -16.37
CA ARG B 37 3.39 -28.08 -15.81
C ARG B 37 3.89 -29.46 -15.42
N ALA B 38 4.76 -30.03 -16.25
CA ALA B 38 5.29 -31.37 -16.01
C ALA B 38 6.30 -31.41 -14.87
N GLY B 39 6.94 -30.29 -14.54
CA GLY B 39 7.99 -30.37 -13.55
C GLY B 39 9.15 -31.18 -14.11
N GLY B 40 9.94 -31.73 -13.21
CA GLY B 40 11.05 -32.54 -13.69
C GLY B 40 12.19 -31.71 -14.26
N THR B 41 13.05 -32.37 -15.04
CA THR B 41 14.33 -31.79 -15.45
C THR B 41 14.23 -31.26 -16.87
N PRO B 42 14.50 -29.98 -17.11
CA PRO B 42 14.47 -29.47 -18.49
C PRO B 42 15.80 -29.73 -19.21
N LYS B 43 16.05 -31.00 -19.50
CA LYS B 43 17.35 -31.42 -20.00
C LYS B 43 17.69 -30.75 -21.33
N ALA B 44 16.73 -30.68 -22.26
CA ALA B 44 17.02 -30.10 -23.57
C ALA B 44 17.39 -28.64 -23.45
N GLU B 45 16.75 -27.93 -22.53
CA GLU B 45 17.05 -26.52 -22.33
C GLU B 45 18.37 -26.33 -21.60
N ARG B 46 18.67 -27.21 -20.64
CA ARG B 46 19.97 -27.15 -19.99
C ARG B 46 21.08 -27.38 -21.02
N ASP B 47 20.87 -28.30 -21.95
CA ASP B 47 21.87 -28.57 -22.98
C ASP B 47 22.02 -27.40 -23.93
N ALA B 48 20.93 -26.70 -24.24
CA ALA B 48 21.02 -25.51 -25.07
C ALA B 48 21.87 -24.44 -24.38
N ILE B 49 21.74 -24.32 -23.06
CA ILE B 49 22.58 -23.39 -22.30
C ILE B 49 24.04 -23.85 -22.36
N ARG B 50 24.28 -25.16 -22.25
CA ARG B 50 25.64 -25.69 -22.39
C ARG B 50 26.24 -25.31 -23.75
N ARG B 51 25.49 -25.52 -24.84
CA ARG B 51 25.99 -25.21 -26.18
C ARG B 51 26.24 -23.72 -26.37
N SER B 52 25.56 -22.87 -25.60
CA SER B 52 25.65 -21.44 -25.79
C SER B 52 26.99 -20.87 -25.36
N GLY B 53 27.70 -21.55 -24.48
CA GLY B 53 28.92 -21.03 -23.88
C GLY B 53 28.71 -20.11 -22.70
N LEU B 54 27.49 -19.67 -22.43
CA LEU B 54 27.30 -18.66 -21.39
C LEU B 54 27.64 -19.17 -19.98
N LEU B 55 27.66 -20.48 -19.76
CA LEU B 55 28.05 -20.97 -18.43
C LEU B 55 29.47 -20.56 -18.06
N THR B 56 30.28 -20.20 -19.05
CA THR B 56 31.68 -19.80 -18.87
C THR B 56 31.86 -18.28 -18.83
N LEU B 57 30.77 -17.52 -18.66
CA LEU B 57 30.84 -16.05 -18.70
C LEU B 57 31.92 -15.47 -17.81
N LEU B 58 32.11 -16.01 -16.61
CA LEU B 58 33.02 -15.41 -15.66
C LEU B 58 34.40 -16.05 -15.64
N ILE B 59 34.60 -17.12 -16.40
CA ILE B 59 35.92 -17.72 -16.49
C ILE B 59 36.77 -16.84 -17.40
N SER B 60 37.99 -16.54 -16.99
CA SER B 60 38.85 -15.68 -17.80
C SER B 60 39.09 -16.27 -19.18
N LYS B 61 39.37 -15.39 -20.14
CA LYS B 61 39.72 -15.85 -21.48
C LYS B 61 40.97 -16.72 -21.44
N GLU B 62 41.91 -16.39 -20.55
CA GLU B 62 43.12 -17.20 -20.42
C GLU B 62 42.78 -18.66 -20.17
N ARG B 63 41.74 -18.90 -19.38
CA ARG B 63 41.34 -20.26 -19.03
C ARG B 63 40.27 -20.82 -19.95
N GLY B 64 39.96 -20.13 -21.06
CA GLY B 64 39.04 -20.63 -22.05
C GLY B 64 37.62 -20.11 -21.93
N GLY B 65 37.36 -19.24 -20.97
CA GLY B 65 36.04 -18.67 -20.79
C GLY B 65 35.83 -17.40 -21.57
N LEU B 66 34.72 -16.74 -21.27
CA LEU B 66 34.36 -15.54 -22.02
C LEU B 66 34.97 -14.27 -21.46
N GLY B 67 35.50 -14.28 -20.24
CA GLY B 67 36.09 -13.08 -19.68
C GLY B 67 35.12 -11.95 -19.48
N GLU B 68 33.85 -12.25 -19.22
CA GLU B 68 32.84 -11.23 -19.05
C GLU B 68 32.71 -10.83 -17.58
N SER B 69 31.77 -9.93 -17.30
CA SER B 69 31.63 -9.27 -16.02
C SER B 69 30.32 -9.66 -15.36
N TRP B 70 30.22 -9.38 -14.05
CA TRP B 70 28.96 -9.63 -13.35
C TRP B 70 27.79 -8.83 -13.92
N PRO B 71 27.94 -7.55 -14.30
CA PRO B 71 26.83 -6.87 -14.98
C PRO B 71 26.24 -7.64 -16.14
N THR B 72 27.10 -8.26 -16.98
CA THR B 72 26.60 -9.08 -18.07
C THR B 72 25.87 -10.32 -17.55
N VAL B 73 26.45 -10.99 -16.55
CA VAL B 73 25.80 -12.18 -15.99
C VAL B 73 24.42 -11.83 -15.46
N TYR B 74 24.34 -10.76 -14.66
CA TYR B 74 23.08 -10.36 -14.04
C TYR B 74 22.03 -10.02 -15.09
N GLU B 75 22.41 -9.27 -16.13
CA GLU B 75 21.47 -8.97 -17.20
C GLU B 75 20.99 -10.24 -17.90
N ALA B 76 21.90 -11.18 -18.13
CA ALA B 76 21.52 -12.44 -18.76
C ALA B 76 20.59 -13.26 -17.87
N ILE B 77 20.85 -13.29 -16.57
CA ILE B 77 19.97 -13.98 -15.64
C ILE B 77 18.55 -13.43 -15.73
N ALA B 78 18.42 -12.10 -15.66
CA ALA B 78 17.09 -11.48 -15.70
C ALA B 78 16.38 -11.76 -17.01
N GLU B 79 17.11 -11.76 -18.13
CA GLU B 79 16.49 -12.00 -19.43
C GLU B 79 15.96 -13.43 -19.51
N ILE B 80 16.77 -14.41 -19.11
CA ILE B 80 16.31 -15.79 -19.14
C ILE B 80 15.16 -15.98 -18.16
N ALA B 81 15.27 -15.42 -16.95
CA ALA B 81 14.19 -15.55 -15.96
C ALA B 81 12.88 -14.99 -16.48
N SER B 82 12.95 -13.92 -17.28
CA SER B 82 11.73 -13.32 -17.82
C SER B 82 10.99 -14.28 -18.74
N ALA B 83 11.72 -15.23 -19.36
CA ALA B 83 11.15 -16.25 -20.23
C ALA B 83 10.75 -17.51 -19.48
N ASP B 84 11.59 -17.96 -18.55
CA ASP B 84 11.38 -19.22 -17.85
C ASP B 84 12.09 -19.06 -16.52
N ALA B 85 11.31 -18.94 -15.45
CA ALA B 85 11.91 -18.64 -14.16
C ALA B 85 12.77 -19.79 -13.66
N SER B 86 12.38 -21.03 -13.96
CA SER B 86 13.19 -22.15 -13.52
C SER B 86 14.55 -22.15 -14.20
N LEU B 87 14.57 -21.91 -15.51
CA LEU B 87 15.85 -21.86 -16.21
C LEU B 87 16.65 -20.65 -15.78
N GLY B 88 15.99 -19.53 -15.50
CA GLY B 88 16.67 -18.38 -14.95
C GLY B 88 17.33 -18.70 -13.62
N HIS B 89 16.62 -19.41 -12.76
CA HIS B 89 17.20 -19.78 -11.47
C HIS B 89 18.35 -20.76 -11.66
N LEU B 90 18.16 -21.77 -12.50
CA LEU B 90 19.22 -22.76 -12.72
C LEU B 90 20.48 -22.08 -13.22
N PHE B 91 20.31 -21.21 -14.22
CA PHE B 91 21.42 -20.45 -14.79
C PHE B 91 22.06 -19.54 -13.74
N GLY B 92 21.22 -18.78 -13.01
CA GLY B 92 21.76 -17.87 -12.01
C GLY B 92 22.46 -18.59 -10.87
N TYR B 93 21.88 -19.71 -10.40
CA TYR B 93 22.52 -20.37 -9.27
C TYR B 93 23.80 -21.10 -9.68
N HIS B 94 23.91 -21.50 -10.94
CA HIS B 94 25.20 -21.95 -11.47
C HIS B 94 26.29 -20.93 -11.17
N PHE B 95 25.99 -19.64 -11.32
CA PHE B 95 26.99 -18.61 -11.05
C PHE B 95 27.18 -18.36 -9.56
N SER B 96 26.16 -18.60 -8.73
CA SER B 96 26.36 -18.61 -7.29
C SER B 96 27.34 -19.70 -6.91
N ASN B 97 27.15 -20.89 -7.45
CA ASN B 97 28.06 -22.00 -7.19
C ASN B 97 29.45 -21.66 -7.71
N PHE B 98 29.53 -21.12 -8.93
CA PHE B 98 30.81 -20.72 -9.47
C PHE B 98 31.49 -19.68 -8.59
N ALA B 99 30.73 -18.68 -8.13
CA ALA B 99 31.31 -17.66 -7.26
C ALA B 99 31.94 -18.27 -6.01
N TYR B 100 31.25 -19.24 -5.40
CA TYR B 100 31.80 -19.87 -4.21
C TYR B 100 33.14 -20.54 -4.52
N VAL B 101 33.17 -21.31 -5.61
CA VAL B 101 34.41 -21.97 -6.03
C VAL B 101 35.51 -20.93 -6.25
N ASP B 102 35.18 -19.87 -7.00
CA ASP B 102 36.20 -18.88 -7.31
C ASP B 102 36.75 -18.21 -6.05
N LEU B 103 35.89 -18.00 -5.04
CA LEU B 103 36.28 -17.28 -3.83
C LEU B 103 37.07 -18.14 -2.86
N PHE B 104 36.96 -19.47 -2.94
CA PHE B 104 37.59 -20.37 -1.95
C PHE B 104 38.60 -21.34 -2.55
N ALA B 105 38.57 -21.60 -3.85
CA ALA B 105 39.49 -22.58 -4.43
C ALA B 105 40.89 -21.98 -4.55
N SER B 106 41.89 -22.84 -4.60
CA SER B 106 43.24 -22.36 -4.82
C SER B 106 43.47 -22.05 -6.28
N PRO B 107 44.48 -21.23 -6.59
CA PRO B 107 44.83 -21.02 -8.00
C PRO B 107 45.12 -22.31 -8.74
N GLU B 108 45.74 -23.28 -8.07
CA GLU B 108 46.03 -24.56 -8.71
C GLU B 108 44.74 -25.31 -9.03
N GLN B 109 43.79 -25.31 -8.10
CA GLN B 109 42.50 -25.93 -8.37
C GLN B 109 41.82 -25.27 -9.56
N LYS B 110 41.80 -23.94 -9.60
CA LYS B 110 41.12 -23.25 -10.70
C LYS B 110 41.80 -23.50 -12.03
N ALA B 111 43.14 -23.58 -12.04
CA ALA B 111 43.86 -23.86 -13.27
C ALA B 111 43.47 -25.19 -13.88
N ARG B 112 43.09 -26.15 -13.04
CA ARG B 112 42.57 -27.42 -13.53
C ARG B 112 41.08 -27.36 -13.83
N TRP B 113 40.29 -26.89 -12.85
CA TRP B 113 38.84 -26.95 -12.96
C TRP B 113 38.30 -26.08 -14.09
N TYR B 114 38.83 -24.85 -14.24
CA TYR B 114 38.11 -23.96 -15.13
C TYR B 114 38.27 -24.38 -16.58
N PRO B 115 39.46 -24.77 -17.05
CA PRO B 115 39.52 -25.30 -18.41
C PRO B 115 38.67 -26.55 -18.60
N GLN B 116 38.59 -27.38 -17.56
CA GLN B 116 37.71 -28.55 -17.60
C GLN B 116 36.24 -28.14 -17.72
N ALA B 117 35.81 -27.13 -16.96
CA ALA B 117 34.43 -26.65 -17.04
C ALA B 117 34.09 -26.13 -18.42
N VAL B 118 35.07 -25.52 -19.11
CA VAL B 118 34.88 -25.06 -20.48
C VAL B 118 34.74 -26.24 -21.44
N ARG B 119 35.72 -27.14 -21.41
CA ARG B 119 35.74 -28.28 -22.34
C ARG B 119 34.51 -29.15 -22.19
N GLU B 120 34.15 -29.46 -20.95
CA GLU B 120 33.07 -30.40 -20.68
C GLU B 120 31.72 -29.73 -20.51
N ARG B 121 31.67 -28.41 -20.64
CA ARG B 121 30.42 -27.65 -20.61
C ARG B 121 29.68 -27.88 -19.30
N TRP B 122 30.38 -27.65 -18.19
CA TRP B 122 29.80 -27.88 -16.87
C TRP B 122 28.67 -26.91 -16.56
N PHE B 123 27.57 -27.48 -16.08
CA PHE B 123 26.44 -26.80 -15.47
C PHE B 123 26.46 -27.21 -13.99
N LEU B 124 26.76 -26.27 -13.10
CA LEU B 124 26.97 -26.58 -11.70
C LEU B 124 25.66 -26.64 -10.94
N GLY B 125 25.55 -27.62 -10.03
CA GLY B 125 24.42 -27.76 -9.14
C GLY B 125 24.86 -27.66 -7.69
N ASN B 126 23.87 -27.65 -6.79
CA ASN B 126 24.08 -27.26 -5.40
C ASN B 126 23.48 -28.27 -4.45
N ALA B 127 24.25 -28.68 -3.43
CA ALA B 127 23.74 -29.52 -2.35
C ALA B 127 24.29 -28.98 -1.04
N SER B 128 23.71 -27.83 -0.63
CA SER B 128 23.85 -27.19 0.68
C SER B 128 23.85 -25.67 0.60
N LEU B 136 25.92 -26.48 12.36
CA LEU B 136 24.75 -26.07 13.14
C LEU B 136 24.02 -27.33 13.63
N ASP B 137 22.75 -27.45 13.26
CA ASP B 137 22.01 -28.70 13.35
C ASP B 137 21.92 -29.37 11.98
N TRP B 138 23.00 -29.35 11.21
CA TRP B 138 22.95 -29.79 9.81
C TRP B 138 22.84 -31.30 9.72
N ARG B 139 22.08 -31.76 8.71
CA ARG B 139 21.84 -33.19 8.58
C ARG B 139 22.98 -33.96 7.94
N VAL B 140 23.96 -33.28 7.34
CA VAL B 140 24.96 -33.95 6.50
C VAL B 140 26.32 -33.75 7.14
N THR B 141 26.97 -34.85 7.50
CA THR B 141 28.24 -34.82 8.20
C THR B 141 29.40 -35.20 7.29
N ALA B 142 30.59 -34.72 7.67
CA ALA B 142 31.85 -35.03 6.99
C ALA B 142 32.78 -35.64 8.02
N THR B 143 33.06 -36.94 7.87
CA THR B 143 33.93 -37.65 8.81
C THR B 143 35.32 -37.75 8.20
N PRO B 144 36.36 -37.28 8.88
CA PRO B 144 37.68 -37.28 8.25
C PRO B 144 38.23 -38.69 8.10
N LEU B 145 38.88 -38.91 6.97
CA LEU B 145 39.59 -40.14 6.66
C LEU B 145 41.10 -39.91 6.76
N PRO B 146 41.88 -40.97 6.99
CA PRO B 146 43.32 -40.78 7.27
C PRO B 146 44.10 -40.01 6.22
N ASP B 147 43.73 -40.09 4.94
CA ASP B 147 44.47 -39.45 3.88
C ASP B 147 44.13 -37.96 3.70
N GLY B 148 43.18 -37.40 4.48
CA GLY B 148 42.70 -36.07 4.23
C GLY B 148 41.38 -35.99 3.50
N SER B 149 40.87 -37.12 3.03
CA SER B 149 39.54 -37.14 2.46
C SER B 149 38.49 -37.03 3.56
N TYR B 150 37.22 -36.87 3.14
CA TYR B 150 36.10 -36.91 4.06
C TYR B 150 35.04 -37.86 3.53
N GLU B 151 34.37 -38.54 4.45
CA GLU B 151 33.21 -39.36 4.15
C GLU B 151 31.97 -38.57 4.50
N ILE B 152 31.09 -38.40 3.51
CA ILE B 152 29.89 -37.58 3.67
C ILE B 152 28.70 -38.51 3.86
N ASN B 153 27.86 -38.21 4.85
CA ASN B 153 26.65 -38.99 5.11
C ASN B 153 25.48 -38.07 5.44
N GLY B 154 24.31 -38.40 4.90
CA GLY B 154 23.09 -37.71 5.24
C GLY B 154 22.36 -37.23 4.01
N THR B 155 21.17 -36.69 4.25
CA THR B 155 20.31 -36.23 3.18
C THR B 155 20.20 -34.72 3.26
N LYS B 156 20.51 -34.06 2.15
CA LYS B 156 20.43 -32.61 2.03
C LYS B 156 19.11 -32.25 1.36
N ALA B 157 18.39 -31.31 1.93
CA ALA B 157 17.15 -30.84 1.32
C ALA B 157 17.40 -29.60 0.45
N PHE B 158 16.46 -29.35 -0.47
CA PHE B 158 16.52 -28.18 -1.33
C PHE B 158 17.91 -28.05 -1.94
N CYS B 159 18.15 -28.95 -2.90
CA CYS B 159 19.43 -29.03 -3.61
C CYS B 159 19.24 -28.50 -5.01
N SER B 160 19.22 -27.18 -5.11
CA SER B 160 18.88 -26.50 -6.34
C SER B 160 19.75 -26.96 -7.50
N GLY B 161 19.10 -27.28 -8.62
CA GLY B 161 19.81 -27.70 -9.80
C GLY B 161 20.62 -28.96 -9.61
N SER B 162 20.13 -29.88 -8.78
CA SER B 162 20.88 -31.07 -8.41
C SER B 162 20.82 -32.16 -9.47
N ALA B 163 19.88 -32.08 -10.41
CA ALA B 163 19.77 -33.07 -11.46
C ALA B 163 20.57 -32.62 -12.69
N ASP B 164 21.12 -33.59 -13.40
CA ASP B 164 21.86 -33.28 -14.63
C ASP B 164 23.00 -32.30 -14.37
N ALA B 165 23.58 -32.35 -13.17
CA ALA B 165 24.65 -31.45 -12.78
C ALA B 165 26.01 -32.10 -13.05
N ASP B 166 26.90 -31.38 -13.71
CA ASP B 166 28.22 -31.95 -13.98
C ASP B 166 29.04 -32.04 -12.71
N ARG B 167 28.88 -31.06 -11.81
CA ARG B 167 29.48 -31.06 -10.49
C ARG B 167 28.46 -30.50 -9.51
N LEU B 168 28.51 -31.00 -8.28
CA LEU B 168 27.73 -30.50 -7.16
C LEU B 168 28.64 -29.76 -6.19
N LEU B 169 28.25 -28.57 -5.80
CA LEU B 169 28.87 -27.88 -4.68
C LEU B 169 28.20 -28.40 -3.41
N VAL B 170 28.97 -29.08 -2.55
CA VAL B 170 28.44 -29.80 -1.40
C VAL B 170 29.02 -29.20 -0.13
N PHE B 171 28.16 -29.02 0.88
CA PHE B 171 28.60 -28.59 2.21
C PHE B 171 28.22 -29.65 3.23
N ALA B 172 29.10 -29.82 4.22
CA ALA B 172 28.89 -30.80 5.28
C ALA B 172 29.58 -30.28 6.54
N VAL B 173 29.20 -30.82 7.69
CA VAL B 173 29.77 -30.39 8.95
C VAL B 173 30.64 -31.52 9.49
N THR B 174 31.84 -31.18 9.98
CA THR B 174 32.74 -32.21 10.46
C THR B 174 32.13 -32.95 11.64
N SER B 175 32.38 -34.26 11.69
CA SER B 175 31.93 -35.13 12.76
C SER B 175 33.03 -36.15 13.05
N ARG B 176 33.15 -36.52 14.33
CA ARG B 176 34.20 -37.42 14.78
C ARG B 176 35.57 -36.93 14.31
N ASP B 177 35.79 -35.62 14.48
CA ASP B 177 36.95 -34.94 13.92
C ASP B 177 37.88 -34.48 15.04
N PRO B 178 39.05 -35.09 15.20
CA PRO B 178 39.95 -34.66 16.29
C PRO B 178 40.30 -33.19 16.24
N ASN B 179 40.26 -32.58 15.06
CA ASN B 179 40.60 -31.16 14.91
C ASN B 179 39.39 -30.24 15.04
N GLY B 180 38.24 -30.76 15.42
CA GLY B 180 37.10 -29.93 15.75
C GLY B 180 35.85 -30.34 15.00
N ASP B 181 34.80 -30.69 15.72
CA ASP B 181 33.53 -31.04 15.09
C ASP B 181 32.74 -29.77 14.78
N GLY B 182 31.76 -29.92 13.89
CA GLY B 182 30.84 -28.84 13.56
C GLY B 182 31.41 -27.79 12.63
N ARG B 183 32.56 -28.05 12.02
CA ARG B 183 33.17 -27.09 11.10
C ARG B 183 32.67 -27.38 9.70
N ILE B 184 32.42 -26.32 8.93
CA ILE B 184 31.83 -26.50 7.62
C ILE B 184 32.93 -26.81 6.61
N VAL B 185 32.76 -27.91 5.89
CA VAL B 185 33.60 -28.24 4.76
C VAL B 185 32.77 -28.12 3.50
N ALA B 186 33.41 -27.66 2.43
CA ALA B 186 32.79 -27.51 1.15
C ALA B 186 33.66 -28.19 0.11
N ALA B 187 33.02 -28.72 -0.92
CA ALA B 187 33.72 -29.45 -1.96
C ALA B 187 32.94 -29.39 -3.27
N LEU B 188 33.65 -29.59 -4.38
CA LEU B 188 33.04 -29.66 -5.70
C LEU B 188 33.29 -31.05 -6.25
N ILE B 189 32.21 -31.84 -6.40
CA ILE B 189 32.37 -33.26 -6.71
C ILE B 189 31.47 -33.66 -7.85
N PRO B 190 31.82 -34.73 -8.57
CA PRO B 190 30.93 -35.27 -9.60
C PRO B 190 29.62 -35.74 -8.99
N SER B 191 28.54 -35.53 -9.73
CA SER B 191 27.23 -35.96 -9.25
C SER B 191 27.07 -37.47 -9.31
N ASP B 192 27.93 -38.20 -10.02
CA ASP B 192 27.87 -39.65 -10.04
C ASP B 192 28.96 -40.30 -9.18
N ARG B 193 29.58 -39.53 -8.30
CA ARG B 193 30.44 -40.10 -7.26
C ARG B 193 29.66 -41.18 -6.51
N ALA B 194 30.32 -42.31 -6.26
CA ALA B 194 29.66 -43.42 -5.57
C ALA B 194 29.06 -42.94 -4.26
N GLY B 195 27.79 -43.31 -4.05
CA GLY B 195 27.08 -42.96 -2.83
C GLY B 195 26.20 -41.73 -2.96
N VAL B 196 26.31 -40.98 -4.05
CA VAL B 196 25.44 -39.82 -4.26
C VAL B 196 24.16 -40.30 -4.94
N GLN B 197 23.02 -39.98 -4.34
CA GLN B 197 21.72 -40.26 -4.97
C GLN B 197 20.93 -38.97 -5.03
N VAL B 198 20.70 -38.49 -6.24
CA VAL B 198 19.82 -37.35 -6.50
C VAL B 198 18.40 -37.88 -6.53
N ASN B 199 17.53 -37.34 -5.67
CA ASN B 199 16.28 -38.03 -5.38
C ASN B 199 15.11 -37.62 -6.25
N GLY B 200 15.14 -36.45 -6.88
CA GLY B 200 14.05 -36.11 -7.78
C GLY B 200 12.72 -35.81 -7.10
N ASP B 201 12.76 -35.45 -5.83
CA ASP B 201 11.53 -35.26 -5.03
C ASP B 201 11.20 -33.78 -4.94
N TRP B 202 10.80 -33.23 -6.08
CA TRP B 202 10.50 -31.80 -6.19
C TRP B 202 9.20 -31.63 -6.95
N ASP B 203 8.17 -31.17 -6.27
CA ASP B 203 6.85 -30.96 -6.85
C ASP B 203 6.28 -29.73 -6.16
N SER B 204 6.60 -28.57 -6.73
CA SER B 204 6.44 -27.28 -6.05
C SER B 204 5.34 -26.43 -6.69
N LEU B 205 4.94 -25.39 -5.96
CA LEU B 205 3.98 -24.42 -6.48
C LEU B 205 4.50 -23.78 -7.76
N GLY B 206 5.68 -23.19 -7.67
CA GLY B 206 6.38 -22.63 -8.81
C GLY B 206 7.85 -23.00 -8.78
N MET B 207 8.68 -22.38 -9.63
CA MET B 207 10.06 -22.84 -9.84
C MET B 207 10.07 -24.35 -10.07
N ARG B 208 9.14 -24.83 -10.88
CA ARG B 208 8.84 -26.25 -10.91
C ARG B 208 9.90 -27.08 -11.61
N GLN B 209 10.77 -26.48 -12.42
CA GLN B 209 11.81 -27.23 -13.12
C GLN B 209 13.22 -26.92 -12.60
N THR B 210 13.35 -26.50 -11.34
CA THR B 210 14.65 -26.25 -10.74
C THR B 210 15.26 -27.48 -10.06
N ASP B 211 14.56 -28.62 -10.06
CA ASP B 211 15.11 -29.85 -9.46
C ASP B 211 15.70 -29.58 -8.08
N SER B 212 14.90 -28.95 -7.23
CA SER B 212 15.32 -28.54 -5.90
C SER B 212 14.91 -29.53 -4.83
N GLY B 213 14.89 -30.81 -5.18
CA GLY B 213 14.65 -31.87 -4.24
C GLY B 213 15.88 -32.16 -3.41
N SER B 214 15.94 -33.39 -2.89
CA SER B 214 16.97 -33.74 -1.94
C SER B 214 18.03 -34.62 -2.61
N VAL B 215 19.18 -34.69 -1.97
CA VAL B 215 20.30 -35.52 -2.40
C VAL B 215 20.75 -36.30 -1.19
N THR B 216 20.88 -37.60 -1.33
CA THR B 216 21.32 -38.46 -0.24
C THR B 216 22.77 -38.88 -0.45
N PHE B 217 23.57 -38.72 0.59
CA PHE B 217 24.98 -39.10 0.58
C PHE B 217 25.11 -40.34 1.44
N SER B 218 25.48 -41.46 0.83
CA SER B 218 25.70 -42.72 1.54
C SER B 218 27.18 -43.07 1.45
N GLY B 219 27.94 -42.73 2.48
CA GLY B 219 29.37 -43.04 2.49
C GLY B 219 30.12 -42.44 1.32
N VAL B 220 29.81 -41.19 0.98
CA VAL B 220 30.39 -40.54 -0.19
C VAL B 220 31.79 -40.04 0.19
N VAL B 221 32.81 -40.46 -0.57
CA VAL B 221 34.17 -40.01 -0.31
C VAL B 221 34.45 -38.76 -1.15
N VAL B 222 34.94 -37.72 -0.48
CA VAL B 222 35.37 -36.48 -1.13
C VAL B 222 36.88 -36.38 -0.97
N TYR B 223 37.59 -36.23 -2.06
CA TYR B 223 39.04 -36.33 -2.04
C TYR B 223 39.70 -34.99 -1.78
N PRO B 224 40.95 -34.98 -1.29
CA PRO B 224 41.51 -33.71 -0.81
C PRO B 224 41.63 -32.65 -1.88
N ASP B 225 41.76 -33.04 -3.14
CA ASP B 225 41.87 -32.05 -4.20
C ASP B 225 40.51 -31.49 -4.61
N GLU B 226 39.43 -31.97 -4.00
CA GLU B 226 38.08 -31.46 -4.28
C GLU B 226 37.59 -30.50 -3.21
N LEU B 227 38.31 -30.40 -2.11
CA LEU B 227 37.90 -29.57 -0.98
C LEU B 227 38.15 -28.09 -1.27
N LEU B 228 37.23 -27.25 -0.82
CA LEU B 228 37.31 -25.81 -1.02
C LEU B 228 37.71 -25.17 0.30
N GLY B 229 38.97 -24.75 0.40
CA GLY B 229 39.47 -24.21 1.65
C GLY B 229 39.61 -25.28 2.72
N THR B 230 39.78 -24.79 3.93
CA THR B 230 39.94 -25.61 5.12
C THR B 230 38.63 -25.66 5.89
N PRO B 231 38.44 -26.65 6.78
CA PRO B 231 37.18 -26.75 7.52
C PRO B 231 36.91 -25.51 8.36
N GLY B 232 35.73 -24.94 8.19
CA GLY B 232 35.38 -23.74 8.92
C GLY B 232 35.86 -22.45 8.29
N GLN B 233 36.63 -22.53 7.20
CA GLN B 233 37.13 -21.32 6.56
C GLN B 233 35.98 -20.41 6.13
N VAL B 234 34.86 -20.97 5.66
CA VAL B 234 33.75 -20.11 5.23
C VAL B 234 33.20 -19.34 6.41
N THR B 235 33.10 -19.99 7.57
CA THR B 235 32.63 -19.31 8.77
C THR B 235 33.60 -18.20 9.19
N ASP B 236 34.91 -18.45 9.09
CA ASP B 236 35.89 -17.44 9.44
C ASP B 236 35.84 -16.27 8.46
N ALA B 237 35.62 -16.56 7.18
CA ALA B 237 35.50 -15.49 6.20
C ALA B 237 34.28 -14.64 6.48
N PHE B 238 33.15 -15.27 6.84
CA PHE B 238 31.97 -14.51 7.24
C PHE B 238 32.28 -13.62 8.43
N ALA B 239 32.94 -14.19 9.44
CA ALA B 239 33.22 -13.44 10.66
C ALA B 239 34.16 -12.27 10.38
N SER B 240 35.01 -12.39 9.38
CA SER B 240 35.95 -11.33 9.02
C SER B 240 35.35 -10.31 8.08
N GLY B 241 34.23 -10.63 7.44
CA GLY B 241 33.74 -9.79 6.37
C GLY B 241 34.73 -9.61 5.26
N SER B 242 35.56 -10.62 5.01
CA SER B 242 36.60 -10.54 4.01
C SER B 242 36.06 -10.95 2.63
N LYS B 243 36.94 -10.96 1.63
CA LYS B 243 36.48 -11.12 0.26
C LYS B 243 35.60 -12.34 0.04
N PRO B 244 35.88 -13.53 0.60
CA PRO B 244 34.98 -14.67 0.32
C PRO B 244 33.57 -14.44 0.82
N SER B 245 33.37 -13.57 1.79
CA SER B 245 32.01 -13.27 2.25
C SER B 245 31.21 -12.48 1.23
N LEU B 246 31.81 -12.10 0.10
CA LEU B 246 31.06 -11.52 -1.00
C LEU B 246 30.07 -12.50 -1.59
N TRP B 247 30.25 -13.79 -1.31
CA TRP B 247 29.37 -14.80 -1.89
C TRP B 247 27.90 -14.45 -1.64
N THR B 248 27.60 -13.97 -0.42
CA THR B 248 26.19 -13.72 -0.08
C THR B 248 25.60 -12.55 -0.86
N PRO B 249 26.20 -11.33 -0.85
CA PRO B 249 25.64 -10.27 -1.69
C PRO B 249 25.57 -10.65 -3.16
N ILE B 250 26.60 -11.35 -3.67
CA ILE B 250 26.56 -11.79 -5.05
C ILE B 250 25.29 -12.62 -5.30
N THR B 251 25.04 -13.57 -4.42
CA THR B 251 23.95 -14.53 -4.60
C THR B 251 22.60 -13.88 -4.38
N GLN B 252 22.51 -13.00 -3.38
CA GLN B 252 21.26 -12.30 -3.11
C GLN B 252 20.91 -11.34 -4.26
N LEU B 253 21.91 -10.81 -4.94
CA LEU B 253 21.66 -10.01 -6.13
C LEU B 253 21.28 -10.89 -7.33
N ILE B 254 21.74 -12.15 -7.38
CA ILE B 254 21.20 -13.07 -8.37
C ILE B 254 19.71 -13.24 -8.16
N PHE B 255 19.29 -13.48 -6.92
CA PHE B 255 17.87 -13.62 -6.63
C PHE B 255 17.12 -12.35 -7.04
N THR B 256 17.69 -11.19 -6.74
CA THR B 256 17.04 -9.92 -7.11
C THR B 256 16.76 -9.87 -8.60
N HIS B 257 17.73 -10.32 -9.42
CA HIS B 257 17.54 -10.28 -10.87
C HIS B 257 16.55 -11.33 -11.35
N LEU B 258 16.38 -12.43 -10.63
CA LEU B 258 15.29 -13.34 -10.95
C LEU B 258 13.96 -12.65 -10.77
N TYR B 259 13.81 -11.90 -9.68
CA TYR B 259 12.56 -11.23 -9.37
C TYR B 259 12.28 -10.11 -10.36
N LEU B 260 13.30 -9.33 -10.71
CA LEU B 260 13.09 -8.30 -11.73
C LEU B 260 12.75 -8.91 -13.09
N GLY B 261 13.40 -10.03 -13.43
CA GLY B 261 13.11 -10.67 -14.71
C GLY B 261 11.70 -11.22 -14.77
N ILE B 262 11.25 -11.89 -13.70
CA ILE B 262 9.88 -12.37 -13.64
C ILE B 262 8.91 -11.20 -13.76
N ALA B 263 9.23 -10.11 -13.07
CA ALA B 263 8.37 -8.93 -13.10
C ALA B 263 8.24 -8.38 -14.52
N ARG B 264 9.37 -8.25 -15.21
CA ARG B 264 9.33 -7.75 -16.59
C ARG B 264 8.58 -8.72 -17.50
N GLY B 265 8.84 -10.01 -17.34
CA GLY B 265 8.15 -10.96 -18.20
C GLY B 265 6.65 -10.94 -18.00
N ALA B 266 6.22 -10.83 -16.73
CA ALA B 266 4.80 -10.80 -16.42
C ALA B 266 4.15 -9.54 -16.99
N LEU B 267 4.84 -8.41 -16.86
CA LEU B 267 4.28 -7.17 -17.38
C LEU B 267 4.13 -7.22 -18.90
N GLU B 268 5.15 -7.72 -19.61
CA GLU B 268 5.07 -7.79 -21.06
C GLU B 268 4.01 -8.79 -21.51
N GLU B 269 3.88 -9.91 -20.79
CA GLU B 269 2.88 -10.90 -21.17
C GLU B 269 1.46 -10.38 -20.91
N ALA B 270 1.27 -9.69 -19.80
CA ALA B 270 -0.02 -9.06 -19.53
C ALA B 270 -0.35 -8.05 -20.62
N ALA B 271 0.62 -7.22 -20.98
CA ALA B 271 0.36 -6.19 -21.98
C ALA B 271 -0.04 -6.81 -23.32
N HIS B 272 0.62 -7.90 -23.70
CA HIS B 272 0.21 -8.59 -24.94
C HIS B 272 -1.23 -9.06 -24.84
N TYR B 273 -1.62 -9.62 -23.69
CA TYR B 273 -3.00 -10.02 -23.50
C TYR B 273 -3.95 -8.82 -23.56
N SER B 274 -3.59 -7.71 -22.91
CA SER B 274 -4.49 -6.56 -22.90
C SER B 274 -4.69 -6.03 -24.31
N ARG B 275 -3.63 -6.03 -25.13
CA ARG B 275 -3.73 -5.50 -26.47
C ARG B 275 -4.55 -6.41 -27.39
N SER B 276 -4.51 -7.72 -27.16
CA SER B 276 -5.13 -8.63 -28.10
C SER B 276 -6.46 -9.20 -27.63
N HIS B 277 -6.78 -9.17 -26.34
CA HIS B 277 -7.87 -9.99 -25.81
C HIS B 277 -8.80 -9.25 -24.85
N SER B 278 -8.30 -8.25 -24.13
CA SER B 278 -9.14 -7.57 -23.16
C SER B 278 -10.30 -6.86 -23.84
N ARG B 279 -11.51 -6.97 -23.22
CA ARG B 279 -12.70 -6.28 -23.72
C ARG B 279 -12.95 -5.00 -22.91
N PRO B 280 -13.47 -3.95 -23.55
CA PRO B 280 -13.69 -2.69 -22.82
C PRO B 280 -14.98 -2.65 -22.02
N PHE B 281 -15.29 -1.48 -21.47
CA PHE B 281 -16.52 -1.26 -20.71
C PHE B 281 -16.62 -2.25 -19.55
N GLU B 287 -14.77 1.83 -24.44
CA GLU B 287 -14.16 2.13 -25.73
C GLU B 287 -13.19 1.02 -26.19
N LYS B 288 -11.92 1.15 -25.79
CA LYS B 288 -10.92 0.10 -25.97
C LYS B 288 -10.22 -0.09 -24.63
N ALA B 289 -10.00 -1.35 -24.24
CA ALA B 289 -9.39 -1.61 -22.94
C ALA B 289 -8.04 -0.94 -22.81
N THR B 290 -7.32 -0.80 -23.91
CA THR B 290 -5.99 -0.19 -23.88
C THR B 290 -6.04 1.32 -23.71
N GLU B 291 -7.23 1.91 -23.75
CA GLU B 291 -7.46 3.32 -23.45
C GLU B 291 -8.15 3.53 -22.12
N ASP B 292 -8.41 2.46 -21.39
CA ASP B 292 -9.08 2.59 -20.10
C ASP B 292 -8.14 3.26 -19.10
N PRO B 293 -8.58 4.31 -18.40
CA PRO B 293 -7.67 5.02 -17.48
C PRO B 293 -7.16 4.18 -16.33
N TYR B 294 -7.95 3.21 -15.86
CA TYR B 294 -7.54 2.38 -14.74
C TYR B 294 -6.59 1.27 -15.19
N VAL B 295 -6.82 0.70 -16.38
CA VAL B 295 -5.86 -0.22 -16.99
C VAL B 295 -4.52 0.50 -17.17
N LEU B 296 -4.55 1.70 -17.74
CA LEU B 296 -3.32 2.42 -17.99
C LEU B 296 -2.59 2.73 -16.69
N ALA B 297 -3.33 3.02 -15.63
CA ALA B 297 -2.71 3.32 -14.34
C ALA B 297 -2.00 2.12 -13.76
N ILE B 298 -2.56 0.92 -13.93
CA ILE B 298 -1.91 -0.27 -13.42
C ILE B 298 -0.61 -0.50 -14.15
N TYR B 299 -0.64 -0.44 -15.48
CA TYR B 299 0.59 -0.64 -16.25
C TYR B 299 1.61 0.45 -15.94
N GLY B 300 1.15 1.68 -15.79
CA GLY B 300 2.07 2.78 -15.53
C GLY B 300 2.74 2.68 -14.18
N GLU B 301 1.97 2.36 -13.14
CA GLU B 301 2.54 2.26 -11.80
C GLU B 301 3.59 1.17 -11.74
N PHE B 302 3.29 -0.01 -12.29
CA PHE B 302 4.23 -1.11 -12.18
C PHE B 302 5.42 -0.92 -13.13
N ALA B 303 5.19 -0.44 -14.34
CA ALA B 303 6.30 -0.21 -15.26
C ALA B 303 7.25 0.85 -14.72
N ALA B 304 6.71 1.90 -14.08
CA ALA B 304 7.56 2.91 -13.46
C ALA B 304 8.45 2.30 -12.37
N GLN B 305 7.85 1.54 -11.46
CA GLN B 305 8.65 0.92 -10.40
C GLN B 305 9.67 -0.04 -10.97
N LEU B 306 9.30 -0.77 -12.03
CA LEU B 306 10.24 -1.69 -12.68
C LEU B 306 11.43 -0.94 -13.26
N GLN B 307 11.19 0.18 -13.96
CA GLN B 307 12.30 0.94 -14.54
C GLN B 307 13.27 1.37 -13.46
N VAL B 308 12.74 1.91 -12.35
CA VAL B 308 13.62 2.43 -11.30
C VAL B 308 14.38 1.28 -10.64
N ALA B 309 13.70 0.17 -10.37
CA ALA B 309 14.37 -0.95 -9.74
C ALA B 309 15.46 -1.51 -10.65
N GLU B 310 15.19 -1.62 -11.94
CA GLU B 310 16.17 -2.14 -12.88
C GLU B 310 17.38 -1.22 -12.98
N ALA B 311 17.13 0.08 -13.05
CA ALA B 311 18.24 1.03 -13.14
C ALA B 311 19.09 0.98 -11.89
N GLY B 312 18.44 0.87 -10.72
CA GLY B 312 19.20 0.77 -9.49
C GLY B 312 20.01 -0.51 -9.41
N ALA B 313 19.44 -1.63 -9.86
CA ALA B 313 20.14 -2.91 -9.79
C ALA B 313 21.39 -2.89 -10.65
N ARG B 314 21.37 -2.18 -11.78
CA ARG B 314 22.57 -2.08 -12.61
C ARG B 314 23.72 -1.44 -11.85
N GLU B 315 23.42 -0.43 -11.02
CA GLU B 315 24.49 0.21 -10.27
C GLU B 315 25.11 -0.75 -9.26
N VAL B 316 24.27 -1.53 -8.56
CA VAL B 316 24.80 -2.48 -7.58
C VAL B 316 25.62 -3.55 -8.28
N ALA B 317 25.16 -3.99 -9.45
CA ALA B 317 25.91 -5.01 -10.20
C ALA B 317 27.30 -4.51 -10.56
N LEU B 318 27.42 -3.23 -10.91
CA LEU B 318 28.74 -2.66 -11.19
C LEU B 318 29.64 -2.72 -9.95
N ARG B 319 29.08 -2.50 -8.77
CA ARG B 319 29.87 -2.55 -7.55
C ARG B 319 30.29 -3.98 -7.22
N VAL B 320 29.42 -4.96 -7.49
CA VAL B 320 29.84 -6.35 -7.37
C VAL B 320 31.10 -6.59 -8.19
N GLN B 321 31.10 -6.17 -9.46
CA GLN B 321 32.26 -6.41 -10.31
C GLN B 321 33.50 -5.73 -9.74
N GLU B 322 33.34 -4.49 -9.30
CA GLU B 322 34.48 -3.75 -8.74
C GLU B 322 35.13 -4.51 -7.59
N LEU B 323 34.34 -5.00 -6.64
CA LEU B 323 34.92 -5.69 -5.49
C LEU B 323 35.37 -7.11 -5.86
N TRP B 324 34.69 -7.74 -6.81
CA TRP B 324 35.11 -9.04 -7.32
C TRP B 324 36.55 -9.01 -7.85
N GLU B 325 36.98 -7.87 -8.39
CA GLU B 325 38.32 -7.74 -8.95
C GLU B 325 39.39 -7.39 -7.93
N ARG B 326 39.01 -7.03 -6.71
CA ARG B 326 39.99 -6.65 -5.69
C ARG B 326 40.67 -7.88 -5.09
N ASN B 327 41.93 -7.69 -4.68
CA ASN B 327 42.62 -8.74 -3.94
C ASN B 327 42.09 -8.84 -2.51
N HIS B 328 41.67 -7.72 -1.93
CA HIS B 328 41.19 -7.70 -0.56
C HIS B 328 39.96 -6.83 -0.47
N VAL B 329 39.05 -7.21 0.41
CA VAL B 329 37.79 -6.50 0.62
C VAL B 329 37.63 -6.29 2.10
N THR B 330 37.31 -5.06 2.50
CA THR B 330 37.10 -4.80 3.91
C THR B 330 35.68 -5.13 4.32
N PRO B 331 35.45 -5.34 5.62
CA PRO B 331 34.07 -5.52 6.09
C PRO B 331 33.19 -4.34 5.75
N GLU B 332 33.76 -3.14 5.71
CA GLU B 332 32.96 -1.97 5.36
C GLU B 332 32.54 -2.01 3.89
N GLN B 333 33.46 -2.36 2.97
CA GLN B 333 33.07 -2.51 1.57
C GLN B 333 32.02 -3.61 1.42
N ARG B 334 32.22 -4.73 2.11
CA ARG B 334 31.29 -5.84 1.98
C ARG B 334 29.94 -5.50 2.59
N GLY B 335 29.96 -4.85 3.76
CA GLY B 335 28.72 -4.49 4.43
C GLY B 335 27.90 -3.49 3.63
N GLN B 336 28.57 -2.47 3.07
CA GLN B 336 27.88 -1.49 2.23
C GLN B 336 27.27 -2.15 1.02
N LEU B 337 28.00 -3.07 0.38
CA LEU B 337 27.44 -3.78 -0.77
C LEU B 337 26.22 -4.60 -0.35
N MET B 338 26.31 -5.27 0.80
CA MET B 338 25.20 -6.15 1.20
C MET B 338 23.96 -5.33 1.48
N VAL B 339 24.12 -4.15 2.09
CA VAL B 339 22.99 -3.25 2.30
C VAL B 339 22.38 -2.85 0.97
N GLN B 340 23.21 -2.51 -0.02
CA GLN B 340 22.66 -2.12 -1.32
C GLN B 340 21.94 -3.27 -2.00
N VAL B 341 22.50 -4.47 -1.90
CA VAL B 341 21.86 -5.66 -2.46
C VAL B 341 20.53 -5.93 -1.75
N ALA B 342 20.56 -5.91 -0.42
CA ALA B 342 19.33 -6.13 0.34
C ALA B 342 18.25 -5.15 -0.08
N SER B 343 18.62 -3.87 -0.23
CA SER B 343 17.66 -2.85 -0.63
C SER B 343 17.06 -3.18 -1.99
N ALA B 344 17.89 -3.54 -2.95
CA ALA B 344 17.39 -3.93 -4.27
C ALA B 344 16.48 -5.14 -4.18
N LYS B 345 16.84 -6.12 -3.36
CA LYS B 345 16.03 -7.32 -3.22
C LYS B 345 14.67 -7.02 -2.61
N ILE B 346 14.63 -6.13 -1.61
CA ILE B 346 13.38 -5.73 -0.97
C ILE B 346 12.44 -5.11 -1.99
N VAL B 347 12.94 -4.14 -2.76
CA VAL B 347 12.09 -3.46 -3.73
C VAL B 347 11.61 -4.43 -4.80
N ALA B 348 12.51 -5.30 -5.29
CA ALA B 348 12.16 -6.26 -6.32
C ALA B 348 11.15 -7.28 -5.83
N THR B 349 11.29 -7.72 -4.57
CA THR B 349 10.36 -8.68 -4.00
C THR B 349 8.95 -8.09 -3.93
N ARG B 350 8.83 -6.91 -3.34
CA ARG B 350 7.51 -6.29 -3.23
C ARG B 350 6.91 -6.07 -4.60
N LEU B 351 7.73 -5.60 -5.54
CA LEU B 351 7.23 -5.34 -6.88
C LEU B 351 6.69 -6.60 -7.55
N VAL B 352 7.49 -7.66 -7.60
CA VAL B 352 7.08 -8.83 -8.35
C VAL B 352 5.86 -9.49 -7.70
N ILE B 353 5.80 -9.49 -6.38
CA ILE B 353 4.68 -10.15 -5.71
C ILE B 353 3.39 -9.38 -5.96
N GLU B 354 3.46 -8.04 -5.94
CA GLU B 354 2.28 -7.22 -6.21
C GLU B 354 1.84 -7.34 -7.67
N LEU B 355 2.76 -7.16 -8.62
CA LEU B 355 2.30 -7.05 -10.00
C LEU B 355 1.85 -8.38 -10.57
N THR B 356 2.45 -9.51 -10.16
CA THR B 356 2.03 -10.78 -10.76
C THR B 356 0.60 -11.14 -10.36
N SER B 357 0.10 -10.57 -9.26
CA SER B 357 -1.29 -10.74 -8.83
C SER B 357 -2.19 -9.64 -9.37
N ARG B 358 -1.78 -8.38 -9.23
CA ARG B 358 -2.68 -7.28 -9.55
C ARG B 358 -2.85 -7.05 -11.05
N LEU B 359 -1.96 -7.57 -11.90
CA LEU B 359 -2.12 -7.35 -13.33
C LEU B 359 -3.39 -8.01 -13.87
N TYR B 360 -3.92 -9.03 -13.18
CA TYR B 360 -5.20 -9.58 -13.60
C TYR B 360 -6.28 -8.50 -13.64
N GLU B 361 -6.22 -7.56 -12.71
CA GLU B 361 -7.22 -6.49 -12.63
C GLU B 361 -7.19 -5.62 -13.88
N ALA B 362 -6.04 -5.54 -14.54
CA ALA B 362 -5.93 -4.84 -15.82
C ALA B 362 -6.39 -5.70 -16.99
N MET B 363 -6.22 -7.02 -16.91
CA MET B 363 -6.52 -7.89 -18.05
C MET B 363 -8.00 -8.26 -18.12
N GLY B 364 -8.66 -8.45 -16.97
CA GLY B 364 -10.07 -8.78 -16.93
C GLY B 364 -10.33 -10.25 -16.64
N ALA B 365 -11.63 -10.56 -16.50
CA ALA B 365 -12.07 -11.85 -16.00
C ALA B 365 -11.61 -13.00 -16.89
N ARG B 366 -11.61 -12.80 -18.21
CA ARG B 366 -11.27 -13.89 -19.09
C ARG B 366 -9.84 -14.36 -18.92
N ALA B 367 -8.95 -13.51 -18.38
CA ALA B 367 -7.57 -13.95 -18.16
C ALA B 367 -7.50 -15.03 -17.09
N ALA B 368 -8.43 -15.02 -16.13
CA ALA B 368 -8.50 -16.06 -15.10
C ALA B 368 -9.47 -17.18 -15.47
N ALA B 369 -10.48 -16.87 -16.28
CA ALA B 369 -11.46 -17.89 -16.67
C ALA B 369 -10.83 -18.99 -17.52
N SER B 370 -9.78 -18.65 -18.28
CA SER B 370 -9.08 -19.61 -19.13
C SER B 370 -7.78 -20.02 -18.44
N ARG B 371 -7.82 -21.16 -17.74
CA ARG B 371 -6.63 -21.66 -17.06
C ARG B 371 -5.47 -21.79 -18.04
N GLN B 372 -5.76 -22.18 -19.29
CA GLN B 372 -4.72 -22.45 -20.27
C GLN B 372 -3.87 -21.23 -20.57
N PHE B 373 -4.38 -20.01 -20.35
CA PHE B 373 -3.56 -18.82 -20.53
C PHE B 373 -2.28 -18.92 -19.70
N GLY B 374 -2.38 -19.49 -18.51
CA GLY B 374 -1.21 -19.82 -17.72
C GLY B 374 -0.47 -18.65 -17.11
N PHE B 375 -1.12 -17.48 -16.99
CA PHE B 375 -0.41 -16.29 -16.52
C PHE B 375 -0.03 -16.42 -15.05
N ASP B 376 -0.77 -17.23 -14.30
CA ASP B 376 -0.47 -17.45 -12.89
C ASP B 376 0.90 -18.05 -12.66
N ARG B 377 1.56 -18.56 -13.70
CA ARG B 377 2.93 -19.07 -13.54
C ARG B 377 3.85 -18.01 -12.98
N PHE B 378 3.68 -16.76 -13.39
CA PHE B 378 4.55 -15.70 -12.91
C PHE B 378 4.42 -15.53 -11.40
N TRP B 379 3.19 -15.41 -10.90
CA TRP B 379 2.99 -15.32 -9.46
C TRP B 379 3.50 -16.57 -8.75
N ARG B 380 3.19 -17.76 -9.28
CA ARG B 380 3.60 -18.97 -8.60
C ARG B 380 5.12 -19.03 -8.48
N ASP B 381 5.83 -18.68 -9.56
CA ASP B 381 7.28 -18.70 -9.56
C ASP B 381 7.83 -17.70 -8.56
N ALA B 382 7.35 -16.45 -8.63
CA ALA B 382 7.84 -15.42 -7.73
C ALA B 382 7.46 -15.71 -6.29
N ARG B 383 6.22 -16.13 -6.06
CA ARG B 383 5.78 -16.39 -4.69
C ARG B 383 6.60 -17.50 -4.06
N THR B 384 7.00 -18.50 -4.84
CA THR B 384 7.82 -19.59 -4.33
C THR B 384 9.22 -19.09 -3.99
N HIS B 385 9.87 -18.43 -4.93
CA HIS B 385 11.29 -18.14 -4.79
C HIS B 385 11.54 -17.04 -3.77
N THR B 386 10.66 -16.04 -3.70
CA THR B 386 10.88 -14.93 -2.78
C THR B 386 10.93 -15.37 -1.33
N LEU B 387 10.47 -16.58 -1.02
CA LEU B 387 10.47 -17.10 0.34
C LEU B 387 11.79 -17.75 0.74
N HIS B 388 12.76 -17.78 -0.17
CA HIS B 388 14.05 -18.43 0.12
C HIS B 388 14.59 -18.00 1.48
N ASP B 389 14.59 -16.72 1.74
CA ASP B 389 14.88 -16.18 3.06
C ASP B 389 13.99 -14.97 3.25
N PRO B 390 13.59 -14.69 4.48
CA PRO B 390 12.45 -13.77 4.70
C PRO B 390 12.82 -12.32 4.46
N VAL B 391 12.06 -11.68 3.57
CA VAL B 391 12.30 -10.28 3.25
C VAL B 391 12.14 -9.40 4.47
N ALA B 392 11.38 -9.84 5.48
CA ALA B 392 11.26 -9.05 6.70
C ALA B 392 12.62 -8.82 7.35
N TYR B 393 13.51 -9.82 7.30
CA TYR B 393 14.84 -9.64 7.89
C TYR B 393 15.79 -8.89 6.97
N LYS B 394 15.58 -8.92 5.65
CA LYS B 394 16.33 -7.99 4.80
C LYS B 394 15.96 -6.55 5.15
N ILE B 395 14.69 -6.31 5.39
CA ILE B 395 14.24 -4.99 5.80
C ILE B 395 14.87 -4.60 7.13
N ARG B 396 14.86 -5.52 8.11
CA ARG B 396 15.49 -5.23 9.39
C ARG B 396 16.98 -4.94 9.22
N GLU B 397 17.65 -5.67 8.34
CA GLU B 397 19.09 -5.45 8.13
C GLU B 397 19.36 -4.07 7.56
N VAL B 398 18.55 -3.63 6.60
CA VAL B 398 18.74 -2.29 6.06
C VAL B 398 18.42 -1.24 7.13
N GLY B 399 17.37 -1.47 7.92
CA GLY B 399 17.02 -0.52 8.97
C GLY B 399 18.08 -0.43 10.05
N ASN B 400 18.65 -1.57 10.42
CA ASN B 400 19.69 -1.60 11.45
C ASN B 400 20.96 -0.88 10.96
N TRP B 401 21.26 -1.00 9.68
CA TRP B 401 22.36 -0.23 9.13
C TRP B 401 22.04 1.26 9.09
N PHE B 402 20.88 1.63 8.55
CA PHE B 402 20.57 3.06 8.42
C PHE B 402 20.49 3.73 9.78
N LEU B 403 19.85 3.09 10.76
CA LEU B 403 19.57 3.73 12.03
C LEU B 403 20.74 3.59 13.00
N ASN B 404 21.35 2.41 13.06
CA ASN B 404 22.35 2.12 14.06
C ASN B 404 23.76 1.98 13.48
N HIS B 405 23.93 2.17 12.17
CA HIS B 405 25.23 2.04 11.50
C HIS B 405 25.83 0.65 11.67
N ARG B 406 24.99 -0.37 11.82
CA ARG B 406 25.46 -1.74 11.95
C ARG B 406 25.30 -2.46 10.61
N PHE B 407 26.39 -3.00 10.09
CA PHE B 407 26.28 -3.81 8.89
C PHE B 407 25.69 -5.17 9.23
N PRO B 408 25.07 -5.83 8.27
CA PRO B 408 24.52 -7.17 8.55
C PRO B 408 25.63 -8.13 8.94
N THR B 409 25.30 -9.05 9.83
CA THR B 409 26.23 -10.09 10.20
C THR B 409 26.36 -11.09 9.06
N PRO B 410 27.53 -11.22 8.43
CA PRO B 410 27.64 -12.11 7.27
C PRO B 410 27.24 -13.53 7.62
N SER B 411 26.49 -14.15 6.71
CA SER B 411 26.00 -15.51 6.84
C SER B 411 25.66 -16.02 5.46
N PHE B 412 25.03 -17.19 5.38
CA PHE B 412 24.60 -17.69 4.08
C PHE B 412 23.38 -16.93 3.57
N TYR B 413 22.79 -16.05 4.37
CA TYR B 413 21.64 -15.27 3.97
C TYR B 413 21.82 -13.77 4.09
N SER B 414 22.87 -13.30 4.74
CA SER B 414 23.06 -11.86 4.95
C SER B 414 24.53 -11.49 4.92
N ASP C 14 34.95 16.37 -10.38
CA ASP C 14 33.69 17.02 -10.04
C ASP C 14 33.53 17.17 -8.53
N HIS C 15 34.51 16.63 -7.79
CA HIS C 15 34.43 16.62 -6.34
C HIS C 15 34.37 18.03 -5.77
N ARG C 16 35.03 18.99 -6.41
CA ARG C 16 35.11 20.33 -5.84
C ARG C 16 33.72 20.98 -5.79
N ALA C 17 32.98 20.93 -6.90
CA ALA C 17 31.67 21.57 -6.94
C ALA C 17 30.73 20.92 -5.92
N LEU C 18 30.76 19.60 -5.83
CA LEU C 18 29.91 18.90 -4.87
C LEU C 18 30.32 19.20 -3.43
N ASP C 19 31.62 19.38 -3.17
CA ASP C 19 32.05 19.80 -1.85
C ASP C 19 31.49 21.18 -1.52
N VAL C 20 31.50 22.10 -2.49
CA VAL C 20 30.96 23.42 -2.25
C VAL C 20 29.47 23.34 -1.92
N ALA C 21 28.73 22.51 -2.67
CA ALA C 21 27.30 22.36 -2.43
C ALA C 21 27.03 21.75 -1.06
N THR C 22 27.84 20.75 -0.67
CA THR C 22 27.67 20.11 0.63
C THR C 22 27.88 21.11 1.76
N GLU C 23 28.90 21.96 1.64
CA GLU C 23 29.14 22.98 2.67
C GLU C 23 28.02 24.00 2.70
N LEU C 24 27.52 24.41 1.52
CA LEU C 24 26.38 25.32 1.51
C LEU C 24 25.20 24.69 2.26
N ALA C 25 24.92 23.42 1.97
CA ALA C 25 23.79 22.72 2.56
C ALA C 25 23.94 22.66 4.08
N LYS C 26 25.15 22.35 4.55
CA LYS C 26 25.43 22.35 5.98
C LYS C 26 25.04 23.66 6.64
N THR C 27 25.41 24.80 6.03
CA THR C 27 25.07 26.09 6.61
C THR C 27 23.57 26.32 6.59
N PHE C 28 22.88 25.88 5.53
CA PHE C 28 21.44 26.11 5.43
C PHE C 28 20.69 25.34 6.51
N ARG C 29 21.15 24.13 6.86
CA ARG C 29 20.49 23.33 7.87
C ARG C 29 20.42 24.04 9.22
N VAL C 30 21.42 24.88 9.51
CA VAL C 30 21.46 25.53 10.82
C VAL C 30 20.26 26.44 11.01
N THR C 31 19.83 27.12 9.93
CA THR C 31 18.84 28.19 10.03
C THR C 31 17.49 27.89 9.37
N VAL C 32 17.34 26.76 8.68
CA VAL C 32 16.13 26.55 7.87
C VAL C 32 14.87 26.57 8.74
N ARG C 33 14.94 25.95 9.92
CA ARG C 33 13.74 25.86 10.75
C ARG C 33 13.18 27.25 11.05
N GLU C 34 14.05 28.19 11.42
CA GLU C 34 13.55 29.53 11.72
C GLU C 34 13.19 30.30 10.46
N ARG C 35 14.02 30.21 9.42
CA ARG C 35 13.78 30.97 8.20
C ARG C 35 12.46 30.60 7.54
N GLU C 36 12.16 29.30 7.42
CA GLU C 36 11.00 28.94 6.60
C GLU C 36 9.70 29.29 7.30
N ARG C 37 9.73 29.35 8.63
CA ARG C 37 8.55 29.83 9.37
C ARG C 37 8.12 31.21 8.88
N ALA C 38 9.09 32.11 8.70
CA ALA C 38 8.76 33.48 8.30
C ALA C 38 8.37 33.59 6.83
N GLY C 39 8.75 32.61 6.00
CA GLY C 39 8.44 32.75 4.59
C GLY C 39 9.33 33.86 4.04
N GLY C 40 8.89 34.43 2.94
CA GLY C 40 9.67 35.53 2.40
C GLY C 40 10.94 35.06 1.72
N THR C 41 11.82 36.03 1.47
CA THR C 41 12.95 35.82 0.54
C THR C 41 14.20 35.49 1.32
N PRO C 42 14.85 34.33 1.07
CA PRO C 42 16.11 34.01 1.78
C PRO C 42 17.30 34.68 1.10
N LYS C 43 17.31 36.01 1.19
CA LYS C 43 18.31 36.81 0.48
C LYS C 43 19.73 36.39 0.86
N ALA C 44 20.00 36.28 2.16
CA ALA C 44 21.36 35.95 2.59
C ALA C 44 21.83 34.63 1.98
N GLU C 45 20.94 33.64 1.91
CA GLU C 45 21.32 32.34 1.40
C GLU C 45 21.44 32.36 -0.12
N ARG C 46 20.56 33.10 -0.80
CA ARG C 46 20.69 33.29 -2.23
C ARG C 46 22.03 33.94 -2.57
N ASP C 47 22.44 34.95 -1.79
CA ASP C 47 23.75 35.57 -1.99
C ASP C 47 24.88 34.60 -1.71
N ALA C 48 24.75 33.74 -0.69
CA ALA C 48 25.75 32.71 -0.47
C ALA C 48 25.90 31.81 -1.70
N ILE C 49 24.78 31.47 -2.34
CA ILE C 49 24.85 30.66 -3.55
C ILE C 49 25.52 31.46 -4.66
N ARG C 50 25.23 32.75 -4.75
CA ARG C 50 25.90 33.60 -5.74
C ARG C 50 27.41 33.56 -5.55
N ARG C 51 27.88 33.73 -4.31
CA ARG C 51 29.32 33.74 -4.06
C ARG C 51 29.97 32.39 -4.33
N SER C 52 29.20 31.30 -4.24
CA SER C 52 29.76 29.97 -4.41
C SER C 52 30.23 29.68 -5.83
N GLY C 53 29.70 30.39 -6.83
CA GLY C 53 29.97 30.09 -8.22
C GLY C 53 29.12 29.00 -8.83
N LEU C 54 28.35 28.26 -8.02
CA LEU C 54 27.64 27.08 -8.52
C LEU C 54 26.55 27.42 -9.52
N LEU C 55 26.05 28.65 -9.52
CA LEU C 55 25.06 29.04 -10.52
C LEU C 55 25.64 28.98 -11.93
N THR C 56 26.97 28.91 -12.07
CA THR C 56 27.63 28.86 -13.36
C THR C 56 28.06 27.44 -13.72
N LEU C 57 27.50 26.42 -13.05
CA LEU C 57 27.96 25.04 -13.25
C LEU C 57 27.95 24.63 -14.72
N LEU C 58 26.97 25.10 -15.50
CA LEU C 58 26.80 24.63 -16.86
C LEU C 58 27.35 25.61 -17.90
N ILE C 59 27.92 26.73 -17.46
CA ILE C 59 28.58 27.64 -18.39
C ILE C 59 30.00 27.15 -18.61
N SER C 60 30.45 27.18 -19.87
CA SER C 60 31.78 26.71 -20.21
C SER C 60 32.84 27.49 -19.44
N LYS C 61 33.98 26.82 -19.20
CA LYS C 61 35.10 27.49 -18.57
C LYS C 61 35.61 28.64 -19.42
N GLU C 62 35.54 28.52 -20.75
CA GLU C 62 35.98 29.60 -21.61
C GLU C 62 35.22 30.87 -21.31
N ARG C 63 33.92 30.76 -21.04
CA ARG C 63 33.08 31.91 -20.74
C ARG C 63 33.04 32.24 -19.26
N GLY C 64 33.94 31.65 -18.47
CA GLY C 64 34.05 31.97 -17.07
C GLY C 64 33.28 31.06 -16.14
N GLY C 65 32.60 30.04 -16.67
CA GLY C 65 31.84 29.11 -15.86
C GLY C 65 32.68 27.95 -15.37
N LEU C 66 32.00 26.97 -14.78
CA LEU C 66 32.70 25.83 -14.21
C LEU C 66 32.83 24.67 -15.19
N GLY C 67 32.15 24.72 -16.32
CA GLY C 67 32.26 23.65 -17.31
C GLY C 67 31.91 22.29 -16.75
N GLU C 68 30.93 22.23 -15.87
CA GLU C 68 30.52 20.98 -15.25
C GLU C 68 29.36 20.36 -16.03
N SER C 69 28.81 19.29 -15.51
CA SER C 69 27.87 18.46 -16.23
C SER C 69 26.57 18.32 -15.44
N TRP C 70 25.53 17.80 -16.11
CA TRP C 70 24.23 17.64 -15.45
C TRP C 70 24.28 16.72 -14.24
N PRO C 71 25.02 15.60 -14.25
CA PRO C 71 25.06 14.76 -13.03
C PRO C 71 25.55 15.52 -11.80
N THR C 72 26.51 16.43 -11.98
CA THR C 72 26.95 17.26 -10.87
C THR C 72 25.83 18.21 -10.42
N VAL C 73 25.16 18.85 -11.38
CA VAL C 73 24.02 19.71 -11.06
C VAL C 73 22.99 18.95 -10.26
N TYR C 74 22.61 17.75 -10.73
CA TYR C 74 21.53 17.01 -10.08
C TYR C 74 21.92 16.58 -8.67
N GLU C 75 23.17 16.14 -8.49
CA GLU C 75 23.62 15.76 -7.15
C GLU C 75 23.62 16.96 -6.21
N ALA C 76 24.04 18.12 -6.72
CA ALA C 76 24.03 19.34 -5.91
C ALA C 76 22.61 19.75 -5.54
N ILE C 77 21.66 19.65 -6.48
CA ILE C 77 20.27 19.98 -6.19
C ILE C 77 19.75 19.09 -5.07
N ALA C 78 19.99 17.79 -5.16
CA ALA C 78 19.47 16.88 -4.14
C ALA C 78 20.11 17.18 -2.79
N GLU C 79 21.42 17.45 -2.76
CA GLU C 79 22.11 17.74 -1.52
C GLU C 79 21.55 19.01 -0.86
N ILE C 80 21.43 20.10 -1.63
CA ILE C 80 20.89 21.33 -1.06
C ILE C 80 19.44 21.13 -0.62
N ALA C 81 18.63 20.46 -1.44
CA ALA C 81 17.23 20.20 -1.09
C ALA C 81 17.10 19.43 0.22
N SER C 82 18.04 18.53 0.50
CA SER C 82 17.96 17.75 1.74
C SER C 82 18.09 18.66 2.96
N ALA C 83 18.75 19.81 2.81
CA ALA C 83 18.95 20.76 3.89
C ALA C 83 17.84 21.80 3.95
N ASP C 84 17.45 22.32 2.79
CA ASP C 84 16.46 23.37 2.70
C ASP C 84 15.76 23.19 1.38
N ALA C 85 14.51 22.73 1.41
CA ALA C 85 13.79 22.42 0.18
C ALA C 85 13.56 23.65 -0.69
N SER C 86 13.34 24.81 -0.06
CA SER C 86 13.10 26.02 -0.84
C SER C 86 14.36 26.43 -1.59
N LEU C 87 15.52 26.41 -0.91
CA LEU C 87 16.77 26.72 -1.59
C LEU C 87 17.11 25.67 -2.63
N GLY C 88 16.82 24.40 -2.36
CA GLY C 88 17.03 23.37 -3.36
C GLY C 88 16.20 23.63 -4.60
N HIS C 89 14.95 24.04 -4.41
CA HIS C 89 14.09 24.35 -5.54
C HIS C 89 14.57 25.59 -6.30
N LEU C 90 14.86 26.68 -5.57
CA LEU C 90 15.36 27.87 -6.25
C LEU C 90 16.60 27.55 -7.08
N PHE C 91 17.55 26.84 -6.48
CA PHE C 91 18.78 26.44 -7.15
C PHE C 91 18.47 25.54 -8.35
N GLY C 92 17.63 24.53 -8.15
CA GLY C 92 17.30 23.64 -9.25
C GLY C 92 16.59 24.36 -10.38
N TYR C 93 15.63 25.21 -10.05
CA TYR C 93 14.87 25.82 -11.14
C TYR C 93 15.69 26.87 -11.87
N HIS C 94 16.69 27.47 -11.20
CA HIS C 94 17.68 28.26 -11.92
C HIS C 94 18.25 27.49 -13.11
N PHE C 95 18.57 26.20 -12.92
CA PHE C 95 19.13 25.40 -14.00
C PHE C 95 18.08 24.99 -15.02
N SER C 96 16.81 24.82 -14.63
CA SER C 96 15.75 24.68 -15.62
C SER C 96 15.66 25.92 -16.49
N ASN C 97 15.69 27.10 -15.86
CA ASN C 97 15.67 28.35 -16.61
C ASN C 97 16.89 28.46 -17.51
N PHE C 98 18.07 28.15 -16.97
CA PHE C 98 19.28 28.20 -17.79
C PHE C 98 19.20 27.22 -18.96
N ALA C 99 18.68 26.02 -18.72
CA ALA C 99 18.55 25.06 -19.82
C ALA C 99 17.66 25.62 -20.91
N TYR C 100 16.55 26.26 -20.55
CA TYR C 100 15.67 26.83 -21.57
C TYR C 100 16.40 27.87 -22.39
N VAL C 101 17.12 28.79 -21.72
CA VAL C 101 17.91 29.80 -22.40
C VAL C 101 18.92 29.15 -23.34
N ASP C 102 19.64 28.14 -22.83
CA ASP C 102 20.69 27.54 -23.63
C ASP C 102 20.13 26.82 -24.84
N LEU C 103 18.91 26.27 -24.74
CA LEU C 103 18.32 25.52 -25.83
C LEU C 103 17.74 26.40 -26.90
N PHE C 104 17.46 27.67 -26.60
CA PHE C 104 16.84 28.56 -27.57
C PHE C 104 17.67 29.80 -27.92
N ALA C 105 18.67 30.16 -27.12
CA ALA C 105 19.37 31.42 -27.33
C ALA C 105 20.22 31.35 -28.59
N SER C 106 20.38 32.49 -29.25
CA SER C 106 21.27 32.59 -30.40
C SER C 106 22.73 32.56 -29.97
N PRO C 107 23.64 32.23 -30.91
CA PRO C 107 25.08 32.34 -30.59
C PRO C 107 25.48 33.72 -30.07
N GLU C 108 24.91 34.76 -30.67
CA GLU C 108 25.09 36.14 -30.25
C GLU C 108 24.67 36.33 -28.80
N GLN C 109 23.47 35.88 -28.46
CA GLN C 109 22.96 35.99 -27.10
C GLN C 109 23.84 35.26 -26.09
N LYS C 110 24.28 34.04 -26.42
CA LYS C 110 25.12 33.29 -25.49
C LYS C 110 26.45 33.99 -25.28
N ALA C 111 27.02 34.57 -26.35
CA ALA C 111 28.29 35.27 -26.23
C ALA C 111 28.20 36.44 -25.27
N ARG C 112 27.06 37.12 -25.24
CA ARG C 112 26.91 38.25 -24.34
C ARG C 112 26.41 37.83 -22.95
N TRP C 113 25.34 37.03 -22.91
CA TRP C 113 24.68 36.71 -21.63
C TRP C 113 25.57 35.90 -20.70
N TYR C 114 26.31 34.90 -21.22
CA TYR C 114 26.90 33.95 -20.28
C TYR C 114 28.08 34.57 -19.53
N PRO C 115 28.97 35.35 -20.15
CA PRO C 115 29.98 36.05 -19.34
C PRO C 115 29.35 37.04 -18.39
N GLN C 116 28.25 37.68 -18.79
CA GLN C 116 27.57 38.61 -17.92
C GLN C 116 26.97 37.89 -16.73
N ALA C 117 26.39 36.71 -16.95
CA ALA C 117 25.83 35.92 -15.86
C ALA C 117 26.90 35.50 -14.86
N VAL C 118 28.12 35.26 -15.34
CA VAL C 118 29.23 34.94 -14.44
C VAL C 118 29.63 36.19 -13.66
N ARG C 119 29.84 37.31 -14.38
CA ARG C 119 30.34 38.54 -13.77
C ARG C 119 29.37 39.08 -12.73
N GLU C 120 28.10 39.09 -13.07
CA GLU C 120 27.05 39.67 -12.25
C GLU C 120 26.40 38.66 -11.31
N ARG C 121 26.87 37.42 -11.32
CA ARG C 121 26.39 36.35 -10.43
C ARG C 121 24.88 36.18 -10.51
N TRP C 122 24.41 35.94 -11.73
CA TRP C 122 22.97 35.87 -11.99
C TRP C 122 22.34 34.65 -11.35
N PHE C 123 21.22 34.88 -10.67
CA PHE C 123 20.33 33.86 -10.12
C PHE C 123 19.01 34.03 -10.86
N LEU C 124 18.68 33.07 -11.75
CA LEU C 124 17.56 33.23 -12.66
C LEU C 124 16.23 32.85 -12.00
N GLY C 125 15.22 33.69 -12.22
CA GLY C 125 13.87 33.41 -11.80
C GLY C 125 12.96 33.17 -13.00
N ASN C 126 11.69 32.86 -12.70
CA ASN C 126 10.78 32.33 -13.70
C ASN C 126 9.41 32.97 -13.56
N ALA C 127 8.80 33.36 -14.70
CA ALA C 127 7.42 33.83 -14.72
C ALA C 127 6.76 33.23 -15.97
N SER C 128 6.42 31.94 -15.86
CA SER C 128 5.60 31.14 -16.80
C SER C 128 6.34 29.88 -17.22
N TRP C 138 -3.98 32.09 -21.97
CA TRP C 138 -3.02 32.58 -20.97
C TRP C 138 -3.36 34.00 -20.55
N ARG C 139 -2.98 34.36 -19.31
CA ARG C 139 -3.26 35.70 -18.81
C ARG C 139 -2.33 36.76 -19.37
N VAL C 140 -1.18 36.37 -19.90
CA VAL C 140 -0.11 37.32 -20.23
C VAL C 140 0.10 37.33 -21.74
N THR C 141 -0.09 38.48 -22.33
CA THR C 141 -0.03 38.68 -23.78
C THR C 141 1.18 39.52 -24.14
N ALA C 142 1.66 39.29 -25.37
CA ALA C 142 2.76 40.05 -25.96
C ALA C 142 2.21 40.73 -27.21
N THR C 143 2.20 42.05 -27.21
CA THR C 143 1.68 42.81 -28.35
C THR C 143 2.82 43.49 -29.09
N PRO C 144 2.82 43.48 -30.43
CA PRO C 144 3.95 44.08 -31.15
C PRO C 144 4.17 45.54 -30.82
N LEU C 145 5.42 45.92 -30.75
CA LEU C 145 5.86 47.30 -30.69
C LEU C 145 6.76 47.54 -31.91
N PRO C 146 7.17 48.77 -32.18
CA PRO C 146 8.05 48.99 -33.33
C PRO C 146 9.39 48.30 -33.17
N ASP C 147 10.01 48.02 -34.32
CA ASP C 147 11.37 47.53 -34.39
C ASP C 147 11.52 46.15 -33.77
N GLY C 148 10.43 45.37 -33.75
CA GLY C 148 10.51 43.99 -33.33
C GLY C 148 10.33 43.77 -31.84
N SER C 149 10.12 44.84 -31.08
CA SER C 149 9.89 44.70 -29.65
C SER C 149 8.47 44.23 -29.41
N TYR C 150 8.23 43.77 -28.18
CA TYR C 150 6.91 43.36 -27.73
C TYR C 150 6.60 44.05 -26.41
N GLU C 151 5.31 44.24 -26.16
CA GLU C 151 4.82 44.76 -24.90
C GLU C 151 4.07 43.66 -24.16
N ILE C 152 4.51 43.39 -22.93
CA ILE C 152 3.94 42.33 -22.11
C ILE C 152 2.93 42.92 -21.13
N ASN C 153 1.74 42.33 -21.08
CA ASN C 153 0.68 42.74 -20.16
C ASN C 153 -0.01 41.53 -19.56
N GLY C 154 -0.27 41.59 -18.25
CA GLY C 154 -1.01 40.56 -17.57
C GLY C 154 -0.30 40.14 -16.30
N THR C 155 -0.97 39.25 -15.55
CA THR C 155 -0.42 38.75 -14.30
C THR C 155 -0.17 37.26 -14.40
N LYS C 156 1.06 36.86 -14.09
CA LYS C 156 1.44 35.45 -14.03
C LYS C 156 1.14 34.93 -12.63
N ALA C 157 0.44 33.79 -12.57
CA ALA C 157 -0.13 33.29 -11.32
C ALA C 157 0.94 32.87 -10.34
N PHE C 158 1.76 31.90 -10.73
CA PHE C 158 2.85 31.39 -9.92
C PHE C 158 4.13 31.64 -10.70
N CYS C 159 5.13 32.21 -10.02
CA CYS C 159 6.37 32.67 -10.65
C CYS C 159 7.54 32.26 -9.75
N SER C 160 8.01 31.04 -9.97
CA SER C 160 9.03 30.43 -9.14
C SER C 160 10.28 31.31 -9.06
N GLY C 161 10.71 31.61 -7.85
CA GLY C 161 11.96 32.33 -7.68
C GLY C 161 11.93 33.73 -8.25
N SER C 162 10.77 34.39 -8.20
CA SER C 162 10.62 35.69 -8.86
C SER C 162 11.12 36.86 -8.05
N ALA C 163 11.50 36.66 -6.78
CA ALA C 163 12.10 37.70 -5.97
C ALA C 163 13.61 37.63 -6.04
N ASP C 164 14.27 38.79 -5.98
CA ASP C 164 15.73 38.84 -5.97
C ASP C 164 16.32 38.14 -7.20
N ALA C 165 15.60 38.16 -8.31
CA ALA C 165 16.04 37.50 -9.54
C ALA C 165 16.79 38.50 -10.42
N ASP C 166 18.01 38.14 -10.82
CA ASP C 166 18.75 39.01 -11.73
C ASP C 166 18.10 39.09 -13.10
N ARG C 167 17.53 37.99 -13.58
CA ARG C 167 16.72 38.00 -14.78
C ARG C 167 15.52 37.08 -14.55
N LEU C 168 14.41 37.43 -15.17
CA LEU C 168 13.23 36.57 -15.21
C LEU C 168 13.09 35.96 -16.60
N LEU C 169 12.91 34.64 -16.64
CA LEU C 169 12.44 33.95 -17.84
C LEU C 169 10.92 34.09 -17.92
N VAL C 170 10.44 34.85 -18.90
CA VAL C 170 9.05 35.25 -19.02
C VAL C 170 8.46 34.63 -20.29
N PHE C 171 7.23 34.13 -20.18
CA PHE C 171 6.48 33.61 -21.33
C PHE C 171 5.19 34.39 -21.53
N ALA C 172 4.86 34.61 -22.80
CA ALA C 172 3.64 35.31 -23.14
C ALA C 172 3.12 34.75 -24.47
N VAL C 173 1.87 35.10 -24.77
CA VAL C 173 1.20 34.70 -26.00
C VAL C 173 0.96 35.94 -26.85
N THR C 174 1.35 35.89 -28.12
CA THR C 174 1.22 37.07 -28.96
C THR C 174 -0.24 37.45 -29.15
N SER C 175 -0.47 38.76 -29.24
CA SER C 175 -1.80 39.33 -29.43
C SER C 175 -1.67 40.51 -30.37
N ARG C 176 -2.71 40.73 -31.18
CA ARG C 176 -2.71 41.81 -32.16
C ARG C 176 -1.41 41.81 -32.97
N ASP C 177 -1.05 40.61 -33.43
CA ASP C 177 0.26 40.38 -34.04
C ASP C 177 0.07 40.11 -35.53
N PRO C 178 0.52 41.00 -36.42
CA PRO C 178 0.36 40.71 -37.86
C PRO C 178 1.08 39.45 -38.31
N ASN C 179 2.10 39.01 -37.58
CA ASN C 179 2.85 37.83 -37.94
C ASN C 179 2.30 36.55 -37.31
N GLY C 180 1.14 36.62 -36.63
CA GLY C 180 0.50 35.46 -36.05
C GLY C 180 0.11 35.57 -34.57
N ASP C 181 -1.17 35.38 -34.25
CA ASP C 181 -1.65 35.46 -32.88
C ASP C 181 -1.55 34.09 -32.21
N GLY C 182 -1.49 34.10 -30.87
CA GLY C 182 -1.49 32.87 -30.13
C GLY C 182 -0.15 32.15 -30.06
N ARG C 183 0.93 32.77 -30.53
CA ARG C 183 2.24 32.15 -30.54
C ARG C 183 2.94 32.43 -29.21
N ILE C 184 3.64 31.43 -28.66
CA ILE C 184 4.32 31.60 -27.38
C ILE C 184 5.66 32.29 -27.62
N VAL C 185 5.85 33.44 -26.97
CA VAL C 185 7.14 34.12 -26.93
C VAL C 185 7.74 33.90 -25.56
N ALA C 186 9.05 33.72 -25.53
CA ALA C 186 9.79 33.68 -24.28
C ALA C 186 10.87 34.74 -24.33
N ALA C 187 11.20 35.29 -23.16
CA ALA C 187 12.22 36.33 -23.08
C ALA C 187 12.91 36.26 -21.73
N LEU C 188 14.16 36.72 -21.69
CA LEU C 188 14.95 36.82 -20.48
C LEU C 188 15.18 38.29 -20.20
N ILE C 189 14.54 38.83 -19.16
CA ILE C 189 14.54 40.28 -18.97
C ILE C 189 14.94 40.63 -17.53
N PRO C 190 15.41 41.85 -17.31
CA PRO C 190 15.65 42.31 -15.94
C PRO C 190 14.36 42.34 -15.14
N SER C 191 14.48 41.99 -13.86
CA SER C 191 13.29 41.97 -13.02
C SER C 191 12.84 43.36 -12.63
N ASP C 192 13.71 44.36 -12.77
CA ASP C 192 13.36 45.74 -12.45
C ASP C 192 13.07 46.58 -13.68
N ARG C 193 12.92 45.94 -14.84
CA ARG C 193 12.39 46.61 -16.03
C ARG C 193 11.07 47.30 -15.68
N ALA C 194 10.91 48.53 -16.17
CA ALA C 194 9.69 49.28 -15.91
C ALA C 194 8.45 48.46 -16.24
N GLY C 195 7.49 48.44 -15.30
CA GLY C 195 6.25 47.73 -15.49
C GLY C 195 6.21 46.33 -14.90
N VAL C 196 7.34 45.81 -14.45
CA VAL C 196 7.37 44.50 -13.80
C VAL C 196 7.10 44.72 -12.31
N GLN C 197 6.04 44.12 -11.79
CA GLN C 197 5.69 44.21 -10.36
C GLN C 197 5.62 42.80 -9.78
N VAL C 198 6.64 42.43 -9.03
CA VAL C 198 6.64 41.20 -8.23
C VAL C 198 5.75 41.45 -7.02
N ASN C 199 4.65 40.69 -6.91
CA ASN C 199 3.61 41.05 -5.96
C ASN C 199 3.87 40.55 -4.53
N GLY C 200 4.79 39.62 -4.33
CA GLY C 200 5.13 39.21 -2.97
C GLY C 200 3.98 38.58 -2.21
N ASP C 201 3.14 37.80 -2.88
CA ASP C 201 1.95 37.22 -2.29
C ASP C 201 2.06 35.71 -2.09
N TRP C 202 3.26 35.18 -1.98
CA TRP C 202 3.46 33.74 -1.77
C TRP C 202 3.36 33.45 -0.28
N ASP C 203 2.39 32.62 0.08
CA ASP C 203 2.18 32.27 1.49
C ASP C 203 1.62 30.84 1.49
N SER C 204 2.54 29.87 1.51
CA SER C 204 2.24 28.50 1.12
C SER C 204 2.37 27.55 2.30
N LEU C 205 1.84 26.34 2.11
CA LEU C 205 1.97 25.29 3.12
C LEU C 205 3.43 24.93 3.32
N GLY C 206 4.12 24.61 2.23
CA GLY C 206 5.53 24.30 2.23
C GLY C 206 6.18 25.00 1.05
N MET C 207 7.46 24.72 0.85
CA MET C 207 8.26 25.48 -0.14
C MET C 207 8.14 26.97 0.14
N ARG C 208 8.17 27.35 1.43
CA ARG C 208 7.71 28.69 1.81
C ARG C 208 8.66 29.81 1.43
N GLN C 209 9.93 29.52 1.11
CA GLN C 209 10.86 30.58 0.72
C GLN C 209 11.22 30.54 -0.77
N THR C 210 10.33 30.03 -1.61
CA THR C 210 10.60 29.98 -3.05
C THR C 210 10.07 31.19 -3.79
N ASP C 211 9.37 32.08 -3.10
CA ASP C 211 8.82 33.28 -3.70
C ASP C 211 8.11 32.96 -5.02
N SER C 212 7.17 32.01 -4.95
CA SER C 212 6.45 31.53 -6.12
C SER C 212 5.10 32.20 -6.29
N GLY C 213 4.99 33.48 -5.92
CA GLY C 213 3.76 34.22 -6.06
C GLY C 213 3.59 34.82 -7.44
N SER C 214 2.72 35.83 -7.51
CA SER C 214 2.32 36.39 -8.79
C SER C 214 3.22 37.56 -9.18
N VAL C 215 3.28 37.82 -10.48
CA VAL C 215 4.02 38.94 -11.05
C VAL C 215 3.10 39.60 -12.06
N THR C 216 2.96 40.92 -11.96
CA THR C 216 2.06 41.66 -12.82
C THR C 216 2.90 42.47 -13.80
N PHE C 217 2.58 42.33 -15.09
CA PHE C 217 3.27 43.03 -16.17
C PHE C 217 2.37 44.13 -16.69
N SER C 218 2.83 45.37 -16.60
CA SER C 218 2.09 46.54 -17.07
C SER C 218 2.95 47.23 -18.13
N GLY C 219 2.59 47.02 -19.39
CA GLY C 219 3.31 47.67 -20.49
C GLY C 219 4.80 47.41 -20.49
N VAL C 220 5.20 46.17 -20.21
CA VAL C 220 6.61 45.84 -20.10
C VAL C 220 7.19 45.63 -21.50
N VAL C 221 8.26 46.36 -21.80
CA VAL C 221 8.92 46.28 -23.09
C VAL C 221 9.91 45.12 -23.06
N VAL C 222 9.89 44.32 -24.12
CA VAL C 222 10.86 43.26 -24.34
C VAL C 222 11.51 43.51 -25.70
N TYR C 223 12.81 43.51 -25.73
CA TYR C 223 13.54 43.84 -26.94
C TYR C 223 13.88 42.57 -27.72
N PRO C 224 14.09 42.69 -29.03
CA PRO C 224 14.47 41.50 -29.82
C PRO C 224 15.68 40.76 -29.28
N ASP C 225 16.71 41.44 -28.76
CA ASP C 225 17.87 40.71 -28.27
C ASP C 225 17.62 40.03 -26.93
N GLU C 226 16.41 40.13 -26.40
CA GLU C 226 16.00 39.42 -25.20
C GLU C 226 15.08 38.23 -25.50
N LEU C 227 14.58 38.12 -26.72
CA LEU C 227 13.67 37.05 -27.09
C LEU C 227 14.41 35.75 -27.31
N LEU C 228 13.83 34.65 -26.83
CA LEU C 228 14.45 33.33 -26.94
C LEU C 228 13.78 32.61 -28.11
N GLY C 229 14.34 32.80 -29.29
CA GLY C 229 13.76 32.30 -30.51
C GLY C 229 12.59 33.14 -30.94
N THR C 230 12.01 32.76 -32.06
CA THR C 230 10.88 33.47 -32.60
C THR C 230 9.59 33.00 -31.93
N PRO C 231 8.55 33.81 -32.00
CA PRO C 231 7.28 33.41 -31.39
C PRO C 231 6.78 32.11 -32.01
N GLY C 232 6.37 31.18 -31.16
CA GLY C 232 5.91 29.88 -31.60
C GLY C 232 7.00 28.86 -31.78
N GLN C 233 8.27 29.26 -31.72
CA GLN C 233 9.37 28.32 -31.94
C GLN C 233 9.35 27.18 -30.92
N VAL C 234 9.06 27.49 -29.65
CA VAL C 234 9.08 26.45 -28.63
C VAL C 234 8.05 25.37 -28.97
N THR C 235 6.89 25.77 -29.49
CA THR C 235 5.85 24.82 -29.84
C THR C 235 6.31 23.88 -30.94
N ASP C 236 6.98 24.43 -31.97
CA ASP C 236 7.55 23.60 -33.04
C ASP C 236 8.67 22.72 -32.53
N ALA C 237 9.55 23.28 -31.69
CA ALA C 237 10.69 22.51 -31.20
C ALA C 237 10.24 21.33 -30.36
N PHE C 238 9.25 21.54 -29.50
CA PHE C 238 8.76 20.45 -28.66
C PHE C 238 8.03 19.40 -29.50
N ALA C 239 7.13 19.84 -30.37
CA ALA C 239 6.32 18.89 -31.14
C ALA C 239 7.15 18.09 -32.12
N SER C 240 8.23 18.70 -32.66
CA SER C 240 9.13 18.03 -33.58
C SER C 240 10.12 17.11 -32.90
N GLY C 241 10.33 17.26 -31.60
CA GLY C 241 11.41 16.53 -30.97
C GLY C 241 12.80 17.03 -31.30
N SER C 242 12.93 18.29 -31.72
CA SER C 242 14.27 18.84 -31.88
C SER C 242 14.91 19.02 -30.49
N LYS C 243 16.16 19.47 -30.46
CA LYS C 243 16.94 19.44 -29.23
C LYS C 243 16.25 20.12 -28.05
N PRO C 244 15.55 21.25 -28.21
CA PRO C 244 14.90 21.86 -27.05
C PRO C 244 13.86 20.96 -26.38
N SER C 245 13.37 19.92 -27.07
CA SER C 245 12.44 18.98 -26.43
C SER C 245 13.06 18.25 -25.24
N LEU C 246 14.37 18.40 -25.00
CA LEU C 246 14.98 17.90 -23.78
C LEU C 246 14.59 18.72 -22.56
N TRP C 247 14.05 19.92 -22.74
CA TRP C 247 13.84 20.81 -21.60
C TRP C 247 12.94 20.15 -20.55
N THR C 248 11.88 19.47 -20.99
CA THR C 248 10.93 18.92 -20.02
C THR C 248 11.50 17.74 -19.24
N PRO C 249 12.11 16.72 -19.87
CA PRO C 249 12.72 15.68 -19.03
C PRO C 249 13.80 16.23 -18.11
N ILE C 250 14.60 17.19 -18.58
CA ILE C 250 15.60 17.82 -17.72
C ILE C 250 14.91 18.40 -16.47
N THR C 251 13.82 19.12 -16.68
CA THR C 251 13.20 19.85 -15.59
C THR C 251 12.42 18.92 -14.67
N GLN C 252 11.75 17.93 -15.24
CA GLN C 252 11.05 16.94 -14.42
C GLN C 252 12.02 16.11 -13.60
N LEU C 253 13.25 15.90 -14.10
CA LEU C 253 14.26 15.24 -13.29
C LEU C 253 14.82 16.14 -12.21
N ILE C 254 14.81 17.46 -12.43
CA ILE C 254 15.14 18.39 -11.34
C ILE C 254 14.12 18.24 -10.20
N PHE C 255 12.84 18.22 -10.54
CA PHE C 255 11.81 17.96 -9.52
C PHE C 255 12.06 16.63 -8.80
N THR C 256 12.37 15.58 -9.55
CA THR C 256 12.64 14.28 -8.96
C THR C 256 13.75 14.36 -7.91
N HIS C 257 14.81 15.10 -8.21
CA HIS C 257 15.92 15.22 -7.26
C HIS C 257 15.55 16.07 -6.07
N LEU C 258 14.63 17.04 -6.22
CA LEU C 258 14.10 17.71 -5.04
C LEU C 258 13.39 16.73 -4.12
N TYR C 259 12.60 15.83 -4.69
CA TYR C 259 11.84 14.89 -3.86
C TYR C 259 12.75 13.88 -3.19
N LEU C 260 13.76 13.40 -3.91
CA LEU C 260 14.70 12.47 -3.31
C LEU C 260 15.53 13.16 -2.23
N GLY C 261 15.88 14.44 -2.45
CA GLY C 261 16.62 15.18 -1.43
C GLY C 261 15.82 15.37 -0.15
N ILE C 262 14.55 15.77 -0.28
CA ILE C 262 13.68 15.90 0.87
C ILE C 262 13.57 14.56 1.59
N ALA C 263 13.41 13.49 0.82
CA ALA C 263 13.25 12.16 1.42
C ALA C 263 14.47 11.77 2.24
N ARG C 264 15.67 11.98 1.68
CA ARG C 264 16.89 11.66 2.40
C ARG C 264 17.03 12.56 3.62
N GLY C 265 16.76 13.84 3.48
CA GLY C 265 16.87 14.73 4.63
C GLY C 265 15.93 14.33 5.74
N ALA C 266 14.69 13.97 5.38
CA ALA C 266 13.71 13.58 6.39
C ALA C 266 14.13 12.31 7.09
N LEU C 267 14.62 11.33 6.31
CA LEU C 267 15.03 10.05 6.88
C LEU C 267 16.20 10.23 7.85
N GLU C 268 17.19 11.04 7.47
CA GLU C 268 18.35 11.26 8.33
C GLU C 268 17.97 12.05 9.58
N GLU C 269 17.07 13.02 9.46
CA GLU C 269 16.63 13.81 10.60
C GLU C 269 15.84 12.94 11.57
N ALA C 270 14.96 12.09 11.04
CA ALA C 270 14.20 11.18 11.89
C ALA C 270 15.14 10.23 12.63
N ALA C 271 16.13 9.68 11.92
CA ALA C 271 17.03 8.73 12.56
C ALA C 271 17.82 9.39 13.69
N HIS C 272 18.21 10.65 13.50
CA HIS C 272 18.87 11.38 14.57
C HIS C 272 17.96 11.50 15.79
N TYR C 273 16.69 11.84 15.57
CA TYR C 273 15.74 11.91 16.67
C TYR C 273 15.56 10.56 17.34
N SER C 274 15.42 9.48 16.55
CA SER C 274 15.21 8.16 17.13
C SER C 274 16.38 7.76 18.00
N ARG C 275 17.58 8.11 17.57
CA ARG C 275 18.76 7.73 18.36
C ARG C 275 18.86 8.53 19.64
N SER C 276 18.42 9.79 19.64
CA SER C 276 18.68 10.62 20.80
C SER C 276 17.46 10.90 21.67
N HIS C 277 16.25 10.77 21.14
CA HIS C 277 15.08 11.23 21.91
C HIS C 277 13.98 10.19 22.07
N SER C 278 13.83 9.27 21.12
CA SER C 278 12.71 8.34 21.21
C SER C 278 12.82 7.49 22.47
N ARG C 279 11.67 7.23 23.09
CA ARG C 279 11.59 6.35 24.24
C ARG C 279 11.16 4.95 23.81
N PRO C 280 11.72 3.89 24.37
CA PRO C 280 11.24 2.54 24.02
C PRO C 280 9.84 2.33 24.57
N PHE C 281 9.09 1.45 23.91
CA PHE C 281 7.74 1.16 24.40
C PHE C 281 7.83 0.18 25.55
N VAL C 286 10.83 -3.88 25.20
CA VAL C 286 11.89 -3.20 24.45
C VAL C 286 12.70 -2.28 25.36
N GLU C 287 14.02 -2.42 25.32
CA GLU C 287 14.91 -1.62 26.14
C GLU C 287 15.38 -0.34 25.45
N LYS C 288 15.49 -0.35 24.12
CA LYS C 288 15.91 0.83 23.36
C LYS C 288 15.04 0.95 22.11
N ALA C 289 14.58 2.16 21.82
CA ALA C 289 13.77 2.39 20.63
C ALA C 289 14.51 1.95 19.37
N THR C 290 15.83 2.14 19.34
CA THR C 290 16.63 1.79 18.17
C THR C 290 16.76 0.29 17.97
N GLU C 291 16.31 -0.51 18.93
CA GLU C 291 16.29 -1.96 18.78
C GLU C 291 14.88 -2.48 18.58
N ASP C 292 13.90 -1.61 18.51
CA ASP C 292 12.53 -2.04 18.36
C ASP C 292 12.33 -2.64 16.97
N PRO C 293 11.70 -3.80 16.86
CA PRO C 293 11.62 -4.44 15.53
C PRO C 293 10.80 -3.64 14.54
N TYR C 294 9.81 -2.89 15.01
CA TYR C 294 8.93 -2.18 14.11
C TYR C 294 9.49 -0.82 13.73
N VAL C 295 10.22 -0.18 14.65
CA VAL C 295 11.01 1.00 14.29
C VAL C 295 12.01 0.62 13.20
N LEU C 296 12.73 -0.48 13.41
CA LEU C 296 13.74 -0.89 12.44
C LEU C 296 13.12 -1.20 11.08
N ALA C 297 11.90 -1.77 11.08
CA ALA C 297 11.25 -2.10 9.81
C ALA C 297 10.88 -0.83 9.04
N ILE C 298 10.44 0.21 9.74
CA ILE C 298 10.12 1.48 9.08
C ILE C 298 11.37 2.08 8.43
N TYR C 299 12.47 2.19 9.19
CA TYR C 299 13.70 2.71 8.60
C TYR C 299 14.19 1.83 7.45
N GLY C 300 14.05 0.52 7.57
CA GLY C 300 14.55 -0.37 6.53
C GLY C 300 13.73 -0.28 5.25
N GLU C 301 12.41 -0.22 5.38
CA GLU C 301 11.54 -0.11 4.19
C GLU C 301 11.86 1.15 3.42
N PHE C 302 11.94 2.28 4.11
CA PHE C 302 12.13 3.55 3.42
C PHE C 302 13.57 3.74 2.96
N ALA C 303 14.56 3.35 3.76
CA ALA C 303 15.95 3.47 3.31
C ALA C 303 16.22 2.58 2.10
N ALA C 304 15.59 1.39 2.06
CA ALA C 304 15.76 0.49 0.91
C ALA C 304 15.20 1.13 -0.35
N GLN C 305 13.99 1.69 -0.26
CA GLN C 305 13.40 2.31 -1.43
C GLN C 305 14.18 3.54 -1.84
N LEU C 306 14.67 4.31 -0.86
CA LEU C 306 15.48 5.48 -1.18
C LEU C 306 16.76 5.09 -1.91
N GLN C 307 17.47 4.08 -1.41
CA GLN C 307 18.70 3.64 -2.07
C GLN C 307 18.43 3.29 -3.53
N VAL C 308 17.38 2.50 -3.78
CA VAL C 308 17.09 2.06 -5.14
C VAL C 308 16.73 3.26 -6.01
N ALA C 309 15.89 4.16 -5.50
CA ALA C 309 15.48 5.34 -6.25
C ALA C 309 16.66 6.25 -6.58
N GLU C 310 17.56 6.44 -5.60
CA GLU C 310 18.72 7.30 -5.83
C GLU C 310 19.67 6.68 -6.85
N ALA C 311 19.92 5.38 -6.74
CA ALA C 311 20.78 4.71 -7.72
C ALA C 311 20.18 4.81 -9.11
N GLY C 312 18.86 4.65 -9.20
CA GLY C 312 18.21 4.78 -10.48
C GLY C 312 18.29 6.19 -11.02
N ALA C 313 18.18 7.18 -10.14
CA ALA C 313 18.20 8.56 -10.59
C ALA C 313 19.57 8.95 -11.12
N ARG C 314 20.64 8.39 -10.55
CA ARG C 314 21.97 8.66 -11.08
C ARG C 314 22.07 8.21 -12.55
N GLU C 315 21.47 7.05 -12.87
CA GLU C 315 21.57 6.55 -14.24
C GLU C 315 20.84 7.47 -15.22
N VAL C 316 19.66 7.93 -14.84
CA VAL C 316 18.88 8.79 -15.73
C VAL C 316 19.57 10.14 -15.90
N ALA C 317 20.19 10.64 -14.83
CA ALA C 317 20.95 11.88 -14.93
C ALA C 317 22.09 11.75 -15.95
N LEU C 318 22.76 10.59 -15.96
CA LEU C 318 23.83 10.37 -16.93
C LEU C 318 23.30 10.39 -18.35
N ARG C 319 22.10 9.85 -18.56
CA ARG C 319 21.50 9.84 -19.88
C ARG C 319 21.12 11.25 -20.32
N VAL C 320 20.64 12.08 -19.39
CA VAL C 320 20.42 13.50 -19.68
C VAL C 320 21.69 14.12 -20.27
N GLN C 321 22.82 13.92 -19.60
CA GLN C 321 24.07 14.49 -20.09
C GLN C 321 24.41 13.97 -21.48
N GLU C 322 24.24 12.67 -21.69
CA GLU C 322 24.61 12.05 -22.96
C GLU C 322 23.82 12.66 -24.11
N LEU C 323 22.51 12.83 -23.92
CA LEU C 323 21.66 13.41 -24.95
C LEU C 323 21.84 14.92 -25.05
N TRP C 324 22.16 15.57 -23.94
CA TRP C 324 22.49 17.00 -23.96
C TRP C 324 23.64 17.30 -24.90
N GLU C 325 24.59 16.37 -25.01
CA GLU C 325 25.77 16.55 -25.85
C GLU C 325 25.50 16.19 -27.31
N ARG C 326 24.37 15.58 -27.62
CA ARG C 326 24.09 15.16 -28.98
C ARG C 326 23.62 16.35 -29.80
N ASN C 327 23.91 16.30 -31.08
CA ASN C 327 23.44 17.36 -31.96
C ASN C 327 21.96 17.16 -32.29
N HIS C 328 21.55 15.91 -32.46
CA HIS C 328 20.16 15.58 -32.74
C HIS C 328 19.74 14.43 -31.82
N VAL C 329 18.55 14.55 -31.25
CA VAL C 329 17.95 13.53 -30.42
C VAL C 329 16.71 13.01 -31.12
N THR C 330 16.64 11.69 -31.32
CA THR C 330 15.50 11.11 -31.98
C THR C 330 14.26 11.09 -31.07
N PRO C 331 13.07 10.99 -31.64
CA PRO C 331 11.87 10.87 -30.78
C PRO C 331 11.94 9.67 -29.85
N GLU C 332 12.56 8.57 -30.28
CA GLU C 332 12.66 7.42 -29.41
C GLU C 332 13.65 7.68 -28.27
N GLN C 333 14.73 8.42 -28.54
CA GLN C 333 15.67 8.72 -27.48
C GLN C 333 15.05 9.70 -26.46
N ARG C 334 14.36 10.73 -26.96
CA ARG C 334 13.69 11.68 -26.08
C ARG C 334 12.53 11.03 -25.34
N GLY C 335 11.75 10.21 -26.05
CA GLY C 335 10.62 9.53 -25.43
C GLY C 335 11.06 8.57 -24.35
N GLN C 336 12.08 7.75 -24.63
CA GLN C 336 12.60 6.85 -23.61
C GLN C 336 13.12 7.64 -22.41
N LEU C 337 13.83 8.73 -22.64
CA LEU C 337 14.33 9.53 -21.53
C LEU C 337 13.17 10.05 -20.70
N MET C 338 12.14 10.60 -21.35
CA MET C 338 11.02 11.17 -20.61
C MET C 338 10.29 10.09 -19.81
N VAL C 339 10.16 8.89 -20.38
CA VAL C 339 9.56 7.77 -19.64
C VAL C 339 10.40 7.43 -18.43
N GLN C 340 11.72 7.38 -18.59
CA GLN C 340 12.59 7.06 -17.45
C GLN C 340 12.51 8.16 -16.40
N VAL C 341 12.46 9.42 -16.83
CA VAL C 341 12.32 10.54 -15.88
C VAL C 341 10.98 10.48 -15.16
N ALA C 342 9.89 10.30 -15.93
CA ALA C 342 8.56 10.19 -15.31
C ALA C 342 8.51 9.04 -14.32
N SER C 343 9.13 7.90 -14.68
CA SER C 343 9.19 6.77 -13.77
C SER C 343 9.89 7.13 -12.47
N ALA C 344 11.07 7.74 -12.56
CA ALA C 344 11.79 8.19 -11.39
C ALA C 344 10.97 9.15 -10.56
N LYS C 345 10.27 10.08 -11.22
CA LYS C 345 9.47 11.06 -10.48
C LYS C 345 8.31 10.40 -9.75
N ILE C 346 7.64 9.43 -10.39
CA ILE C 346 6.54 8.70 -9.77
C ILE C 346 7.03 8.01 -8.50
N VAL C 347 8.12 7.26 -8.61
CA VAL C 347 8.64 6.53 -7.46
C VAL C 347 9.08 7.50 -6.36
N ALA C 348 9.78 8.58 -6.75
CA ALA C 348 10.22 9.55 -5.76
C ALA C 348 9.05 10.25 -5.08
N THR C 349 7.98 10.53 -5.84
CA THR C 349 6.80 11.17 -5.28
C THR C 349 6.14 10.30 -4.23
N ARG C 350 5.85 9.04 -4.58
CA ARG C 350 5.22 8.14 -3.62
C ARG C 350 6.08 7.97 -2.40
N LEU C 351 7.38 7.81 -2.61
CA LEU C 351 8.31 7.62 -1.51
C LEU C 351 8.30 8.79 -0.55
N VAL C 352 8.51 10.01 -1.06
CA VAL C 352 8.68 11.13 -0.15
C VAL C 352 7.37 11.44 0.59
N ILE C 353 6.24 11.27 -0.07
CA ILE C 353 4.97 11.56 0.58
C ILE C 353 4.69 10.56 1.67
N GLU C 354 5.00 9.28 1.45
CA GLU C 354 4.74 8.31 2.50
C GLU C 354 5.73 8.46 3.66
N LEU C 355 7.01 8.59 3.32
CA LEU C 355 8.07 8.65 4.32
C LEU C 355 7.92 9.84 5.26
N THR C 356 7.65 11.03 4.70
CA THR C 356 7.62 12.21 5.55
C THR C 356 6.45 12.19 6.54
N SER C 357 5.42 11.39 6.26
CA SER C 357 4.32 11.20 7.20
C SER C 357 4.56 10.01 8.14
N ARG C 358 4.95 8.87 7.58
CA ARG C 358 5.00 7.64 8.35
C ARG C 358 6.19 7.58 9.29
N LEU C 359 7.23 8.41 9.09
CA LEU C 359 8.39 8.33 9.98
C LEU C 359 8.05 8.77 11.40
N TYR C 360 6.97 9.53 11.60
CA TYR C 360 6.52 9.85 12.95
C TYR C 360 6.27 8.59 13.76
N GLU C 361 5.79 7.53 13.10
CA GLU C 361 5.51 6.27 13.79
C GLU C 361 6.79 5.59 14.29
N ALA C 362 7.92 5.92 13.70
CA ALA C 362 9.21 5.44 14.23
C ALA C 362 9.80 6.36 15.29
N MET C 363 9.35 7.60 15.38
CA MET C 363 9.90 8.55 16.35
C MET C 363 9.08 8.61 17.63
N GLY C 364 7.76 8.54 17.54
CA GLY C 364 6.91 8.54 18.71
C GLY C 364 6.18 9.86 18.90
N ALA C 365 5.32 9.85 19.93
CA ALA C 365 4.38 10.94 20.16
C ALA C 365 5.09 12.26 20.40
N ARG C 366 6.23 12.24 21.08
CA ARG C 366 6.87 13.51 21.44
C ARG C 366 7.39 14.26 20.22
N ALA C 367 7.59 13.57 19.10
CA ALA C 367 8.01 14.26 17.87
C ALA C 367 6.92 15.17 17.33
N ALA C 368 5.66 14.84 17.57
CA ALA C 368 4.56 15.70 17.17
C ALA C 368 4.10 16.60 18.30
N ALA C 369 4.30 16.17 19.55
CA ALA C 369 3.83 16.96 20.69
C ALA C 369 4.58 18.28 20.79
N SER C 370 5.84 18.30 20.39
CA SER C 370 6.65 19.51 20.40
C SER C 370 6.69 20.08 18.99
N ARG C 371 5.86 21.11 18.75
CA ARG C 371 5.82 21.70 17.42
C ARG C 371 7.19 22.17 16.99
N GLN C 372 7.98 22.69 17.95
CA GLN C 372 9.27 23.29 17.63
C GLN C 372 10.25 22.31 16.97
N PHE C 373 10.08 21.01 17.18
CA PHE C 373 10.93 20.05 16.47
C PHE C 373 10.89 20.32 14.96
N GLY C 374 9.73 20.71 14.46
CA GLY C 374 9.62 21.17 13.08
C GLY C 374 9.77 20.12 12.01
N PHE C 375 9.66 18.83 12.36
CA PHE C 375 9.85 17.76 11.39
C PHE C 375 8.80 17.78 10.28
N ASP C 376 7.64 18.36 10.52
CA ASP C 376 6.58 18.41 9.53
C ASP C 376 6.94 19.27 8.33
N ARG C 377 8.00 20.05 8.43
CA ARG C 377 8.49 20.82 7.28
C ARG C 377 8.76 19.92 6.09
N PHE C 378 9.31 18.72 6.31
CA PHE C 378 9.59 17.84 5.18
C PHE C 378 8.31 17.43 4.46
N TRP C 379 7.28 17.02 5.21
CA TRP C 379 6.00 16.68 4.59
C TRP C 379 5.38 17.90 3.92
N ARG C 380 5.40 19.04 4.60
CA ARG C 380 4.81 20.22 4.02
C ARG C 380 5.49 20.59 2.70
N ASP C 381 6.82 20.56 2.67
CA ASP C 381 7.56 20.89 1.45
C ASP C 381 7.25 19.90 0.34
N ALA C 382 7.34 18.61 0.64
CA ALA C 382 7.09 17.57 -0.36
C ALA C 382 5.64 17.58 -0.81
N ARG C 383 4.69 17.73 0.13
CA ARG C 383 3.28 17.72 -0.24
C ARG C 383 2.96 18.89 -1.16
N THR C 384 3.61 20.03 -0.95
CA THR C 384 3.37 21.19 -1.80
C THR C 384 3.93 20.96 -3.21
N HIS C 385 5.21 20.59 -3.30
CA HIS C 385 5.87 20.61 -4.60
C HIS C 385 5.45 19.44 -5.49
N THR C 386 5.14 18.28 -4.89
CA THR C 386 4.74 17.13 -5.69
C THR C 386 3.44 17.35 -6.45
N LEU C 387 2.70 18.42 -6.15
CA LEU C 387 1.46 18.74 -6.84
C LEU C 387 1.66 19.63 -8.06
N HIS C 388 2.91 20.02 -8.34
CA HIS C 388 3.23 20.89 -9.48
C HIS C 388 2.50 20.46 -10.75
N ASP C 389 2.59 19.18 -11.07
CA ASP C 389 1.75 18.57 -12.09
C ASP C 389 1.36 17.19 -11.57
N PRO C 390 0.20 16.70 -11.97
CA PRO C 390 -0.38 15.54 -11.28
C PRO C 390 0.34 14.24 -11.59
N VAL C 391 0.74 13.54 -10.53
CA VAL C 391 1.46 12.29 -10.69
C VAL C 391 0.59 11.26 -11.38
N ALA C 392 -0.74 11.39 -11.28
CA ALA C 392 -1.61 10.42 -11.93
C ALA C 392 -1.41 10.43 -13.43
N TYR C 393 -1.12 11.59 -14.01
CA TYR C 393 -0.92 11.67 -15.44
C TYR C 393 0.51 11.32 -15.86
N LYS C 394 1.49 11.49 -14.97
CA LYS C 394 2.79 10.84 -15.19
C LYS C 394 2.64 9.33 -15.26
N ILE C 395 1.90 8.75 -14.31
CA ILE C 395 1.60 7.33 -14.33
C ILE C 395 0.93 6.93 -15.63
N ARG C 396 -0.08 7.70 -16.05
CA ARG C 396 -0.77 7.38 -17.30
C ARG C 396 0.18 7.43 -18.48
N GLU C 397 1.07 8.43 -18.50
CA GLU C 397 2.06 8.53 -19.59
C GLU C 397 2.98 7.31 -19.62
N VAL C 398 3.44 6.84 -18.46
CA VAL C 398 4.27 5.65 -18.46
C VAL C 398 3.46 4.44 -18.91
N GLY C 399 2.19 4.36 -18.49
CA GLY C 399 1.38 3.21 -18.86
C GLY C 399 1.05 3.21 -20.34
N ASN C 400 0.79 4.39 -20.89
CA ASN C 400 0.51 4.51 -22.32
C ASN C 400 1.73 4.10 -23.13
N TRP C 401 2.92 4.42 -22.65
CA TRP C 401 4.15 3.97 -23.31
C TRP C 401 4.25 2.45 -23.25
N PHE C 402 4.15 1.88 -22.06
CA PHE C 402 4.42 0.46 -21.90
C PHE C 402 3.37 -0.38 -22.61
N LEU C 403 2.10 -0.01 -22.48
CA LEU C 403 1.02 -0.81 -23.05
C LEU C 403 0.85 -0.55 -24.53
N ASN C 404 0.85 0.72 -24.93
CA ASN C 404 0.51 1.10 -26.30
C ASN C 404 1.69 1.56 -27.14
N HIS C 405 2.90 1.55 -26.58
CA HIS C 405 4.09 1.96 -27.33
C HIS C 405 4.03 3.41 -27.74
N ARG C 406 3.27 4.23 -27.02
CA ARG C 406 3.12 5.65 -27.33
C ARG C 406 3.97 6.46 -26.36
N PHE C 407 4.94 7.20 -26.89
CA PHE C 407 5.72 8.09 -26.05
C PHE C 407 4.88 9.33 -25.69
N PRO C 408 5.19 9.99 -24.58
CA PRO C 408 4.38 11.14 -24.20
C PRO C 408 4.53 12.24 -25.23
N THR C 409 3.44 12.96 -25.42
CA THR C 409 3.43 14.12 -26.30
C THR C 409 4.19 15.25 -25.64
N PRO C 410 5.30 15.73 -26.21
CA PRO C 410 6.06 16.79 -25.54
C PRO C 410 5.19 18.00 -25.25
N SER C 411 5.38 18.55 -24.06
CA SER C 411 4.69 19.76 -23.62
C SER C 411 5.55 20.41 -22.55
N PHE C 412 5.03 21.42 -21.88
CA PHE C 412 5.76 21.95 -20.72
C PHE C 412 5.68 21.01 -19.51
N TYR C 413 4.94 19.92 -19.59
CA TYR C 413 4.81 18.98 -18.48
C TYR C 413 5.15 17.54 -18.84
N SER C 414 5.30 17.22 -20.13
CA SER C 414 5.60 15.86 -20.56
C SER C 414 6.44 15.86 -21.83
N HIS D 15 -32.44 10.71 18.73
CA HIS D 15 -31.86 11.54 17.67
C HIS D 15 -31.60 12.96 18.14
N ARG D 16 -32.25 13.35 19.24
CA ARG D 16 -32.11 14.72 19.71
C ARG D 16 -30.67 15.03 20.14
N ALA D 17 -30.01 14.09 20.84
CA ALA D 17 -28.65 14.37 21.28
C ALA D 17 -27.70 14.50 20.09
N LEU D 18 -27.89 13.65 19.08
CA LEU D 18 -27.06 13.72 17.89
C LEU D 18 -27.32 15.00 17.10
N ASP D 19 -28.55 15.51 17.11
CA ASP D 19 -28.82 16.80 16.48
C ASP D 19 -28.09 17.92 17.20
N VAL D 20 -28.04 17.86 18.53
CA VAL D 20 -27.33 18.89 19.30
C VAL D 20 -25.85 18.85 18.96
N ALA D 21 -25.27 17.65 18.88
CA ALA D 21 -23.86 17.54 18.53
C ALA D 21 -23.60 18.03 17.11
N THR D 22 -24.50 17.72 16.18
CA THR D 22 -24.33 18.17 14.80
C THR D 22 -24.34 19.68 14.72
N GLU D 23 -25.23 20.33 15.47
CA GLU D 23 -25.29 21.78 15.45
C GLU D 23 -24.06 22.39 16.10
N LEU D 24 -23.59 21.80 17.20
CA LEU D 24 -22.34 22.25 17.79
C LEU D 24 -21.20 22.18 16.76
N ALA D 25 -21.09 21.05 16.07
CA ALA D 25 -20.01 20.88 15.12
C ALA D 25 -20.10 21.93 14.01
N LYS D 26 -21.31 22.20 13.53
CA LYS D 26 -21.51 23.23 12.54
C LYS D 26 -20.94 24.57 12.99
N THR D 27 -21.21 24.96 14.25
CA THR D 27 -20.66 26.23 14.72
C THR D 27 -19.14 26.16 14.81
N PHE D 28 -18.60 24.99 15.19
CA PHE D 28 -17.16 24.90 15.39
C PHE D 28 -16.41 25.02 14.07
N ARG D 29 -16.99 24.51 12.96
CA ARG D 29 -16.33 24.61 11.67
C ARG D 29 -16.09 26.06 11.27
N VAL D 30 -16.95 26.97 11.70
CA VAL D 30 -16.84 28.35 11.24
C VAL D 30 -15.54 28.97 11.72
N THR D 31 -15.08 28.59 12.92
CA THR D 31 -14.00 29.27 13.59
C THR D 31 -12.74 28.43 13.79
N VAL D 32 -12.76 27.14 13.43
CA VAL D 32 -11.65 26.27 13.82
C VAL D 32 -10.34 26.72 13.17
N ARG D 33 -10.40 27.15 11.91
CA ARG D 33 -9.16 27.52 11.22
C ARG D 33 -8.39 28.57 12.01
N GLU D 34 -9.07 29.65 12.40
CA GLU D 34 -8.40 30.71 13.15
C GLU D 34 -8.05 30.26 14.57
N ARG D 35 -8.96 29.55 15.24
CA ARG D 35 -8.72 29.18 16.63
C ARG D 35 -7.49 28.27 16.77
N GLU D 36 -7.37 27.24 15.94
CA GLU D 36 -6.34 26.25 16.23
C GLU D 36 -4.94 26.80 15.94
N ARG D 37 -4.82 27.76 15.01
CA ARG D 37 -3.51 28.39 14.82
C ARG D 37 -3.03 29.04 16.11
N ALA D 38 -3.96 29.64 16.88
CA ALA D 38 -3.60 30.30 18.12
C ALA D 38 -3.22 29.30 19.22
N GLY D 39 -3.82 28.12 19.20
CA GLY D 39 -3.53 27.18 20.28
C GLY D 39 -4.30 27.66 21.51
N GLY D 40 -3.79 27.26 22.67
CA GLY D 40 -4.46 27.72 23.87
C GLY D 40 -5.85 27.11 24.03
N THR D 41 -6.63 27.74 24.91
CA THR D 41 -7.83 27.10 25.43
C THR D 41 -9.07 27.60 24.71
N PRO D 42 -9.85 26.73 24.09
CA PRO D 42 -11.07 27.20 23.41
C PRO D 42 -12.23 27.32 24.40
N LYS D 43 -12.11 28.29 25.29
CA LYS D 43 -13.06 28.47 26.38
C LYS D 43 -14.49 28.60 25.88
N ALA D 44 -14.71 29.50 24.91
CA ALA D 44 -16.07 29.74 24.43
C ALA D 44 -16.69 28.45 23.91
N GLU D 45 -15.90 27.63 23.22
CA GLU D 45 -16.44 26.40 22.66
C GLU D 45 -16.70 25.37 23.74
N ARG D 46 -15.81 25.30 24.74
CA ARG D 46 -16.04 24.43 25.87
C ARG D 46 -17.31 24.82 26.61
N ASP D 47 -17.57 26.12 26.73
CA ASP D 47 -18.77 26.60 27.40
C ASP D 47 -20.01 26.27 26.58
N ALA D 48 -19.92 26.35 25.26
CA ALA D 48 -21.03 25.92 24.41
C ALA D 48 -21.35 24.44 24.62
N ILE D 49 -20.31 23.60 24.77
CA ILE D 49 -20.53 22.19 25.08
C ILE D 49 -21.17 22.03 26.45
N ARG D 50 -20.74 22.82 27.43
CA ARG D 50 -21.36 22.82 28.75
C ARG D 50 -22.86 23.14 28.66
N ARG D 51 -23.21 24.18 27.91
CA ARG D 51 -24.62 24.58 27.79
C ARG D 51 -25.44 23.54 27.03
N SER D 52 -24.80 22.73 26.19
CA SER D 52 -25.52 21.76 25.37
C SER D 52 -26.10 20.60 26.18
N GLY D 53 -25.60 20.34 27.38
CA GLY D 53 -25.99 19.18 28.16
C GLY D 53 -25.31 17.89 27.78
N LEU D 54 -24.59 17.85 26.65
CA LEU D 54 -24.05 16.57 26.18
C LEU D 54 -22.97 15.99 27.08
N LEU D 55 -22.32 16.79 27.92
CA LEU D 55 -21.37 16.21 28.86
C LEU D 55 -22.03 15.24 29.84
N THR D 56 -23.37 15.30 29.98
CA THR D 56 -24.13 14.40 30.83
C THR D 56 -24.74 13.22 30.09
N LEU D 57 -24.25 12.92 28.88
CA LEU D 57 -24.87 11.88 28.06
C LEU D 57 -25.02 10.55 28.79
N LEU D 58 -24.00 10.15 29.55
CA LEU D 58 -24.00 8.83 30.14
C LEU D 58 -24.53 8.80 31.57
N ILE D 59 -24.78 9.97 32.16
CA ILE D 59 -25.40 10.02 33.48
C ILE D 59 -26.88 9.64 33.35
N SER D 60 -27.36 8.80 34.26
CA SER D 60 -28.75 8.37 34.19
C SER D 60 -29.69 9.56 34.35
N LYS D 61 -30.89 9.42 33.78
CA LYS D 61 -31.91 10.45 33.95
C LYS D 61 -32.23 10.62 35.43
N GLU D 62 -32.17 9.54 36.20
CA GLU D 62 -32.43 9.62 37.63
C GLU D 62 -31.45 10.55 38.34
N ARG D 63 -30.22 10.64 37.83
CA ARG D 63 -29.22 11.53 38.42
C ARG D 63 -29.12 12.84 37.67
N GLY D 64 -30.09 13.13 36.81
CA GLY D 64 -30.18 14.40 36.13
C GLY D 64 -29.54 14.44 34.77
N GLY D 65 -29.01 13.31 34.28
CA GLY D 65 -28.36 13.25 32.97
C GLY D 65 -29.33 12.91 31.86
N LEU D 66 -28.76 12.60 30.69
CA LEU D 66 -29.55 12.32 29.51
C LEU D 66 -29.91 10.84 29.37
N GLY D 67 -29.29 9.97 30.15
CA GLY D 67 -29.61 8.55 30.08
C GLY D 67 -29.36 7.93 28.73
N GLU D 68 -28.34 8.37 28.02
CA GLU D 68 -28.03 7.90 26.69
C GLU D 68 -26.97 6.80 26.76
N SER D 69 -26.60 6.30 25.60
CA SER D 69 -25.78 5.11 25.46
C SER D 69 -24.44 5.44 24.81
N TRP D 70 -23.51 4.48 24.92
CA TRP D 70 -22.22 4.65 24.26
C TRP D 70 -22.33 4.81 22.75
N PRO D 71 -23.15 4.05 22.02
CA PRO D 71 -23.28 4.35 20.58
C PRO D 71 -23.55 5.82 20.29
N THR D 72 -24.42 6.44 21.08
CA THR D 72 -24.69 7.86 20.88
C THR D 72 -23.47 8.71 21.18
N VAL D 73 -22.77 8.40 22.28
CA VAL D 73 -21.56 9.15 22.65
C VAL D 73 -20.52 9.04 21.53
N TYR D 74 -20.29 7.82 21.05
CA TYR D 74 -19.27 7.64 20.02
C TYR D 74 -19.64 8.39 18.75
N GLU D 75 -20.91 8.35 18.35
CA GLU D 75 -21.28 9.05 17.14
C GLU D 75 -21.14 10.56 17.31
N ALA D 76 -21.43 11.07 18.52
CA ALA D 76 -21.26 12.50 18.77
C ALA D 76 -19.77 12.87 18.79
N ILE D 77 -18.92 12.00 19.33
CA ILE D 77 -17.49 12.29 19.32
C ILE D 77 -16.99 12.43 17.88
N ALA D 78 -17.36 11.47 17.03
CA ALA D 78 -16.92 11.50 15.65
C ALA D 78 -17.42 12.74 14.94
N GLU D 79 -18.67 13.12 15.18
CA GLU D 79 -19.22 14.31 14.53
C GLU D 79 -18.48 15.57 14.95
N ILE D 80 -18.27 15.76 16.25
CA ILE D 80 -17.56 16.95 16.70
C ILE D 80 -16.12 16.93 16.20
N ALA D 81 -15.47 15.77 16.26
CA ALA D 81 -14.09 15.67 15.79
C ALA D 81 -13.97 16.01 14.32
N SER D 82 -14.98 15.67 13.50
CA SER D 82 -14.93 15.98 12.07
C SER D 82 -14.87 17.47 11.82
N ALA D 83 -15.42 18.26 12.74
CA ALA D 83 -15.42 19.71 12.66
C ALA D 83 -14.18 20.33 13.29
N ASP D 84 -13.77 19.81 14.44
CA ASP D 84 -12.68 20.38 15.21
C ASP D 84 -12.09 19.23 16.03
N ALA D 85 -10.90 18.77 15.65
CA ALA D 85 -10.35 17.58 16.29
C ALA D 85 -10.01 17.82 17.74
N SER D 86 -9.59 19.04 18.09
CA SER D 86 -9.26 19.32 19.48
C SER D 86 -10.50 19.27 20.35
N LEU D 87 -11.60 19.87 19.89
CA LEU D 87 -12.84 19.79 20.66
C LEU D 87 -13.38 18.36 20.67
N GLY D 88 -13.21 17.62 19.57
CA GLY D 88 -13.58 16.22 19.57
C GLY D 88 -12.82 15.43 20.62
N HIS D 89 -11.52 15.66 20.69
CA HIS D 89 -10.70 14.98 21.71
C HIS D 89 -11.10 15.39 23.12
N LEU D 90 -11.24 16.69 23.36
CA LEU D 90 -11.63 17.14 24.70
C LEU D 90 -12.95 16.51 25.14
N PHE D 91 -13.94 16.54 24.25
CA PHE D 91 -15.25 15.95 24.48
C PHE D 91 -15.13 14.44 24.69
N GLY D 92 -14.39 13.78 23.81
CA GLY D 92 -14.23 12.34 23.95
C GLY D 92 -13.47 11.94 25.20
N TYR D 93 -12.39 12.66 25.52
CA TYR D 93 -11.63 12.24 26.70
C TYR D 93 -12.38 12.56 27.99
N HIS D 94 -13.29 13.55 27.97
CA HIS D 94 -14.19 13.74 29.10
C HIS D 94 -14.95 12.45 29.39
N PHE D 95 -15.38 11.74 28.35
CA PHE D 95 -16.08 10.48 28.59
C PHE D 95 -15.13 9.35 29.00
N SER D 96 -13.86 9.40 28.59
CA SER D 96 -12.90 8.44 29.12
C SER D 96 -12.72 8.65 30.62
N ASN D 97 -12.59 9.91 31.03
CA ASN D 97 -12.49 10.23 32.44
C ASN D 97 -13.75 9.81 33.19
N PHE D 98 -14.91 10.14 32.62
CA PHE D 98 -16.17 9.73 33.23
C PHE D 98 -16.25 8.21 33.37
N ALA D 99 -15.83 7.47 32.34
CA ALA D 99 -15.85 6.01 32.39
C ALA D 99 -15.03 5.50 33.55
N TYR D 100 -13.86 6.07 33.75
CA TYR D 100 -13.02 5.63 34.85
C TYR D 100 -13.73 5.84 36.17
N VAL D 101 -14.30 7.03 36.36
CA VAL D 101 -15.04 7.32 37.59
C VAL D 101 -16.17 6.30 37.76
N ASP D 102 -16.91 6.04 36.69
CA ASP D 102 -18.09 5.19 36.82
C ASP D 102 -17.69 3.76 37.18
N LEU D 103 -16.55 3.30 36.66
CA LEU D 103 -16.12 1.92 36.86
C LEU D 103 -15.49 1.68 38.24
N PHE D 104 -15.02 2.73 38.92
CA PHE D 104 -14.33 2.59 40.18
C PHE D 104 -14.97 3.30 41.36
N ALA D 105 -15.77 4.34 41.16
CA ALA D 105 -16.37 5.06 42.28
C ALA D 105 -17.47 4.22 42.92
N SER D 106 -17.74 4.48 44.19
CA SER D 106 -18.82 3.78 44.87
C SER D 106 -20.18 4.36 44.47
N PRO D 107 -21.26 3.60 44.64
CA PRO D 107 -22.59 4.17 44.37
C PRO D 107 -22.85 5.43 45.16
N GLU D 108 -22.36 5.49 46.39
CA GLU D 108 -22.56 6.68 47.21
C GLU D 108 -21.82 7.89 46.64
N GLN D 109 -20.61 7.66 46.13
CA GLN D 109 -19.86 8.76 45.51
C GLN D 109 -20.59 9.24 44.26
N LYS D 110 -21.04 8.32 43.42
CA LYS D 110 -21.68 8.72 42.18
C LYS D 110 -23.02 9.41 42.44
N ALA D 111 -23.72 9.02 43.50
CA ALA D 111 -24.99 9.66 43.83
C ALA D 111 -24.80 11.13 44.17
N ARG D 112 -23.63 11.49 44.69
CA ARG D 112 -23.29 12.88 44.96
C ARG D 112 -22.67 13.54 43.73
N TRP D 113 -21.70 12.87 43.11
CA TRP D 113 -20.94 13.50 42.03
C TRP D 113 -21.79 13.78 40.80
N TYR D 114 -22.64 12.83 40.38
CA TYR D 114 -23.26 12.97 39.07
C TYR D 114 -24.27 14.09 39.06
N PRO D 115 -25.17 14.23 40.05
CA PRO D 115 -26.03 15.43 40.07
C PRO D 115 -25.24 16.71 40.14
N GLN D 116 -24.11 16.69 40.84
CA GLN D 116 -23.26 17.86 40.92
C GLN D 116 -22.67 18.20 39.55
N ALA D 117 -22.21 17.16 38.83
CA ALA D 117 -21.68 17.34 37.47
C ALA D 117 -22.73 17.90 36.53
N VAL D 118 -23.99 17.50 36.72
CA VAL D 118 -25.08 18.04 35.93
C VAL D 118 -25.31 19.51 36.26
N ARG D 119 -25.48 19.81 37.56
CA ARG D 119 -25.87 21.18 37.91
C ARG D 119 -24.73 22.17 37.68
N GLU D 120 -23.48 21.74 37.89
CA GLU D 120 -22.33 22.61 37.71
C GLU D 120 -21.73 22.52 36.29
N ARG D 121 -22.30 21.71 35.41
CA ARG D 121 -21.87 21.59 34.01
C ARG D 121 -20.39 21.22 33.92
N TRP D 122 -20.03 20.14 34.59
CA TRP D 122 -18.64 19.73 34.67
C TRP D 122 -18.12 19.22 33.32
N PHE D 123 -16.92 19.69 32.99
CA PHE D 123 -16.10 19.24 31.86
C PHE D 123 -14.84 18.66 32.49
N LEU D 124 -14.67 17.34 32.40
CA LEU D 124 -13.60 16.66 33.11
C LEU D 124 -12.29 16.70 32.33
N GLY D 125 -11.19 16.94 33.06
CA GLY D 125 -9.85 16.88 32.53
C GLY D 125 -9.06 15.76 33.18
N ASN D 126 -7.83 15.59 32.69
CA ASN D 126 -7.05 14.37 32.95
C ASN D 126 -5.61 14.74 33.30
N ALA D 127 -5.08 14.14 34.38
CA ALA D 127 -3.64 14.27 34.71
C ALA D 127 -3.16 12.89 35.10
N SER D 128 -2.80 12.11 34.08
CA SER D 128 -2.24 10.78 34.14
C SER D 128 -2.76 9.93 32.98
N TRP D 138 6.45 5.67 38.30
CA TRP D 138 5.85 6.96 37.97
C TRP D 138 6.47 8.04 38.83
N ARG D 139 6.51 9.26 38.31
CA ARG D 139 7.07 10.37 39.07
C ARG D 139 6.12 10.82 40.17
N VAL D 140 4.83 10.91 39.85
CA VAL D 140 3.88 11.61 40.72
C VAL D 140 3.45 10.65 41.81
N THR D 141 3.69 11.04 43.06
CA THR D 141 3.54 10.19 44.22
C THR D 141 2.34 10.63 45.06
N ALA D 142 1.78 9.66 45.78
CA ALA D 142 0.71 9.89 46.74
C ALA D 142 1.21 9.44 48.10
N THR D 143 1.42 10.40 49.00
CA THR D 143 1.89 10.09 50.33
C THR D 143 0.71 9.96 51.27
N PRO D 144 0.51 8.83 51.94
CA PRO D 144 -0.67 8.69 52.81
C PRO D 144 -0.51 9.51 54.07
N LEU D 145 -1.59 10.17 54.44
CA LEU D 145 -1.67 10.91 55.69
C LEU D 145 -2.54 10.15 56.67
N PRO D 146 -2.39 10.39 57.98
CA PRO D 146 -3.05 9.53 58.97
C PRO D 146 -4.57 9.41 58.83
N ASP D 147 -5.25 10.46 58.37
CA ASP D 147 -6.71 10.49 58.34
C ASP D 147 -7.29 9.86 57.09
N GLY D 148 -6.50 9.13 56.31
CA GLY D 148 -6.95 8.58 55.05
C GLY D 148 -6.75 9.49 53.87
N SER D 149 -6.32 10.74 54.09
CA SER D 149 -5.99 11.64 52.99
C SER D 149 -4.66 11.25 52.36
N TYR D 150 -4.37 11.87 51.24
CA TYR D 150 -3.08 11.73 50.58
C TYR D 150 -2.59 13.10 50.19
N GLU D 151 -1.27 13.20 50.05
CA GLU D 151 -0.62 14.38 49.49
C GLU D 151 0.02 13.99 48.18
N ILE D 152 -0.31 14.72 47.11
CA ILE D 152 0.21 14.43 45.78
C ILE D 152 1.36 15.38 45.47
N ASN D 153 2.45 14.83 44.91
CA ASN D 153 3.63 15.62 44.53
C ASN D 153 4.20 15.13 43.20
N GLY D 154 4.56 16.07 42.35
CA GLY D 154 5.26 15.75 41.11
C GLY D 154 4.60 16.40 39.93
N THR D 155 5.22 16.20 38.76
CA THR D 155 4.73 16.77 37.51
C THR D 155 4.26 15.68 36.55
N LYS D 156 3.01 15.82 36.11
CA LYS D 156 2.43 14.97 35.07
C LYS D 156 2.71 15.60 33.71
N ALA D 157 3.31 14.83 32.80
CA ALA D 157 3.91 15.40 31.60
C ALA D 157 2.87 15.85 30.60
N PHE D 158 1.96 14.95 30.23
CA PHE D 158 0.87 15.26 29.30
C PHE D 158 -0.44 15.08 30.05
N CYS D 159 -1.34 16.08 29.95
CA CYS D 159 -2.53 16.20 30.82
C CYS D 159 -3.68 16.74 29.97
N SER D 160 -4.29 15.84 29.21
CA SER D 160 -5.35 16.18 28.28
C SER D 160 -6.49 16.93 28.94
N GLY D 161 -6.87 18.07 28.35
CA GLY D 161 -7.98 18.84 28.85
C GLY D 161 -7.78 19.39 30.25
N SER D 162 -6.53 19.65 30.62
CA SER D 162 -6.22 20.09 31.98
C SER D 162 -6.54 21.56 32.23
N ALA D 163 -6.83 22.34 31.21
CA ALA D 163 -7.24 23.73 31.37
C ALA D 163 -8.75 23.84 31.42
N ASP D 164 -9.25 24.77 32.22
CA ASP D 164 -10.69 25.04 32.29
C ASP D 164 -11.47 23.80 32.70
N ALA D 165 -10.85 22.93 33.49
CA ALA D 165 -11.45 21.65 33.87
C ALA D 165 -12.11 21.78 35.23
N ASP D 166 -13.38 21.38 35.33
CA ASP D 166 -14.07 21.47 36.60
C ASP D 166 -13.53 20.46 37.60
N ARG D 167 -13.10 19.30 37.11
CA ARG D 167 -12.40 18.33 37.91
C ARG D 167 -11.29 17.72 37.06
N LEU D 168 -10.21 17.32 37.72
CA LEU D 168 -9.16 16.53 37.12
C LEU D 168 -9.21 15.11 37.67
N LEU D 169 -9.16 14.14 36.77
CA LEU D 169 -8.89 12.76 37.14
C LEU D 169 -7.37 12.59 37.23
N VAL D 170 -6.89 12.36 38.46
CA VAL D 170 -5.46 12.33 38.78
C VAL D 170 -5.10 10.91 39.18
N PHE D 171 -3.96 10.44 38.66
CA PHE D 171 -3.35 9.19 39.07
C PHE D 171 -1.99 9.45 39.70
N ALA D 172 -1.69 8.70 40.76
CA ALA D 172 -0.42 8.81 41.46
C ALA D 172 -0.05 7.43 41.99
N VAL D 173 1.21 7.26 42.37
CA VAL D 173 1.67 6.01 42.97
C VAL D 173 2.03 6.28 44.41
N THR D 174 1.69 5.34 45.29
CA THR D 174 1.90 5.55 46.71
C THR D 174 3.40 5.63 46.99
N SER D 175 3.74 6.44 47.98
CA SER D 175 5.11 6.66 48.40
C SER D 175 5.09 6.88 49.91
N ARG D 176 6.20 6.53 50.56
CA ARG D 176 6.29 6.62 52.02
C ARG D 176 5.10 5.90 52.66
N ASP D 177 4.73 4.78 52.05
CA ASP D 177 3.51 4.06 52.40
C ASP D 177 3.84 2.77 53.13
N PRO D 178 3.54 2.67 54.44
CA PRO D 178 3.87 1.42 55.16
C PRO D 178 3.09 0.23 54.67
N ASN D 179 2.03 0.44 53.88
CA ASN D 179 1.24 -0.65 53.33
C ASN D 179 1.62 -0.98 51.89
N GLY D 180 2.69 -0.38 51.38
CA GLY D 180 3.20 -0.75 50.08
C GLY D 180 3.32 0.42 49.14
N ASP D 181 4.54 0.68 48.67
CA ASP D 181 4.80 1.74 47.71
C ASP D 181 4.52 1.28 46.28
N GLY D 182 4.33 2.24 45.40
CA GLY D 182 4.14 1.97 43.99
C GLY D 182 2.74 1.58 43.59
N ARG D 183 1.78 1.62 44.51
CA ARG D 183 0.41 1.25 44.21
C ARG D 183 -0.35 2.45 43.65
N ILE D 184 -1.09 2.23 42.56
CA ILE D 184 -1.76 3.33 41.87
C ILE D 184 -2.99 3.76 42.64
N VAL D 185 -3.07 5.05 42.94
CA VAL D 185 -4.27 5.67 43.48
C VAL D 185 -4.80 6.60 42.41
N ALA D 186 -6.13 6.74 42.38
CA ALA D 186 -6.79 7.67 41.47
C ALA D 186 -7.78 8.50 42.27
N ALA D 187 -7.95 9.76 41.87
CA ALA D 187 -8.87 10.65 42.56
C ALA D 187 -9.46 11.63 41.56
N LEU D 188 -10.61 12.19 41.93
CA LEU D 188 -11.27 13.22 41.15
C LEU D 188 -11.29 14.48 42.00
N ILE D 189 -10.53 15.50 41.60
CA ILE D 189 -10.29 16.65 42.47
C ILE D 189 -10.51 17.95 41.71
N PRO D 190 -10.83 19.03 42.42
CA PRO D 190 -10.91 20.35 41.77
C PRO D 190 -9.56 20.75 41.19
N SER D 191 -9.61 21.40 40.02
CA SER D 191 -8.36 21.81 39.37
C SER D 191 -7.72 23.02 40.06
N ASP D 192 -8.49 23.77 40.85
CA ASP D 192 -7.96 24.92 41.58
C ASP D 192 -7.66 24.61 43.04
N ARG D 193 -7.61 23.33 43.39
CA ARG D 193 -7.16 22.99 44.73
C ARG D 193 -5.74 23.48 44.94
N ALA D 194 -5.45 23.95 46.16
CA ALA D 194 -4.15 24.51 46.45
C ALA D 194 -3.06 23.50 46.11
N GLY D 195 -2.03 23.98 45.41
CA GLY D 195 -0.92 23.15 45.02
C GLY D 195 -0.97 22.64 43.60
N VAL D 196 -2.10 22.77 42.92
CA VAL D 196 -2.23 22.33 41.53
C VAL D 196 -1.81 23.50 40.63
N GLN D 197 -0.83 23.26 39.77
CA GLN D 197 -0.40 24.26 38.80
C GLN D 197 -0.51 23.66 37.40
N VAL D 198 -1.50 24.13 36.63
CA VAL D 198 -1.60 23.80 35.21
C VAL D 198 -0.61 24.71 34.47
N ASN D 199 0.39 24.11 33.82
CA ASN D 199 1.55 24.88 33.38
C ASN D 199 1.37 25.55 32.02
N GLY D 200 0.39 25.14 31.22
CA GLY D 200 0.12 25.83 29.96
C GLY D 200 1.25 25.77 28.95
N ASP D 201 1.90 24.62 28.83
CA ASP D 201 3.09 24.48 27.99
C ASP D 201 2.83 23.59 26.77
N TRP D 202 1.58 23.51 26.33
CA TRP D 202 1.22 22.68 25.19
C TRP D 202 1.38 23.50 23.91
N ASP D 203 2.26 23.04 23.01
CA ASP D 203 2.55 23.75 21.76
C ASP D 203 2.93 22.69 20.73
N SER D 204 1.93 22.15 20.06
CA SER D 204 2.01 20.87 19.36
C SER D 204 1.80 21.05 17.86
N LEU D 205 2.14 20.00 17.10
CA LEU D 205 1.92 20.02 15.65
C LEU D 205 0.43 20.13 15.34
N GLY D 206 -0.37 19.24 15.92
CA GLY D 206 -1.81 19.23 15.79
C GLY D 206 -2.46 18.99 17.14
N MET D 207 -3.77 18.84 17.19
CA MET D 207 -4.48 18.77 18.46
C MET D 207 -4.13 19.99 19.30
N ARG D 208 -4.04 21.15 18.66
CA ARG D 208 -3.39 22.29 19.26
C ARG D 208 -4.22 22.93 20.37
N GLN D 209 -5.54 22.67 20.44
CA GLN D 209 -6.37 23.26 21.47
C GLN D 209 -6.86 22.24 22.52
N THR D 210 -6.10 21.18 22.75
CA THR D 210 -6.46 20.18 23.76
C THR D 210 -5.81 20.44 25.11
N ASP D 211 -5.00 21.49 25.24
CA ASP D 211 -4.34 21.82 26.50
C ASP D 211 -3.72 20.60 27.16
N SER D 212 -2.94 19.85 26.37
CA SER D 212 -2.36 18.58 26.84
C SER D 212 -0.95 18.75 27.36
N GLY D 213 -0.67 19.85 28.05
CA GLY D 213 0.63 20.09 28.64
C GLY D 213 0.76 19.50 30.03
N SER D 214 1.73 20.05 30.77
CA SER D 214 2.09 19.48 32.06
C SER D 214 1.31 20.14 33.20
N VAL D 215 1.15 19.39 34.29
CA VAL D 215 0.53 19.87 35.52
C VAL D 215 1.44 19.46 36.67
N THR D 216 1.76 20.41 37.54
CA THR D 216 2.64 20.21 38.68
C THR D 216 1.84 20.24 39.96
N PHE D 217 2.02 19.21 40.77
CA PHE D 217 1.35 19.05 42.07
C PHE D 217 2.35 19.33 43.17
N SER D 218 2.06 20.33 44.01
CA SER D 218 2.92 20.67 45.15
C SER D 218 2.09 20.50 46.41
N GLY D 219 2.32 19.39 47.12
CA GLY D 219 1.60 19.14 48.37
C GLY D 219 0.09 19.16 48.27
N VAL D 220 -0.45 18.61 47.19
CA VAL D 220 -1.88 18.69 46.91
C VAL D 220 -2.62 17.66 47.75
N VAL D 221 -3.61 18.11 48.50
CA VAL D 221 -4.37 17.21 49.36
C VAL D 221 -5.47 16.54 48.56
N VAL D 222 -5.63 15.23 48.78
CA VAL D 222 -6.73 14.45 48.25
C VAL D 222 -7.47 13.86 49.45
N TYR D 223 -8.73 14.15 49.55
CA TYR D 223 -9.51 13.67 50.69
C TYR D 223 -10.04 12.28 50.42
N PRO D 224 -10.34 11.52 51.48
CA PRO D 224 -10.82 10.15 51.27
C PRO D 224 -12.02 10.04 50.33
N ASP D 225 -12.98 10.96 50.40
CA ASP D 225 -14.19 10.84 49.58
C ASP D 225 -13.98 11.24 48.13
N GLU D 226 -12.75 11.57 47.74
CA GLU D 226 -12.38 11.85 46.36
C GLU D 226 -11.65 10.71 45.70
N LEU D 227 -11.30 9.68 46.46
CA LEU D 227 -10.53 8.57 45.95
C LEU D 227 -11.42 7.59 45.19
N LEU D 228 -10.86 7.01 44.13
CA LEU D 228 -11.57 6.07 43.28
C LEU D 228 -11.02 4.68 43.59
N GLY D 229 -11.73 3.93 44.43
CA GLY D 229 -11.26 2.61 44.81
C GLY D 229 -10.11 2.69 45.81
N THR D 230 -9.44 1.57 45.96
CA THR D 230 -8.34 1.44 46.89
C THR D 230 -7.01 1.44 46.16
N PRO D 231 -5.90 1.67 46.88
CA PRO D 231 -4.60 1.71 46.19
C PRO D 231 -4.30 0.37 45.52
N GLY D 232 -3.94 0.44 44.25
CA GLY D 232 -3.64 -0.72 43.46
C GLY D 232 -4.85 -1.44 42.89
N GLN D 233 -6.07 -0.98 43.18
CA GLN D 233 -7.25 -1.69 42.70
C GLN D 233 -7.30 -1.71 41.18
N VAL D 234 -6.88 -0.63 40.52
CA VAL D 234 -6.90 -0.63 39.06
C VAL D 234 -5.98 -1.71 38.52
N THR D 235 -4.83 -1.89 39.14
CA THR D 235 -3.90 -2.94 38.72
C THR D 235 -4.52 -4.31 38.93
N ASP D 236 -5.20 -4.51 40.06
CA ASP D 236 -5.86 -5.78 40.31
C ASP D 236 -6.95 -6.05 39.29
N ALA D 237 -7.71 -5.01 38.91
CA ALA D 237 -8.76 -5.17 37.90
C ALA D 237 -8.18 -5.48 36.52
N PHE D 238 -7.10 -4.80 36.12
CA PHE D 238 -6.41 -5.15 34.88
C PHE D 238 -5.95 -6.60 34.90
N ALA D 239 -5.30 -7.00 36.00
CA ALA D 239 -4.74 -8.35 36.07
C ALA D 239 -5.84 -9.41 36.08
N SER D 240 -7.05 -9.04 36.48
CA SER D 240 -8.19 -9.95 36.52
C SER D 240 -9.02 -9.90 35.25
N GLY D 241 -8.81 -8.90 34.41
CA GLY D 241 -9.66 -8.76 33.25
C GLY D 241 -11.11 -8.53 33.59
N SER D 242 -11.38 -7.95 34.75
CA SER D 242 -12.73 -7.71 35.23
C SER D 242 -13.31 -6.42 34.68
N LYS D 243 -14.53 -6.09 35.11
CA LYS D 243 -15.28 -5.03 34.44
C LYS D 243 -14.55 -3.70 34.42
N PRO D 244 -13.86 -3.26 35.48
CA PRO D 244 -13.18 -1.96 35.39
C PRO D 244 -12.12 -1.91 34.31
N SER D 245 -11.60 -3.06 33.90
CA SER D 245 -10.64 -3.09 32.79
C SER D 245 -11.29 -2.80 31.46
N LEU D 246 -12.62 -2.64 31.39
CA LEU D 246 -13.27 -2.11 30.20
C LEU D 246 -12.80 -0.71 29.87
N TRP D 247 -12.21 0.00 30.83
CA TRP D 247 -11.82 1.38 30.61
C TRP D 247 -10.95 1.51 29.35
N THR D 248 -10.06 0.54 29.12
CA THR D 248 -9.13 0.68 27.99
C THR D 248 -9.83 0.47 26.65
N PRO D 249 -10.56 -0.62 26.41
CA PRO D 249 -11.28 -0.68 25.12
C PRO D 249 -12.22 0.49 24.90
N ILE D 250 -12.91 0.93 25.94
CA ILE D 250 -13.79 2.10 25.82
C ILE D 250 -13.01 3.29 25.30
N THR D 251 -11.85 3.55 25.91
CA THR D 251 -11.05 4.72 25.60
C THR D 251 -10.36 4.58 24.25
N GLN D 252 -9.88 3.39 23.93
CA GLN D 252 -9.26 3.17 22.62
C GLN D 252 -10.29 3.26 21.51
N LEU D 253 -11.55 2.96 21.82
CA LEU D 253 -12.59 3.17 20.80
C LEU D 253 -12.98 4.64 20.68
N ILE D 254 -12.85 5.41 21.77
CA ILE D 254 -12.98 6.86 21.65
C ILE D 254 -11.94 7.38 20.65
N PHE D 255 -10.68 6.98 20.82
CA PHE D 255 -9.65 7.39 19.87
C PHE D 255 -10.02 6.99 18.45
N THR D 256 -10.50 5.76 18.26
CA THR D 256 -10.92 5.30 16.95
C THR D 256 -11.93 6.25 16.33
N HIS D 257 -12.88 6.72 17.13
CA HIS D 257 -13.90 7.59 16.58
C HIS D 257 -13.35 8.99 16.27
N LEU D 258 -12.33 9.42 17.01
CA LEU D 258 -11.64 10.66 16.63
C LEU D 258 -11.03 10.52 15.24
N TYR D 259 -10.39 9.38 14.98
CA TYR D 259 -9.73 9.20 13.69
C TYR D 259 -10.73 9.06 12.55
N LEU D 260 -11.84 8.35 12.78
CA LEU D 260 -12.88 8.26 11.76
C LEU D 260 -13.54 9.63 11.52
N GLY D 261 -13.74 10.40 12.59
CA GLY D 261 -14.30 11.72 12.44
C GLY D 261 -13.40 12.65 11.65
N ILE D 262 -12.11 12.67 12.00
CA ILE D 262 -11.14 13.46 11.22
C ILE D 262 -11.13 13.01 9.77
N ALA D 263 -11.14 11.69 9.54
CA ALA D 263 -11.16 11.17 8.18
C ALA D 263 -12.36 11.69 7.40
N ARG D 264 -13.55 11.61 8.00
CA ARG D 264 -14.75 12.06 7.29
C ARG D 264 -14.73 13.56 7.07
N GLY D 265 -14.30 14.33 8.08
CA GLY D 265 -14.22 15.77 7.89
C GLY D 265 -13.26 16.17 6.78
N ALA D 266 -12.11 15.51 6.72
CA ALA D 266 -11.13 15.81 5.68
C ALA D 266 -11.68 15.45 4.32
N LEU D 267 -12.36 14.30 4.21
CA LEU D 267 -12.93 13.91 2.94
C LEU D 267 -13.98 14.91 2.46
N GLU D 268 -14.86 15.36 3.37
CA GLU D 268 -15.88 16.32 3.00
C GLU D 268 -15.28 17.68 2.62
N GLU D 269 -14.32 18.15 3.40
CA GLU D 269 -13.68 19.43 3.07
C GLU D 269 -12.96 19.35 1.74
N ALA D 270 -12.24 18.26 1.49
CA ALA D 270 -11.58 18.11 0.19
C ALA D 270 -12.60 18.11 -0.94
N ALA D 271 -13.71 17.38 -0.78
CA ALA D 271 -14.68 17.28 -1.86
C ALA D 271 -15.28 18.65 -2.17
N HIS D 272 -15.52 19.46 -1.15
CA HIS D 272 -16.03 20.81 -1.38
C HIS D 272 -15.03 21.63 -2.19
N TYR D 273 -13.75 21.50 -1.87
CA TYR D 273 -12.72 22.18 -2.67
C TYR D 273 -12.69 21.65 -4.10
N SER D 274 -12.76 20.33 -4.27
CA SER D 274 -12.72 19.77 -5.62
C SER D 274 -13.89 20.27 -6.45
N ARG D 275 -15.08 20.36 -5.83
CA ARG D 275 -16.26 20.83 -6.53
C ARG D 275 -16.17 22.31 -6.85
N SER D 276 -15.54 23.10 -5.98
CA SER D 276 -15.65 24.54 -6.13
C SER D 276 -14.39 25.22 -6.66
N HIS D 277 -13.22 24.60 -6.54
CA HIS D 277 -11.97 25.31 -6.84
C HIS D 277 -11.03 24.56 -7.76
N SER D 278 -11.04 23.22 -7.72
CA SER D 278 -10.10 22.46 -8.54
C SER D 278 -10.31 22.74 -10.02
N ARG D 279 -9.21 22.81 -10.74
CA ARG D 279 -9.25 22.99 -12.18
C ARG D 279 -9.00 21.65 -12.88
N PRO D 280 -9.63 21.41 -14.03
CA PRO D 280 -9.37 20.18 -14.76
C PRO D 280 -7.99 20.20 -15.36
N PHE D 281 -7.43 19.01 -15.56
CA PHE D 281 -6.11 18.88 -16.18
C PHE D 281 -6.26 18.45 -17.63
N GLY D 285 -7.36 15.94 -21.34
CA GLY D 285 -8.62 16.20 -22.01
C GLY D 285 -9.83 16.10 -21.08
N VAL D 286 -9.65 16.60 -19.87
CA VAL D 286 -10.69 16.62 -18.86
C VAL D 286 -11.40 17.97 -18.91
N GLU D 287 -12.73 17.95 -18.87
CA GLU D 287 -13.52 19.18 -18.87
C GLU D 287 -13.83 19.68 -17.46
N LYS D 288 -14.03 18.77 -16.50
CA LYS D 288 -14.33 19.14 -15.13
C LYS D 288 -13.53 18.25 -14.19
N ALA D 289 -12.96 18.85 -13.14
CA ALA D 289 -12.14 18.06 -12.22
C ALA D 289 -12.97 17.00 -11.52
N THR D 290 -14.26 17.28 -11.30
CA THR D 290 -15.14 16.32 -10.64
C THR D 290 -15.48 15.13 -11.53
N GLU D 291 -15.10 15.15 -12.80
CA GLU D 291 -15.23 14.01 -13.69
C GLU D 291 -13.89 13.35 -14.00
N ASP D 292 -12.81 13.82 -13.41
CA ASP D 292 -11.51 13.24 -13.68
C ASP D 292 -11.48 11.82 -13.12
N PRO D 293 -11.07 10.81 -13.90
CA PRO D 293 -11.14 9.44 -13.40
C PRO D 293 -10.25 9.20 -12.20
N TYR D 294 -9.12 9.90 -12.11
CA TYR D 294 -8.21 9.65 -10.99
C TYR D 294 -8.64 10.41 -9.73
N VAL D 295 -9.23 11.58 -9.90
CA VAL D 295 -9.87 12.27 -8.78
C VAL D 295 -10.97 11.40 -8.20
N LEU D 296 -11.85 10.88 -9.06
CA LEU D 296 -12.94 10.04 -8.60
C LEU D 296 -12.41 8.79 -7.90
N ALA D 297 -11.31 8.21 -8.40
CA ALA D 297 -10.74 7.01 -7.77
C ALA D 297 -10.26 7.29 -6.35
N ILE D 298 -9.63 8.44 -6.12
CA ILE D 298 -9.17 8.78 -4.78
C ILE D 298 -10.35 8.88 -3.82
N TYR D 299 -11.38 9.64 -4.21
CA TYR D 299 -12.54 9.76 -3.33
C TYR D 299 -13.21 8.41 -3.11
N GLY D 300 -13.32 7.62 -4.18
CA GLY D 300 -13.99 6.33 -4.07
C GLY D 300 -13.26 5.39 -3.15
N GLU D 301 -11.93 5.28 -3.30
CA GLU D 301 -11.16 4.38 -2.46
C GLU D 301 -11.27 4.76 -0.98
N PHE D 302 -11.08 6.03 -0.67
CA PHE D 302 -11.09 6.44 0.73
C PHE D 302 -12.51 6.45 1.29
N ALA D 303 -13.49 6.89 0.51
CA ALA D 303 -14.86 6.86 0.99
C ALA D 303 -15.32 5.43 1.26
N ALA D 304 -14.89 4.49 0.41
CA ALA D 304 -15.28 3.09 0.60
C ALA D 304 -14.70 2.54 1.91
N GLN D 305 -13.41 2.75 2.14
CA GLN D 305 -12.81 2.29 3.37
C GLN D 305 -13.47 2.94 4.57
N LEU D 306 -13.83 4.23 4.46
CA LEU D 306 -14.51 4.91 5.54
C LEU D 306 -15.87 4.29 5.85
N GLN D 307 -16.65 3.97 4.82
CA GLN D 307 -17.97 3.39 5.06
C GLN D 307 -17.85 2.08 5.83
N VAL D 308 -16.90 1.23 5.42
CA VAL D 308 -16.75 -0.07 6.06
C VAL D 308 -16.26 0.11 7.48
N ALA D 309 -15.28 1.00 7.70
CA ALA D 309 -14.78 1.23 9.04
C ALA D 309 -15.87 1.79 9.95
N GLU D 310 -16.64 2.76 9.46
CA GLU D 310 -17.72 3.32 10.28
C GLU D 310 -18.76 2.27 10.61
N ALA D 311 -19.11 1.43 9.64
CA ALA D 311 -20.10 0.38 9.90
C ALA D 311 -19.59 -0.62 10.91
N GLY D 312 -18.33 -1.04 10.77
CA GLY D 312 -17.76 -1.94 11.76
C GLY D 312 -17.66 -1.31 13.14
N ALA D 313 -17.38 -0.01 13.20
CA ALA D 313 -17.23 0.64 14.50
C ALA D 313 -18.56 0.69 15.25
N ARG D 314 -19.67 0.83 14.52
CA ARG D 314 -20.98 0.86 15.16
C ARG D 314 -21.25 -0.45 15.89
N GLU D 315 -20.85 -1.58 15.31
CA GLU D 315 -21.06 -2.86 15.97
C GLU D 315 -20.27 -2.96 17.25
N VAL D 316 -19.00 -2.50 17.24
CA VAL D 316 -18.20 -2.54 18.44
C VAL D 316 -18.76 -1.63 19.52
N ALA D 317 -19.28 -0.45 19.12
CA ALA D 317 -19.85 0.46 20.10
C ALA D 317 -21.06 -0.17 20.80
N LEU D 318 -21.86 -0.94 20.05
CA LEU D 318 -22.98 -1.64 20.66
C LEU D 318 -22.50 -2.66 21.68
N ARG D 319 -21.40 -3.34 21.39
CA ARG D 319 -20.84 -4.30 22.34
C ARG D 319 -20.30 -3.60 23.58
N VAL D 320 -19.70 -2.42 23.42
CA VAL D 320 -19.30 -1.63 24.58
C VAL D 320 -20.50 -1.41 25.49
N GLN D 321 -21.61 -0.95 24.93
CA GLN D 321 -22.81 -0.67 25.72
C GLN D 321 -23.31 -1.94 26.41
N GLU D 322 -23.31 -3.06 25.69
CA GLU D 322 -23.77 -4.32 26.28
C GLU D 322 -22.95 -4.68 27.52
N LEU D 323 -21.61 -4.61 27.43
CA LEU D 323 -20.81 -4.99 28.58
C LEU D 323 -20.85 -3.90 29.65
N TRP D 324 -21.04 -2.64 29.24
CA TRP D 324 -21.13 -1.55 30.20
C TRP D 324 -22.31 -1.77 31.15
N GLU D 325 -23.38 -2.39 30.66
CA GLU D 325 -24.57 -2.63 31.47
C GLU D 325 -24.49 -3.88 32.33
N ARG D 326 -23.51 -4.74 32.11
CA ARG D 326 -23.38 -5.97 32.90
C ARG D 326 -22.83 -5.66 34.29
N ASN D 327 -23.26 -6.44 35.28
CA ASN D 327 -22.66 -6.35 36.62
C ASN D 327 -21.27 -6.96 36.67
N HIS D 328 -21.02 -7.96 35.84
CA HIS D 328 -19.73 -8.64 35.82
C HIS D 328 -19.32 -8.90 34.38
N VAL D 329 -18.01 -8.83 34.15
CA VAL D 329 -17.43 -9.04 32.83
C VAL D 329 -16.27 -10.01 32.96
N THR D 330 -16.24 -11.02 32.11
CA THR D 330 -15.16 -11.97 32.18
C THR D 330 -13.97 -11.47 31.38
N PRO D 331 -12.77 -11.98 31.66
CA PRO D 331 -11.62 -11.63 30.83
C PRO D 331 -11.80 -12.02 29.37
N GLU D 332 -12.58 -13.06 29.08
CA GLU D 332 -12.80 -13.43 27.69
C GLU D 332 -13.66 -12.40 26.98
N GLN D 333 -14.70 -11.91 27.66
CA GLN D 333 -15.53 -10.86 27.08
C GLN D 333 -14.72 -9.58 26.89
N ARG D 334 -13.93 -9.21 27.89
CA ARG D 334 -13.11 -8.00 27.79
C ARG D 334 -12.05 -8.15 26.71
N GLY D 335 -11.37 -9.29 26.65
CA GLY D 335 -10.34 -9.48 25.65
C GLY D 335 -10.88 -9.50 24.23
N GLN D 336 -12.02 -10.16 24.02
CA GLN D 336 -12.63 -10.16 22.69
C GLN D 336 -12.97 -8.74 22.27
N LEU D 337 -13.53 -7.97 23.19
CA LEU D 337 -13.84 -6.57 22.89
C LEU D 337 -12.57 -5.78 22.60
N MET D 338 -11.53 -5.94 23.42
CA MET D 338 -10.28 -5.20 23.17
C MET D 338 -9.71 -5.54 21.79
N VAL D 339 -9.79 -6.82 21.40
CA VAL D 339 -9.31 -7.20 20.06
C VAL D 339 -10.10 -6.50 18.98
N GLN D 340 -11.44 -6.45 19.14
CA GLN D 340 -12.27 -5.76 18.15
C GLN D 340 -11.95 -4.28 18.11
N VAL D 341 -11.74 -3.67 19.27
CA VAL D 341 -11.44 -2.24 19.33
C VAL D 341 -10.07 -1.96 18.70
N ALA D 342 -9.08 -2.78 19.05
CA ALA D 342 -7.75 -2.61 18.46
C ALA D 342 -7.80 -2.72 16.95
N SER D 343 -8.55 -3.69 16.41
CA SER D 343 -8.69 -3.82 14.96
C SER D 343 -9.30 -2.56 14.35
N ALA D 344 -10.40 -2.06 14.96
CA ALA D 344 -10.97 -0.80 14.49
C ALA D 344 -9.96 0.34 14.54
N LYS D 345 -9.17 0.41 15.61
CA LYS D 345 -8.22 1.52 15.73
C LYS D 345 -7.13 1.43 14.66
N ILE D 346 -6.65 0.21 14.38
CA ILE D 346 -5.62 0.01 13.36
C ILE D 346 -6.13 0.49 12.00
N VAL D 347 -7.31 0.03 11.60
CA VAL D 347 -7.86 0.41 10.31
C VAL D 347 -8.09 1.91 10.24
N ALA D 348 -8.65 2.50 11.30
CA ALA D 348 -8.92 3.94 11.29
C ALA D 348 -7.63 4.74 11.25
N THR D 349 -6.60 4.27 11.93
CA THR D 349 -5.31 4.95 11.94
C THR D 349 -4.72 4.98 10.54
N ARG D 350 -4.63 3.81 9.89
CA ARG D 350 -4.07 3.78 8.56
C ARG D 350 -4.88 4.64 7.60
N LEU D 351 -6.21 4.57 7.72
CA LEU D 351 -7.08 5.34 6.84
C LEU D 351 -6.87 6.83 7.00
N VAL D 352 -6.95 7.35 8.23
CA VAL D 352 -6.90 8.80 8.41
C VAL D 352 -5.52 9.34 8.02
N ILE D 353 -4.44 8.58 8.30
CA ILE D 353 -3.10 9.08 7.98
C ILE D 353 -2.88 9.12 6.47
N GLU D 354 -3.35 8.11 5.73
CA GLU D 354 -3.23 8.11 4.27
C GLU D 354 -4.08 9.21 3.64
N LEU D 355 -5.35 9.26 4.03
CA LEU D 355 -6.33 10.14 3.41
C LEU D 355 -5.97 11.61 3.59
N THR D 356 -5.57 12.00 4.81
CA THR D 356 -5.33 13.41 5.06
C THR D 356 -4.14 13.95 4.27
N SER D 357 -3.22 13.08 3.86
CA SER D 357 -2.11 13.45 3.02
C SER D 357 -2.44 13.32 1.53
N ARG D 358 -3.01 12.18 1.12
CA ARG D 358 -3.20 11.93 -0.30
C ARG D 358 -4.32 12.73 -0.94
N LEU D 359 -5.28 13.23 -0.14
CA LEU D 359 -6.39 13.96 -0.76
C LEU D 359 -5.92 15.23 -1.48
N TYR D 360 -4.74 15.75 -1.15
CA TYR D 360 -4.19 16.86 -1.93
C TYR D 360 -4.09 16.49 -3.40
N GLU D 361 -3.83 15.22 -3.71
CA GLU D 361 -3.70 14.81 -5.10
C GLU D 361 -5.02 14.90 -5.85
N ALA D 362 -6.13 14.89 -5.14
CA ALA D 362 -7.44 15.12 -5.75
C ALA D 362 -7.80 16.59 -5.81
N MET D 363 -7.11 17.45 -5.06
CA MET D 363 -7.44 18.86 -5.05
C MET D 363 -6.56 19.68 -5.98
N GLY D 364 -5.27 19.40 -6.04
CA GLY D 364 -4.37 20.12 -6.92
C GLY D 364 -3.44 21.06 -6.16
N ALA D 365 -2.52 21.66 -6.92
CA ALA D 365 -1.43 22.44 -6.34
C ALA D 365 -1.93 23.63 -5.53
N ARG D 366 -3.00 24.28 -5.99
CA ARG D 366 -3.46 25.49 -5.32
C ARG D 366 -3.94 25.22 -3.90
N ALA D 367 -4.33 23.98 -3.60
CA ALA D 367 -4.75 23.65 -2.25
C ALA D 367 -3.61 23.74 -1.26
N ALA D 368 -2.37 23.50 -1.70
CA ALA D 368 -1.19 23.66 -0.87
C ALA D 368 -0.50 25.00 -1.07
N ALA D 369 -0.73 25.66 -2.21
CA ALA D 369 -0.03 26.91 -2.46
C ALA D 369 -0.58 28.01 -1.58
N SER D 370 -1.84 27.90 -1.18
CA SER D 370 -2.49 28.87 -0.31
C SER D 370 -2.54 28.30 1.09
N ARG D 371 -1.59 28.70 1.93
CA ARG D 371 -1.56 28.22 3.30
C ARG D 371 -2.90 28.46 3.99
N GLN D 372 -3.57 29.56 3.66
CA GLN D 372 -4.77 29.98 4.38
C GLN D 372 -5.92 28.98 4.24
N PHE D 373 -5.90 28.15 3.19
CA PHE D 373 -6.94 27.14 3.06
C PHE D 373 -6.95 26.22 4.27
N GLY D 374 -5.76 25.92 4.81
CA GLY D 374 -5.65 25.27 6.09
C GLY D 374 -6.00 23.79 6.12
N PHE D 375 -6.02 23.12 4.97
CA PHE D 375 -6.40 21.72 4.93
C PHE D 375 -5.42 20.83 5.68
N ASP D 376 -4.17 21.26 5.84
CA ASP D 376 -3.15 20.46 6.50
C ASP D 376 -3.49 20.23 7.97
N ARG D 377 -4.43 20.98 8.51
CA ARG D 377 -4.88 20.77 9.89
C ARG D 377 -5.32 19.32 10.11
N PHE D 378 -6.00 18.73 9.12
CA PHE D 378 -6.50 17.37 9.31
C PHE D 378 -5.32 16.40 9.49
N TRP D 379 -4.32 16.49 8.62
CA TRP D 379 -3.15 15.63 8.77
C TRP D 379 -2.41 15.93 10.08
N ARG D 380 -2.21 17.20 10.40
CA ARG D 380 -1.50 17.53 11.63
C ARG D 380 -2.22 16.97 12.85
N ASP D 381 -3.54 17.10 12.88
CA ASP D 381 -4.32 16.59 14.00
C ASP D 381 -4.23 15.08 14.09
N ALA D 382 -4.47 14.40 12.96
CA ALA D 382 -4.40 12.94 12.95
C ALA D 382 -2.98 12.45 13.21
N ARG D 383 -1.99 13.07 12.56
CA ARG D 383 -0.62 12.63 12.74
C ARG D 383 -0.21 12.71 14.20
N THR D 384 -0.66 13.75 14.91
CA THR D 384 -0.31 13.93 16.32
C THR D 384 -0.99 12.88 17.18
N HIS D 385 -2.30 12.73 17.03
CA HIS D 385 -3.04 11.94 18.00
C HIS D 385 -2.80 10.44 17.82
N THR D 386 -2.64 9.98 16.56
CA THR D 386 -2.42 8.57 16.30
C THR D 386 -1.14 8.03 16.92
N LEU D 387 -0.26 8.88 17.41
CA LEU D 387 0.96 8.42 18.08
C LEU D 387 0.76 8.19 19.57
N HIS D 388 -0.45 8.38 20.08
CA HIS D 388 -0.70 8.26 21.53
C HIS D 388 -0.09 6.96 22.08
N ASP D 389 -0.35 5.85 21.41
CA ASP D 389 0.31 4.61 21.68
C ASP D 389 0.56 3.97 20.33
N PRO D 390 1.61 3.16 20.20
CA PRO D 390 2.08 2.75 18.86
C PRO D 390 1.17 1.73 18.20
N VAL D 391 0.73 2.05 16.98
CA VAL D 391 -0.17 1.16 16.25
C VAL D 391 0.52 -0.16 15.94
N ALA D 392 1.86 -0.15 15.86
CA ALA D 392 2.60 -1.40 15.67
C ALA D 392 2.26 -2.43 16.74
N TYR D 393 2.06 -1.99 17.97
CA TYR D 393 1.78 -2.93 19.05
C TYR D 393 0.30 -3.25 19.17
N LYS D 394 -0.60 -2.39 18.66
CA LYS D 394 -1.99 -2.83 18.47
C LYS D 394 -2.03 -3.95 17.42
N ILE D 395 -1.22 -3.83 16.38
CA ILE D 395 -1.14 -4.87 15.35
C ILE D 395 -0.59 -6.16 15.95
N ARG D 396 0.49 -6.05 16.73
CA ARG D 396 1.03 -7.24 17.38
C ARG D 396 0.02 -7.89 18.29
N GLU D 397 -0.75 -7.08 19.03
CA GLU D 397 -1.77 -7.61 19.93
C GLU D 397 -2.84 -8.39 19.17
N VAL D 398 -3.32 -7.85 18.05
CA VAL D 398 -4.32 -8.58 17.27
C VAL D 398 -3.71 -9.85 16.69
N GLY D 399 -2.46 -9.78 16.24
CA GLY D 399 -1.79 -10.95 15.71
C GLY D 399 -1.56 -12.02 16.76
N ASN D 400 -1.14 -11.61 17.95
CA ASN D 400 -0.93 -12.57 19.03
C ASN D 400 -2.25 -13.24 19.44
N TRP D 401 -3.35 -12.50 19.39
CA TRP D 401 -4.65 -13.13 19.60
C TRP D 401 -4.99 -14.10 18.48
N PHE D 402 -4.88 -13.66 17.22
CA PHE D 402 -5.34 -14.50 16.13
C PHE D 402 -4.47 -15.75 15.99
N LEU D 403 -3.17 -15.59 16.16
CA LEU D 403 -2.26 -16.70 15.92
C LEU D 403 -2.10 -17.58 17.16
N ASN D 404 -1.96 -16.97 18.33
CA ASN D 404 -1.67 -17.72 19.54
C ASN D 404 -2.82 -17.77 20.54
N HIS D 405 -3.99 -17.22 20.21
CA HIS D 405 -5.14 -17.25 21.11
C HIS D 405 -4.87 -16.57 22.45
N ARG D 406 -4.02 -15.55 22.44
CA ARG D 406 -3.70 -14.79 23.65
C ARG D 406 -4.37 -13.43 23.54
N PHE D 407 -5.21 -13.11 24.53
CA PHE D 407 -5.80 -11.79 24.59
C PHE D 407 -4.75 -10.78 25.03
N PRO D 408 -4.94 -9.50 24.69
CA PRO D 408 -3.98 -8.49 25.13
C PRO D 408 -3.92 -8.44 26.64
N THR D 409 -2.73 -8.19 27.17
CA THR D 409 -2.58 -7.99 28.60
C THR D 409 -3.20 -6.65 28.97
N PRO D 410 -4.24 -6.62 29.80
CA PRO D 410 -4.88 -5.34 30.11
C PRO D 410 -3.90 -4.38 30.78
N SER D 411 -3.97 -3.12 30.37
CA SER D 411 -3.12 -2.04 30.85
C SER D 411 -3.82 -0.73 30.51
N PHE D 412 -3.14 0.39 30.75
CA PHE D 412 -3.73 1.66 30.32
C PHE D 412 -3.68 1.86 28.81
N TYR D 413 -3.02 0.96 28.06
CA TYR D 413 -2.93 1.04 26.62
C TYR D 413 -3.46 -0.17 25.87
N SER D 414 -3.73 -1.28 26.55
CA SER D 414 -4.16 -2.49 25.89
C SER D 414 -5.13 -3.28 26.76
#